data_8JSY
#
_entry.id   8JSY
#
_cell.length_a   85.242
_cell.length_b   137.357
_cell.length_c   236.873
_cell.angle_alpha   90.000
_cell.angle_beta   90.000
_cell.angle_gamma   90.000
#
_symmetry.space_group_name_H-M   'P 2 21 21'
#
loop_
_entity.id
_entity.type
_entity.pdbx_description
1 polymer 'Dihydrofolate reductase family protein'
2 non-polymer 'PENTAETHYLENE GLYCOL'
3 non-polymer 'NADP NICOTINAMIDE-ADENINE-DINUCLEOTIDE PHOSPHATE'
4 non-polymer 'SULFATE ION'
5 non-polymer 'ACETATE ION'
6 water water
#
_entity_poly.entity_id   1
_entity_poly.type   'polypeptide(L)'
_entity_poly.pdbx_seq_one_letter_code
;MRKITVLSFITLDGVMQAPGGPEEDTSGGFKYGGWTAPYEDEVSGKIMEKQMKPADYLLGRKTFEIFASYWPEHADFWPG
INDGTKYVMSKTVKKSDWKNSVFLESLADIKKLKNSEGSDIQVWGSGELIQLLFKNDLVDELWLKIFPVTLNTGKRLFGD
GTIPAAFTLIESSVTPSGVIIANYKRAGEVKTGTVGAHHHHHH
;
_entity_poly.pdbx_strand_id   A,B,C,D,E,F,G,H,I,J
#
loop_
_chem_comp.id
_chem_comp.type
_chem_comp.name
_chem_comp.formula
1PE non-polymer 'PENTAETHYLENE GLYCOL' 'C10 H22 O6'
ACT non-polymer 'ACETATE ION' 'C2 H3 O2 -1'
NAP non-polymer 'NADP NICOTINAMIDE-ADENINE-DINUCLEOTIDE PHOSPHATE' 'C21 H28 N7 O17 P3'
SO4 non-polymer 'SULFATE ION' 'O4 S -2'
#
# COMPACT_ATOMS: atom_id res chain seq x y z
N MET A 1 79.60 -17.09 -38.72
CA MET A 1 78.41 -17.72 -38.14
C MET A 1 77.74 -18.72 -39.10
N ARG A 2 77.46 -19.90 -38.57
CA ARG A 2 76.75 -20.96 -39.28
C ARG A 2 75.27 -20.90 -38.97
N LYS A 3 74.46 -21.34 -39.93
CA LYS A 3 73.01 -21.44 -39.77
C LYS A 3 72.63 -22.77 -39.10
N ILE A 4 71.72 -22.71 -38.14
CA ILE A 4 71.21 -23.90 -37.42
C ILE A 4 69.75 -24.08 -37.77
N THR A 5 69.43 -25.23 -38.37
CA THR A 5 68.08 -25.62 -38.73
C THR A 5 67.64 -26.81 -37.89
N VAL A 6 66.51 -26.69 -37.22
CA VAL A 6 65.92 -27.82 -36.52
C VAL A 6 64.91 -28.47 -37.45
N LEU A 7 65.09 -29.76 -37.72
CA LEU A 7 64.19 -30.55 -38.54
C LEU A 7 63.42 -31.50 -37.63
N SER A 8 62.10 -31.52 -37.74
CA SER A 8 61.33 -32.27 -36.76
C SER A 8 60.04 -32.84 -37.36
N PHE A 9 59.71 -34.05 -36.94
CA PHE A 9 58.40 -34.65 -37.18
C PHE A 9 57.55 -34.41 -35.94
N ILE A 10 56.34 -33.87 -36.10
CA ILE A 10 55.50 -33.64 -34.94
C ILE A 10 54.05 -34.01 -35.23
N THR A 11 53.38 -34.42 -34.16
CA THR A 11 51.95 -34.61 -34.18
C THR A 11 51.27 -33.25 -34.26
N LEU A 12 49.94 -33.26 -34.44
CA LEU A 12 49.20 -32.01 -34.39
C LEU A 12 49.38 -31.30 -33.07
N ASP A 13 49.47 -32.05 -31.97
CA ASP A 13 49.66 -31.44 -30.67
C ASP A 13 51.12 -31.44 -30.23
N GLY A 14 52.05 -31.33 -31.18
CA GLY A 14 53.45 -31.07 -30.90
C GLY A 14 54.26 -32.18 -30.23
N VAL A 15 53.89 -33.43 -30.39
CA VAL A 15 54.65 -34.55 -29.84
C VAL A 15 55.64 -35.05 -30.88
N MET A 16 56.86 -35.38 -30.43
CA MET A 16 57.89 -35.83 -31.36
C MET A 16 58.62 -37.10 -30.92
N GLN A 17 58.25 -37.68 -29.78
CA GLN A 17 58.92 -38.88 -29.28
C GLN A 17 58.65 -40.07 -30.18
N ALA A 18 59.74 -40.73 -30.61
CA ALA A 18 59.69 -42.02 -31.27
C ALA A 18 58.86 -42.02 -32.56
N PRO A 19 59.19 -41.19 -33.55
CA PRO A 19 58.46 -41.26 -34.82
C PRO A 19 58.60 -42.59 -35.54
N GLY A 20 59.82 -43.16 -35.58
CA GLY A 20 60.17 -44.18 -36.55
C GLY A 20 59.91 -45.62 -36.21
N GLY A 21 59.58 -45.95 -34.96
CA GLY A 21 59.30 -47.32 -34.60
C GLY A 21 58.89 -47.51 -33.15
N PRO A 22 58.23 -48.63 -32.88
CA PRO A 22 57.64 -48.87 -31.55
C PRO A 22 58.64 -48.86 -30.39
N GLU A 23 59.91 -49.13 -30.61
CA GLU A 23 60.85 -49.12 -29.48
C GLU A 23 61.86 -47.98 -29.60
N GLU A 24 61.65 -47.05 -30.52
CA GLU A 24 62.63 -45.95 -30.70
C GLU A 24 62.84 -45.21 -29.38
N ASP A 25 61.75 -44.93 -28.64
CA ASP A 25 61.87 -44.30 -27.30
C ASP A 25 60.73 -44.79 -26.42
N THR A 26 61.06 -45.56 -25.40
CA THR A 26 60.02 -46.18 -24.52
C THR A 26 59.87 -45.35 -23.25
N SER A 27 60.37 -44.12 -23.26
CA SER A 27 60.32 -43.25 -22.06
C SER A 27 58.87 -43.08 -21.59
N GLY A 28 58.62 -43.28 -20.30
CA GLY A 28 57.27 -43.15 -19.77
C GLY A 28 56.32 -44.27 -20.14
N GLY A 29 56.80 -45.32 -20.80
CA GLY A 29 55.90 -46.34 -21.31
C GLY A 29 55.15 -45.91 -22.55
N PHE A 30 55.64 -44.89 -23.24
CA PHE A 30 55.10 -44.41 -24.50
C PHE A 30 54.66 -45.56 -25.38
N LYS A 31 53.40 -45.55 -25.80
CA LYS A 31 52.80 -46.68 -26.49
C LYS A 31 52.66 -46.48 -28.00
N TYR A 32 53.06 -45.34 -28.55
CA TYR A 32 52.78 -45.06 -29.95
C TYR A 32 54.05 -44.86 -30.77
N GLY A 33 55.15 -45.51 -30.38
CA GLY A 33 56.32 -45.50 -31.23
C GLY A 33 55.97 -46.01 -32.62
N GLY A 34 56.40 -45.29 -33.65
CA GLY A 34 56.05 -45.61 -35.02
C GLY A 34 54.92 -44.80 -35.64
N TRP A 35 54.40 -43.78 -34.95
CA TRP A 35 53.22 -43.05 -35.44
C TRP A 35 53.46 -42.38 -36.80
N THR A 36 54.71 -42.15 -37.18
CA THR A 36 55.01 -41.58 -38.48
C THR A 36 54.93 -42.60 -39.62
N ALA A 37 54.80 -43.90 -39.28
CA ALA A 37 54.91 -44.93 -40.32
C ALA A 37 53.76 -44.93 -41.32
N PRO A 38 52.46 -44.99 -40.92
CA PRO A 38 51.39 -45.03 -41.93
C PRO A 38 51.36 -43.88 -42.93
N TYR A 39 52.21 -42.86 -42.81
CA TYR A 39 52.08 -41.65 -43.61
C TYR A 39 53.21 -41.47 -44.61
N GLU A 40 53.89 -42.55 -44.99
CA GLU A 40 55.04 -42.47 -45.89
C GLU A 40 54.63 -42.87 -47.31
N ASP A 41 54.85 -41.96 -48.26
CA ASP A 41 54.67 -42.20 -49.68
C ASP A 41 55.98 -41.84 -50.39
N GLU A 42 55.95 -41.80 -51.72
CA GLU A 42 57.19 -41.58 -52.47
C GLU A 42 57.48 -40.09 -52.70
N VAL A 43 56.45 -39.24 -52.76
CA VAL A 43 56.74 -37.82 -52.85
C VAL A 43 57.31 -37.30 -51.52
N SER A 44 56.88 -37.87 -50.39
CA SER A 44 57.52 -37.57 -49.11
C SER A 44 58.98 -38.02 -49.12
N GLY A 45 59.24 -39.19 -49.70
CA GLY A 45 60.61 -39.67 -49.83
C GLY A 45 61.49 -38.73 -50.61
N LYS A 46 60.97 -38.18 -51.72
CA LYS A 46 61.75 -37.20 -52.48
C LYS A 46 61.90 -35.89 -51.71
N ILE A 47 60.82 -35.42 -51.06
CA ILE A 47 60.85 -34.15 -50.33
C ILE A 47 61.98 -34.14 -49.31
N MET A 48 62.11 -35.23 -48.54
CA MET A 48 63.21 -35.25 -47.59
C MET A 48 64.38 -36.14 -48.01
N GLU A 49 64.45 -36.52 -49.29
CA GLU A 49 65.76 -36.81 -49.85
C GLU A 49 66.48 -35.51 -50.17
N LYS A 50 65.74 -34.46 -50.52
CA LYS A 50 66.36 -33.15 -50.68
C LYS A 50 66.74 -32.53 -49.33
N GLN A 51 65.96 -32.78 -48.28
CA GLN A 51 66.27 -32.27 -46.95
C GLN A 51 67.44 -33.01 -46.30
N MET A 52 67.89 -34.13 -46.90
CA MET A 52 68.97 -34.95 -46.34
C MET A 52 70.32 -34.75 -47.03
N LYS A 53 70.53 -33.59 -47.68
CA LYS A 53 71.80 -33.35 -48.38
C LYS A 53 72.94 -33.13 -47.38
N PRO A 54 74.19 -33.29 -47.83
CA PRO A 54 75.33 -33.20 -46.89
C PRO A 54 75.47 -31.86 -46.17
N ALA A 55 75.59 -31.94 -44.85
CA ALA A 55 75.79 -30.79 -43.97
C ALA A 55 76.61 -31.23 -42.77
N ASP A 56 76.71 -30.37 -41.76
CA ASP A 56 77.16 -30.78 -40.44
C ASP A 56 75.95 -30.92 -39.52
N TYR A 57 76.18 -31.46 -38.32
CA TYR A 57 75.08 -31.93 -37.47
C TYR A 57 75.34 -31.64 -36.00
N LEU A 58 74.25 -31.38 -35.27
CA LEU A 58 74.26 -31.16 -33.83
C LEU A 58 73.20 -32.04 -33.19
N LEU A 59 73.59 -32.83 -32.19
CA LEU A 59 72.68 -33.84 -31.66
C LEU A 59 72.83 -34.02 -30.15
N GLY A 60 71.70 -34.29 -29.49
CA GLY A 60 71.75 -34.79 -28.13
C GLY A 60 72.26 -36.22 -28.09
N ARG A 61 72.91 -36.59 -26.99
CA ARG A 61 73.58 -37.89 -26.98
C ARG A 61 72.60 -39.01 -27.31
N LYS A 62 71.37 -38.93 -26.78
CA LYS A 62 70.42 -40.01 -27.00
C LYS A 62 70.11 -40.18 -28.49
N THR A 63 69.85 -39.07 -29.17
CA THR A 63 69.60 -39.13 -30.61
C THR A 63 70.84 -39.57 -31.37
N PHE A 64 72.03 -39.13 -30.92
CA PHE A 64 73.26 -39.58 -31.56
C PHE A 64 73.38 -41.10 -31.48
N GLU A 65 73.07 -41.67 -30.31
CA GLU A 65 73.22 -43.10 -30.12
C GLU A 65 72.17 -43.91 -30.88
N ILE A 66 70.93 -43.41 -30.93
CA ILE A 66 69.93 -43.99 -31.83
C ILE A 66 70.43 -44.00 -33.27
N PHE A 67 70.98 -42.88 -33.74
CA PHE A 67 71.51 -42.83 -35.12
C PHE A 67 72.70 -43.77 -35.31
N ALA A 68 73.63 -43.78 -34.35
CA ALA A 68 74.89 -44.52 -34.48
C ALA A 68 74.68 -46.02 -34.53
N SER A 69 73.55 -46.52 -34.03
CA SER A 69 73.30 -47.94 -34.12
C SER A 69 72.78 -48.35 -35.48
N TYR A 70 72.38 -47.41 -36.33
CA TYR A 70 71.78 -47.74 -37.61
C TYR A 70 72.55 -47.20 -38.81
N TRP A 71 72.75 -45.89 -38.88
CA TRP A 71 73.21 -45.24 -40.12
C TRP A 71 74.62 -45.58 -40.58
N PRO A 72 75.58 -45.93 -39.69
CA PRO A 72 76.89 -46.33 -40.20
C PRO A 72 76.81 -47.47 -41.21
N GLU A 73 75.71 -48.22 -41.22
CA GLU A 73 75.53 -49.33 -42.14
C GLU A 73 74.62 -49.01 -43.30
N HIS A 74 74.16 -47.77 -43.43
CA HIS A 74 73.28 -47.38 -44.52
C HIS A 74 73.75 -46.08 -45.15
N ALA A 75 75.07 -45.91 -45.27
CA ALA A 75 75.61 -44.71 -45.89
C ALA A 75 75.18 -44.57 -47.35
N ASP A 76 74.80 -45.68 -47.98
CA ASP A 76 74.20 -45.61 -49.31
C ASP A 76 72.99 -44.70 -49.31
N PHE A 77 72.09 -44.89 -48.34
CA PHE A 77 70.84 -44.15 -48.27
C PHE A 77 71.02 -42.71 -47.78
N TRP A 78 71.86 -42.48 -46.76
CA TRP A 78 72.07 -41.13 -46.21
C TRP A 78 73.56 -40.85 -46.01
N PRO A 79 74.29 -40.62 -47.10
CA PRO A 79 75.72 -40.32 -46.95
C PRO A 79 75.98 -39.04 -46.17
N GLY A 80 75.03 -38.12 -46.12
CA GLY A 80 75.26 -36.88 -45.38
C GLY A 80 75.56 -37.12 -43.91
N ILE A 81 74.80 -38.03 -43.28
CA ILE A 81 74.93 -38.25 -41.84
C ILE A 81 76.27 -38.90 -41.51
N ASN A 82 76.85 -39.65 -42.47
CA ASN A 82 78.10 -40.36 -42.24
C ASN A 82 79.33 -39.53 -42.57
N ASP A 83 79.27 -38.73 -43.64
CA ASP A 83 80.46 -38.00 -44.05
C ASP A 83 80.63 -36.69 -43.28
N GLY A 84 79.52 -36.04 -42.91
CA GLY A 84 79.62 -34.76 -42.22
C GLY A 84 79.96 -34.92 -40.76
N THR A 85 80.59 -33.91 -40.20
CA THR A 85 80.90 -33.94 -38.78
C THR A 85 79.60 -33.95 -37.98
N LYS A 86 79.60 -34.68 -36.88
CA LYS A 86 78.47 -34.75 -35.96
C LYS A 86 78.96 -34.24 -34.62
N TYR A 87 78.53 -33.06 -34.23
CA TYR A 87 78.83 -32.50 -32.92
C TYR A 87 77.72 -32.94 -31.97
N VAL A 88 78.11 -33.61 -30.90
CA VAL A 88 77.19 -34.26 -29.98
C VAL A 88 77.34 -33.62 -28.62
N MET A 89 76.22 -33.26 -28.01
CA MET A 89 76.24 -32.69 -26.67
C MET A 89 76.17 -33.83 -25.67
N SER A 90 77.23 -33.99 -24.87
CA SER A 90 77.17 -35.05 -23.87
C SER A 90 78.22 -34.80 -22.80
N LYS A 91 77.87 -35.15 -21.57
CA LYS A 91 78.84 -35.23 -20.48
C LYS A 91 79.31 -36.66 -20.23
N THR A 92 78.58 -37.67 -20.71
CA THR A 92 78.92 -39.06 -20.41
C THR A 92 79.61 -39.79 -21.55
N VAL A 93 79.68 -39.20 -22.74
CA VAL A 93 80.37 -39.83 -23.85
C VAL A 93 81.41 -38.87 -24.38
N LYS A 94 82.62 -39.40 -24.63
CA LYS A 94 83.68 -38.61 -25.21
C LYS A 94 84.21 -39.16 -26.52
N LYS A 95 83.97 -40.43 -26.83
CA LYS A 95 84.44 -41.03 -28.07
C LYS A 95 83.33 -41.88 -28.69
N SER A 96 83.38 -42.05 -30.01
CA SER A 96 82.51 -42.98 -30.72
C SER A 96 83.31 -43.62 -31.85
N ASP A 97 82.97 -44.87 -32.16
CA ASP A 97 83.58 -45.50 -33.33
C ASP A 97 82.90 -45.10 -34.63
N TRP A 98 81.85 -44.26 -34.57
CA TRP A 98 81.30 -43.65 -35.77
C TRP A 98 82.19 -42.47 -36.15
N LYS A 99 82.68 -42.46 -37.38
CA LYS A 99 83.69 -41.47 -37.72
C LYS A 99 83.10 -40.08 -37.88
N ASN A 100 83.95 -39.07 -37.63
CA ASN A 100 83.58 -37.66 -37.67
C ASN A 100 82.54 -37.40 -36.60
N SER A 101 82.95 -37.65 -35.36
CA SER A 101 82.12 -37.42 -34.20
C SER A 101 82.94 -36.62 -33.21
N VAL A 102 82.46 -35.41 -32.89
CA VAL A 102 83.10 -34.55 -31.91
C VAL A 102 82.12 -34.32 -30.75
N PHE A 103 82.62 -34.41 -29.53
CA PHE A 103 81.78 -34.33 -28.35
C PHE A 103 82.00 -33.01 -27.61
N LEU A 104 80.94 -32.21 -27.50
CA LEU A 104 80.91 -30.93 -26.80
C LEU A 104 80.21 -31.09 -25.45
N GLU A 105 80.45 -30.15 -24.55
CA GLU A 105 79.89 -30.25 -23.21
C GLU A 105 79.11 -29.04 -22.72
N SER A 106 79.19 -27.90 -23.39
CA SER A 106 78.65 -26.68 -22.80
C SER A 106 77.85 -25.87 -23.82
N LEU A 107 77.00 -24.99 -23.28
CA LEU A 107 76.42 -23.93 -24.09
C LEU A 107 77.52 -23.14 -24.79
N ALA A 108 78.63 -22.90 -24.09
CA ALA A 108 79.75 -22.16 -24.65
C ALA A 108 80.29 -22.85 -25.90
N ASP A 109 80.42 -24.18 -25.85
CA ASP A 109 80.94 -24.95 -26.98
C ASP A 109 80.01 -24.89 -28.19
N ILE A 110 78.69 -24.96 -27.95
CA ILE A 110 77.74 -24.80 -29.05
C ILE A 110 77.86 -23.41 -29.66
N LYS A 111 78.06 -22.39 -28.81
CA LYS A 111 78.24 -21.03 -29.32
C LYS A 111 79.50 -20.93 -30.18
N LYS A 112 80.60 -21.55 -29.73
CA LYS A 112 81.84 -21.57 -30.53
C LYS A 112 81.61 -22.29 -31.86
N LEU A 113 80.95 -23.44 -31.82
CA LEU A 113 80.67 -24.18 -33.05
C LEU A 113 79.84 -23.35 -34.02
N LYS A 114 78.85 -22.60 -33.52
CA LYS A 114 78.06 -21.75 -34.40
C LYS A 114 78.90 -20.63 -34.98
N ASN A 115 79.71 -20.00 -34.13
CA ASN A 115 80.61 -18.93 -34.56
C ASN A 115 81.63 -19.44 -35.56
N SER A 116 82.18 -20.64 -35.33
CA SER A 116 83.27 -21.15 -36.13
C SER A 116 82.86 -21.26 -37.60
N GLU A 117 83.86 -21.50 -38.43
CA GLU A 117 83.69 -21.51 -39.88
C GLU A 117 83.43 -22.95 -40.34
N GLY A 118 82.43 -23.11 -41.20
CA GLY A 118 82.09 -24.43 -41.69
C GLY A 118 80.67 -24.45 -42.23
N SER A 119 80.25 -25.65 -42.63
CA SER A 119 78.96 -25.80 -43.28
C SER A 119 77.80 -25.61 -42.30
N ASP A 120 76.63 -25.35 -42.87
CA ASP A 120 75.43 -25.19 -42.08
C ASP A 120 75.12 -26.46 -41.29
N ILE A 121 74.57 -26.28 -40.11
CA ILE A 121 74.36 -27.34 -39.13
C ILE A 121 72.90 -27.78 -39.19
N GLN A 122 72.67 -29.09 -39.20
CA GLN A 122 71.33 -29.64 -39.09
C GLN A 122 71.17 -30.28 -37.71
N VAL A 123 69.97 -30.13 -37.13
CA VAL A 123 69.63 -30.78 -35.87
C VAL A 123 68.46 -31.72 -36.16
N TRP A 124 68.59 -32.97 -35.73
CA TRP A 124 67.55 -33.98 -35.89
C TRP A 124 67.26 -34.57 -34.52
N GLY A 125 66.02 -35.04 -34.33
CA GLY A 125 65.65 -35.51 -33.00
C GLY A 125 66.04 -34.49 -31.95
N SER A 126 66.68 -34.97 -30.88
CA SER A 126 67.38 -34.13 -29.91
C SER A 126 66.44 -33.13 -29.21
N GLY A 127 65.38 -33.67 -28.60
CA GLY A 127 64.37 -32.81 -28.00
C GLY A 127 64.91 -31.98 -26.85
N GLU A 128 65.67 -32.61 -25.96
CA GLU A 128 66.26 -31.90 -24.82
C GLU A 128 67.26 -30.85 -25.28
N LEU A 129 68.17 -31.25 -26.17
CA LEU A 129 69.13 -30.31 -26.71
C LEU A 129 68.40 -29.15 -27.38
N ILE A 130 67.32 -29.45 -28.09
CA ILE A 130 66.55 -28.41 -28.76
C ILE A 130 65.99 -27.43 -27.74
N GLN A 131 65.57 -27.91 -26.55
CA GLN A 131 65.15 -27.00 -25.51
C GLN A 131 66.26 -26.02 -25.15
N LEU A 132 67.50 -26.52 -25.04
CA LEU A 132 68.63 -25.62 -24.81
C LEU A 132 68.84 -24.63 -25.96
N LEU A 133 68.73 -25.09 -27.21
CA LEU A 133 68.98 -24.18 -28.31
C LEU A 133 67.89 -23.12 -28.42
N PHE A 134 66.63 -23.51 -28.16
CA PHE A 134 65.51 -22.57 -28.19
C PHE A 134 65.66 -21.48 -27.13
N LYS A 135 66.01 -21.89 -25.90
CA LYS A 135 66.09 -20.93 -24.81
C LYS A 135 67.15 -19.86 -25.05
N ASN A 136 68.15 -20.14 -25.87
CA ASN A 136 69.20 -19.18 -26.17
C ASN A 136 69.08 -18.60 -27.57
N ASP A 137 67.93 -18.79 -28.21
CA ASP A 137 67.65 -18.27 -29.55
C ASP A 137 68.78 -18.61 -30.51
N LEU A 138 69.22 -19.87 -30.45
CA LEU A 138 70.25 -20.35 -31.34
C LEU A 138 69.68 -20.99 -32.61
N VAL A 139 68.37 -21.09 -32.75
CA VAL A 139 67.77 -21.83 -33.86
C VAL A 139 67.39 -20.84 -34.95
N ASP A 140 68.06 -20.94 -36.10
CA ASP A 140 67.81 -20.03 -37.21
C ASP A 140 66.69 -20.45 -38.14
N GLU A 141 66.37 -21.74 -38.21
CA GLU A 141 65.38 -22.18 -39.19
C GLU A 141 64.67 -23.41 -38.66
N LEU A 142 63.44 -23.62 -39.11
CA LEU A 142 62.63 -24.77 -38.69
C LEU A 142 62.07 -25.48 -39.91
N TRP A 143 62.31 -26.77 -40.04
CA TRP A 143 61.70 -27.57 -41.09
C TRP A 143 60.82 -28.60 -40.39
N LEU A 144 59.53 -28.38 -40.45
CA LEU A 144 58.58 -29.19 -39.71
C LEU A 144 57.77 -30.04 -40.67
N LYS A 145 57.42 -31.23 -40.19
CA LYS A 145 56.42 -32.09 -40.83
C LYS A 145 55.36 -32.35 -39.79
N ILE A 146 54.13 -31.90 -40.06
CA ILE A 146 53.03 -32.06 -39.08
C ILE A 146 52.12 -33.19 -39.56
N PHE A 147 51.88 -34.18 -38.72
CA PHE A 147 51.12 -35.39 -39.15
C PHE A 147 49.71 -35.31 -38.56
N PRO A 148 48.70 -35.86 -39.25
CA PRO A 148 47.30 -35.75 -38.80
C PRO A 148 47.00 -36.65 -37.61
N VAL A 149 47.71 -36.45 -36.50
CA VAL A 149 47.52 -37.36 -35.35
C VAL A 149 47.67 -36.58 -34.04
N THR A 150 46.92 -36.98 -33.02
CA THR A 150 47.06 -36.35 -31.68
C THR A 150 47.44 -37.46 -30.70
N LEU A 151 48.40 -37.23 -29.83
CA LEU A 151 48.77 -38.16 -28.78
C LEU A 151 48.74 -37.37 -27.49
N ASN A 152 48.32 -37.98 -26.40
CA ASN A 152 48.32 -37.17 -25.19
C ASN A 152 49.76 -36.94 -24.72
N THR A 153 50.45 -38.00 -24.32
CA THR A 153 51.76 -37.93 -23.70
C THR A 153 52.88 -37.91 -24.74
N GLY A 154 54.12 -37.84 -24.26
CA GLY A 154 55.28 -37.90 -25.14
C GLY A 154 56.13 -36.64 -25.20
N LYS A 155 57.42 -36.81 -25.50
CA LYS A 155 58.30 -35.65 -25.53
C LYS A 155 57.84 -34.67 -26.60
N ARG A 156 58.02 -33.39 -26.33
CA ARG A 156 57.46 -32.34 -27.16
C ARG A 156 58.58 -31.52 -27.80
N LEU A 157 58.35 -31.09 -29.04
CA LEU A 157 59.33 -30.24 -29.70
C LEU A 157 59.39 -28.85 -29.06
N PHE A 158 58.23 -28.26 -28.75
CA PHE A 158 58.16 -26.96 -28.04
C PHE A 158 57.89 -27.28 -26.57
N GLY A 159 58.98 -27.40 -25.81
CA GLY A 159 58.91 -27.75 -24.41
C GLY A 159 59.51 -26.69 -23.52
N ASP A 160 60.26 -27.15 -22.51
CA ASP A 160 60.77 -26.28 -21.45
C ASP A 160 61.45 -25.02 -21.99
N GLY A 161 62.17 -25.14 -23.10
CA GLY A 161 63.01 -24.07 -23.56
C GLY A 161 62.38 -23.07 -24.50
N THR A 162 61.14 -23.31 -24.93
CA THR A 162 60.47 -22.41 -25.84
C THR A 162 60.37 -20.99 -25.28
N ILE A 163 60.68 -20.02 -26.14
CA ILE A 163 60.61 -18.62 -25.77
C ILE A 163 59.53 -17.99 -26.64
N PRO A 164 59.10 -16.75 -26.39
CA PRO A 164 58.23 -16.08 -27.38
C PRO A 164 59.09 -15.58 -28.53
N ALA A 165 58.67 -15.88 -29.75
CA ALA A 165 59.43 -15.49 -30.93
C ALA A 165 58.54 -15.56 -32.17
N ALA A 166 58.90 -14.76 -33.18
CA ALA A 166 58.16 -14.68 -34.42
C ALA A 166 58.92 -15.36 -35.55
N PHE A 167 58.18 -15.89 -36.53
CA PHE A 167 58.76 -16.61 -37.65
C PHE A 167 58.10 -16.19 -38.96
N THR A 168 58.78 -16.49 -40.06
CA THR A 168 58.31 -16.27 -41.42
C THR A 168 58.17 -17.61 -42.13
N LEU A 169 57.04 -17.85 -42.77
CA LEU A 169 56.85 -19.13 -43.48
C LEU A 169 57.55 -19.05 -44.83
N ILE A 170 58.79 -19.57 -44.88
CA ILE A 170 59.57 -19.60 -46.12
C ILE A 170 58.84 -20.39 -47.20
N GLU A 171 58.41 -21.61 -46.88
CA GLU A 171 57.59 -22.35 -47.84
C GLU A 171 56.83 -23.46 -47.12
N SER A 172 55.88 -24.04 -47.86
CA SER A 172 54.95 -25.02 -47.31
C SER A 172 54.53 -25.96 -48.43
N SER A 173 53.88 -27.05 -48.04
CA SER A 173 53.52 -28.11 -48.98
C SER A 173 52.58 -29.06 -48.27
N VAL A 174 51.90 -29.88 -49.06
CA VAL A 174 51.04 -30.92 -48.51
C VAL A 174 51.42 -32.23 -49.19
N THR A 175 51.11 -33.32 -48.49
CA THR A 175 51.44 -34.70 -48.76
C THR A 175 50.19 -35.50 -49.02
N PRO A 176 50.19 -36.37 -50.02
CA PRO A 176 48.99 -37.17 -50.33
C PRO A 176 48.43 -37.91 -49.12
N SER A 177 49.27 -38.17 -48.12
CA SER A 177 48.84 -38.81 -46.89
C SER A 177 48.29 -37.83 -45.87
N GLY A 178 48.44 -36.54 -46.11
CA GLY A 178 47.95 -35.52 -45.19
C GLY A 178 48.97 -34.95 -44.23
N VAL A 179 50.23 -34.89 -44.62
CA VAL A 179 51.27 -34.30 -43.80
C VAL A 179 51.55 -32.92 -44.37
N ILE A 180 51.66 -31.94 -43.48
CA ILE A 180 52.00 -30.58 -43.90
C ILE A 180 53.50 -30.38 -43.71
N ILE A 181 54.16 -29.94 -44.76
CA ILE A 181 55.54 -29.50 -44.69
C ILE A 181 55.53 -28.01 -44.46
N ALA A 182 56.27 -27.52 -43.46
CA ALA A 182 56.29 -26.10 -43.16
C ALA A 182 57.70 -25.68 -42.77
N ASN A 183 58.32 -24.83 -43.58
CA ASN A 183 59.70 -24.38 -43.34
C ASN A 183 59.67 -22.91 -42.94
N TYR A 184 60.00 -22.60 -41.69
CA TYR A 184 60.00 -21.26 -41.14
C TYR A 184 61.41 -20.71 -40.94
N LYS A 185 61.48 -19.37 -40.88
CA LYS A 185 62.68 -18.58 -40.65
C LYS A 185 62.49 -17.69 -39.43
N ARG A 186 63.52 -17.58 -38.60
CA ARG A 186 63.44 -16.73 -37.42
C ARG A 186 63.29 -15.27 -37.84
N ALA A 187 62.36 -14.56 -37.17
CA ALA A 187 61.94 -13.22 -37.63
C ALA A 187 61.80 -12.23 -36.46
N GLY A 188 62.74 -12.23 -35.51
CA GLY A 188 62.62 -11.28 -34.43
C GLY A 188 61.54 -11.50 -33.39
N GLU A 189 60.91 -10.41 -32.96
CA GLU A 189 60.06 -10.41 -31.77
C GLU A 189 58.58 -10.52 -32.12
N VAL A 190 57.79 -10.97 -31.14
CA VAL A 190 56.37 -11.20 -31.33
C VAL A 190 55.64 -9.86 -31.31
N LYS A 191 54.77 -9.65 -32.29
CA LYS A 191 54.02 -8.41 -32.39
C LYS A 191 52.58 -8.65 -31.96
N THR A 192 52.03 -7.70 -31.22
CA THR A 192 50.63 -7.73 -30.83
C THR A 192 49.91 -6.50 -31.38
N GLY A 193 48.62 -6.66 -31.58
CA GLY A 193 47.74 -5.59 -31.99
C GLY A 193 46.33 -5.88 -31.52
N THR A 194 45.38 -5.21 -32.17
CA THR A 194 43.95 -5.44 -31.91
C THR A 194 43.25 -5.62 -33.24
N VAL A 195 42.42 -6.66 -33.33
CA VAL A 195 41.74 -6.99 -34.57
C VAL A 195 40.49 -6.14 -34.73
N MET B 1 21.97 -36.80 -35.41
CA MET B 1 23.37 -36.54 -35.09
C MET B 1 23.93 -35.34 -35.82
N ARG B 2 24.32 -34.31 -35.07
CA ARG B 2 24.87 -33.11 -35.68
C ARG B 2 26.39 -33.14 -35.67
N LYS B 3 26.96 -32.40 -36.61
CA LYS B 3 28.40 -32.35 -36.81
C LYS B 3 28.99 -31.23 -35.95
N ILE B 4 29.71 -31.61 -34.90
CA ILE B 4 30.39 -30.66 -34.02
C ILE B 4 31.77 -30.38 -34.60
N THR B 5 31.94 -29.19 -35.18
CA THR B 5 33.23 -28.73 -35.64
C THR B 5 33.85 -27.82 -34.58
N VAL B 6 35.18 -27.88 -34.45
CA VAL B 6 35.93 -26.98 -33.57
C VAL B 6 36.84 -26.14 -34.44
N LEU B 7 36.74 -24.83 -34.32
CA LEU B 7 37.56 -23.91 -35.09
C LEU B 7 38.46 -23.16 -34.11
N SER B 8 39.70 -22.90 -34.51
CA SER B 8 40.64 -22.44 -33.52
C SER B 8 41.86 -21.82 -34.17
N PHE B 9 42.34 -20.74 -33.58
CA PHE B 9 43.56 -20.07 -34.00
C PHE B 9 44.64 -20.49 -33.03
N ILE B 10 45.75 -21.01 -33.54
CA ILE B 10 46.78 -21.55 -32.67
C ILE B 10 48.15 -21.10 -33.18
N THR B 11 49.08 -20.99 -32.24
CA THR B 11 50.48 -20.73 -32.56
C THR B 11 51.14 -21.99 -33.09
N LEU B 12 52.43 -21.85 -33.45
CA LEU B 12 53.22 -23.02 -33.82
C LEU B 12 53.25 -24.01 -32.68
N ASP B 13 53.37 -23.52 -31.44
CA ASP B 13 53.37 -24.43 -30.31
C ASP B 13 51.99 -24.62 -29.71
N GLY B 14 50.94 -24.23 -30.45
CA GLY B 14 49.58 -24.55 -30.06
C GLY B 14 48.96 -23.73 -28.95
N VAL B 15 49.33 -22.46 -28.80
CA VAL B 15 48.66 -21.61 -27.83
C VAL B 15 47.42 -21.01 -28.49
N MET B 16 46.31 -21.13 -27.79
CA MET B 16 44.99 -20.70 -28.20
C MET B 16 44.57 -19.35 -27.61
N GLN B 17 45.17 -18.96 -26.49
CA GLN B 17 44.66 -17.90 -25.62
C GLN B 17 44.72 -16.51 -26.27
N ALA B 18 43.63 -15.76 -26.12
CA ALA B 18 43.59 -14.34 -26.43
C ALA B 18 44.10 -13.99 -27.83
N PRO B 19 43.51 -14.58 -28.88
CA PRO B 19 44.00 -14.30 -30.24
C PRO B 19 43.80 -12.87 -30.69
N GLY B 20 42.73 -12.21 -30.25
CA GLY B 20 42.24 -10.97 -30.84
C GLY B 20 42.68 -9.64 -30.26
N GLY B 21 42.94 -9.56 -28.95
CA GLY B 21 43.29 -8.29 -28.35
C GLY B 21 44.00 -8.40 -27.01
N PRO B 22 44.74 -7.34 -26.65
CA PRO B 22 45.61 -7.43 -25.47
C PRO B 22 44.90 -7.76 -24.17
N GLU B 23 43.61 -7.43 -24.02
CA GLU B 23 42.92 -7.74 -22.77
C GLU B 23 41.91 -8.84 -22.94
N GLU B 24 41.88 -9.48 -24.12
CA GLU B 24 40.90 -10.52 -24.38
C GLU B 24 40.92 -11.60 -23.32
N ASP B 25 42.11 -12.07 -22.94
CA ASP B 25 42.23 -12.98 -21.81
C ASP B 25 43.56 -12.72 -21.11
N THR B 26 43.50 -12.33 -19.85
CA THR B 26 44.68 -11.97 -19.11
C THR B 26 44.94 -12.95 -17.98
N SER B 27 44.34 -14.14 -18.06
CA SER B 27 44.67 -15.21 -17.13
C SER B 27 46.18 -15.45 -17.15
N GLY B 28 46.75 -15.62 -15.97
CA GLY B 28 48.18 -15.84 -15.83
C GLY B 28 49.05 -14.61 -16.10
N GLY B 29 48.45 -13.45 -16.37
CA GLY B 29 49.21 -12.28 -16.75
C GLY B 29 49.70 -12.34 -18.17
N PHE B 30 49.00 -13.07 -19.04
CA PHE B 30 49.34 -13.28 -20.43
C PHE B 30 49.58 -11.96 -21.15
N LYS B 31 50.78 -11.78 -21.68
CA LYS B 31 51.23 -10.52 -22.26
C LYS B 31 51.12 -10.51 -23.76
N TYR B 32 50.55 -11.54 -24.38
CA TYR B 32 50.64 -11.65 -25.82
C TYR B 32 49.28 -11.65 -26.49
N GLY B 33 48.21 -11.28 -25.77
CA GLY B 33 46.92 -11.03 -26.39
C GLY B 33 47.03 -10.19 -27.66
N GLY B 34 46.25 -10.56 -28.66
CA GLY B 34 46.39 -9.93 -29.97
C GLY B 34 47.54 -10.43 -30.81
N TRP B 35 47.98 -11.68 -30.60
CA TRP B 35 49.09 -12.20 -31.39
C TRP B 35 48.68 -12.52 -32.82
N THR B 36 47.39 -12.74 -33.09
CA THR B 36 46.95 -12.94 -34.46
C THR B 36 46.75 -11.65 -35.21
N ALA B 37 46.85 -10.50 -34.56
CA ALA B 37 46.57 -9.23 -35.24
C ALA B 37 47.43 -8.98 -36.46
N PRO B 38 48.76 -9.02 -36.39
CA PRO B 38 49.56 -8.68 -37.58
C PRO B 38 49.36 -9.62 -38.78
N TYR B 39 48.67 -10.74 -38.59
CA TYR B 39 48.62 -11.78 -39.60
C TYR B 39 47.27 -11.87 -40.31
N GLU B 40 46.45 -10.83 -40.21
CA GLU B 40 45.15 -10.85 -40.88
C GLU B 40 45.21 -10.08 -42.19
N ASP B 41 44.52 -10.60 -43.20
CA ASP B 41 44.51 -10.05 -44.54
C ASP B 41 43.22 -10.47 -45.24
N GLU B 42 43.18 -10.28 -46.57
CA GLU B 42 41.95 -10.52 -47.33
C GLU B 42 41.60 -11.99 -47.44
N VAL B 43 42.60 -12.83 -47.73
CA VAL B 43 42.38 -14.28 -47.92
C VAL B 43 41.82 -14.90 -46.65
N SER B 44 42.40 -14.53 -45.50
CA SER B 44 41.83 -14.91 -44.22
C SER B 44 40.37 -14.49 -44.12
N GLY B 45 40.06 -13.24 -44.52
CA GLY B 45 38.68 -12.77 -44.46
C GLY B 45 37.71 -13.65 -45.23
N LYS B 46 38.09 -14.06 -46.44
CA LYS B 46 37.21 -14.93 -47.24
C LYS B 46 37.04 -16.31 -46.60
N ILE B 47 38.14 -16.91 -46.12
CA ILE B 47 38.04 -18.22 -45.48
C ILE B 47 37.15 -18.14 -44.23
N MET B 48 37.29 -17.06 -43.44
CA MET B 48 36.37 -16.88 -42.32
C MET B 48 34.93 -16.82 -42.84
N GLU B 49 34.66 -15.95 -43.84
CA GLU B 49 33.31 -15.80 -44.38
C GLU B 49 32.64 -17.16 -44.63
N LYS B 50 33.39 -18.10 -45.22
CA LYS B 50 32.80 -19.44 -45.38
C LYS B 50 32.61 -20.14 -44.02
N GLN B 51 33.52 -19.91 -43.06
CA GLN B 51 33.40 -20.52 -41.74
C GLN B 51 32.35 -19.88 -40.83
N MET B 52 31.84 -18.68 -41.17
CA MET B 52 30.84 -17.96 -40.38
C MET B 52 29.44 -18.06 -40.97
N LYS B 53 29.17 -19.14 -41.73
CA LYS B 53 27.84 -19.39 -42.25
C LYS B 53 26.88 -19.79 -41.12
N PRO B 54 25.61 -19.42 -41.22
CA PRO B 54 24.65 -19.70 -40.15
C PRO B 54 24.61 -21.15 -39.71
N ALA B 55 25.03 -21.39 -38.47
CA ALA B 55 25.09 -22.70 -37.87
C ALA B 55 24.55 -22.60 -36.44
N ASP B 56 24.51 -23.72 -35.74
CA ASP B 56 24.32 -23.61 -34.30
C ASP B 56 25.69 -23.57 -33.63
N TYR B 57 25.72 -23.16 -32.37
CA TYR B 57 26.97 -22.88 -31.70
C TYR B 57 27.00 -23.52 -30.33
N LEU B 58 28.19 -23.96 -29.93
CA LEU B 58 28.41 -24.53 -28.61
C LEU B 58 29.63 -23.83 -28.01
N LEU B 59 29.45 -23.15 -26.88
CA LEU B 59 30.49 -22.33 -26.29
C LEU B 59 30.65 -22.63 -24.81
N GLY B 60 31.86 -22.34 -24.32
CA GLY B 60 32.05 -22.21 -22.89
C GLY B 60 31.60 -20.85 -22.41
N ARG B 61 31.17 -20.81 -21.15
CA ARG B 61 30.57 -19.60 -20.58
C ARG B 61 31.44 -18.38 -20.81
N LYS B 62 32.73 -18.51 -20.55
CA LYS B 62 33.65 -17.36 -20.69
C LYS B 62 33.63 -16.87 -22.14
N THR B 63 33.81 -17.77 -23.09
CA THR B 63 33.85 -17.38 -24.50
C THR B 63 32.51 -16.78 -24.92
N PHE B 64 31.41 -17.34 -24.42
CA PHE B 64 30.10 -16.77 -24.67
C PHE B 64 30.02 -15.33 -24.18
N GLU B 65 30.50 -15.06 -22.95
CA GLU B 65 30.44 -13.70 -22.42
C GLU B 65 31.37 -12.75 -23.15
N ILE B 66 32.51 -13.24 -23.66
CA ILE B 66 33.33 -12.35 -24.49
C ILE B 66 32.57 -12.01 -25.77
N PHE B 67 31.97 -13.03 -26.39
CA PHE B 67 31.25 -12.84 -27.64
C PHE B 67 30.04 -11.92 -27.44
N ALA B 68 29.32 -12.09 -26.33
CA ALA B 68 28.09 -11.36 -26.04
C ALA B 68 28.36 -9.88 -25.83
N SER B 69 29.52 -9.55 -25.27
CA SER B 69 29.86 -8.17 -25.05
C SER B 69 30.12 -7.41 -26.34
N TYR B 70 30.26 -8.10 -27.48
CA TYR B 70 30.53 -7.40 -28.74
C TYR B 70 29.61 -7.78 -29.89
N TRP B 71 29.31 -9.07 -30.07
CA TRP B 71 28.68 -9.53 -31.30
C TRP B 71 27.20 -9.13 -31.48
N PRO B 72 26.39 -9.03 -30.42
CA PRO B 72 25.02 -8.55 -30.63
C PRO B 72 24.95 -7.14 -31.21
N GLU B 73 26.03 -6.36 -31.20
CA GLU B 73 26.07 -5.02 -31.79
C GLU B 73 26.75 -5.00 -33.14
N HIS B 74 27.10 -6.16 -33.70
CA HIS B 74 27.71 -6.24 -35.01
C HIS B 74 27.11 -7.41 -35.78
N ALA B 75 25.78 -7.52 -35.74
CA ALA B 75 25.07 -8.56 -36.49
C ALA B 75 25.21 -8.41 -38.00
N ASP B 76 25.59 -7.22 -38.47
CA ASP B 76 25.85 -7.04 -39.90
C ASP B 76 27.00 -7.93 -40.36
N PHE B 77 28.14 -7.89 -39.63
CA PHE B 77 29.33 -8.61 -40.06
C PHE B 77 29.20 -10.12 -39.86
N TRP B 78 28.75 -10.57 -38.68
CA TRP B 78 28.59 -11.99 -38.38
C TRP B 78 27.15 -12.25 -37.95
N PRO B 79 26.21 -12.36 -38.90
CA PRO B 79 24.82 -12.65 -38.54
C PRO B 79 24.67 -13.98 -37.80
N GLY B 80 25.17 -15.06 -38.41
CA GLY B 80 24.95 -16.41 -37.92
C GLY B 80 25.01 -16.60 -36.42
N ILE B 81 26.00 -15.95 -35.77
CA ILE B 81 26.15 -16.08 -34.32
C ILE B 81 24.96 -15.44 -33.60
N ASN B 82 24.39 -14.37 -34.17
CA ASN B 82 23.18 -13.78 -33.59
C ASN B 82 21.94 -14.59 -33.92
N ASP B 83 21.79 -15.07 -35.17
CA ASP B 83 20.57 -15.80 -35.51
C ASP B 83 20.57 -17.24 -34.99
N GLY B 84 21.71 -17.92 -35.02
CA GLY B 84 21.75 -19.29 -34.56
C GLY B 84 21.57 -19.39 -33.06
N THR B 85 21.18 -20.59 -32.61
CA THR B 85 21.07 -20.82 -31.18
C THR B 85 22.46 -21.07 -30.60
N LYS B 86 22.75 -20.42 -29.47
CA LYS B 86 24.03 -20.54 -28.77
C LYS B 86 23.81 -21.39 -27.53
N TYR B 87 24.43 -22.57 -27.52
CA TYR B 87 24.34 -23.51 -26.42
C TYR B 87 25.60 -23.35 -25.58
N VAL B 88 25.43 -22.96 -24.32
CA VAL B 88 26.52 -22.44 -23.51
C VAL B 88 26.65 -23.29 -22.26
N MET B 89 27.85 -23.78 -22.00
CA MET B 89 28.06 -24.62 -20.84
C MET B 89 28.34 -23.71 -19.65
N SER B 90 27.53 -23.83 -18.61
CA SER B 90 27.72 -23.06 -17.38
C SER B 90 26.90 -23.70 -16.26
N LYS B 91 27.33 -23.45 -15.03
CA LYS B 91 26.51 -23.68 -13.86
C LYS B 91 26.27 -22.36 -13.16
N THR B 92 26.79 -21.27 -13.75
CA THR B 92 26.90 -19.93 -13.18
C THR B 92 25.91 -18.96 -13.79
N VAL B 93 25.67 -19.08 -15.09
CA VAL B 93 24.76 -18.22 -15.83
C VAL B 93 23.63 -19.09 -16.35
N LYS B 94 22.41 -18.76 -15.95
CA LYS B 94 21.24 -19.50 -16.42
C LYS B 94 20.43 -18.73 -17.47
N LYS B 95 20.66 -17.42 -17.64
CA LYS B 95 19.93 -16.65 -18.65
C LYS B 95 20.83 -15.53 -19.19
N SER B 96 20.51 -15.06 -20.39
CA SER B 96 21.30 -13.99 -20.99
C SER B 96 20.42 -13.08 -21.82
N ASP B 97 20.87 -11.83 -21.96
CA ASP B 97 20.17 -10.87 -22.81
C ASP B 97 20.28 -11.20 -24.28
N TRP B 98 21.19 -12.07 -24.66
CA TRP B 98 21.41 -12.38 -26.06
C TRP B 98 20.31 -13.30 -26.58
N LYS B 99 19.72 -12.92 -27.69
CA LYS B 99 18.69 -13.74 -28.31
C LYS B 99 19.26 -15.11 -28.64
N ASN B 100 18.44 -16.15 -28.42
CA ASN B 100 18.79 -17.54 -28.73
C ASN B 100 20.01 -17.99 -27.94
N SER B 101 19.80 -18.07 -26.63
CA SER B 101 20.84 -18.53 -25.72
C SER B 101 20.24 -19.58 -24.81
N VAL B 102 20.78 -20.79 -24.88
CA VAL B 102 20.36 -21.92 -24.06
C VAL B 102 21.56 -22.37 -23.23
N PHE B 103 21.31 -22.70 -21.97
CA PHE B 103 22.38 -22.99 -21.02
C PHE B 103 22.33 -24.45 -20.60
N LEU B 104 23.45 -25.14 -20.81
CA LEU B 104 23.60 -26.55 -20.49
C LEU B 104 24.53 -26.72 -19.30
N GLU B 105 24.24 -27.70 -18.45
CA GLU B 105 24.93 -27.87 -17.19
C GLU B 105 25.81 -29.13 -17.11
N SER B 106 25.62 -30.10 -18.01
CA SER B 106 26.30 -31.39 -17.88
C SER B 106 26.78 -31.92 -19.23
N LEU B 107 27.60 -32.96 -19.15
CA LEU B 107 28.06 -33.64 -20.36
C LEU B 107 26.89 -34.25 -21.11
N ALA B 108 25.97 -34.88 -20.37
CA ALA B 108 24.80 -35.49 -20.99
C ALA B 108 24.06 -34.49 -21.84
N ASP B 109 23.97 -33.24 -21.37
CA ASP B 109 23.28 -32.20 -22.14
C ASP B 109 23.96 -31.97 -23.48
N ILE B 110 25.29 -31.95 -23.50
CA ILE B 110 25.97 -31.74 -24.76
C ILE B 110 25.74 -32.92 -25.70
N LYS B 111 25.76 -34.13 -25.17
CA LYS B 111 25.49 -35.29 -26.02
C LYS B 111 24.07 -35.24 -26.59
N LYS B 112 23.09 -34.96 -25.73
CA LYS B 112 21.69 -34.87 -26.18
C LYS B 112 21.55 -33.80 -27.27
N LEU B 113 22.23 -32.67 -27.11
CA LEU B 113 22.29 -31.69 -28.18
C LEU B 113 22.88 -32.29 -29.45
N LYS B 114 23.93 -33.11 -29.30
CA LYS B 114 24.53 -33.77 -30.46
C LYS B 114 23.57 -34.76 -31.11
N ASN B 115 22.88 -35.57 -30.28
CA ASN B 115 21.90 -36.53 -30.76
C ASN B 115 20.77 -35.84 -31.52
N SER B 116 20.53 -34.56 -31.22
CA SER B 116 19.37 -33.83 -31.70
C SER B 116 19.46 -33.61 -33.21
N GLU B 117 18.45 -32.92 -33.73
CA GLU B 117 18.39 -32.54 -35.13
C GLU B 117 18.43 -31.02 -35.19
N GLY B 118 19.27 -30.50 -36.08
CA GLY B 118 19.40 -29.06 -36.24
C GLY B 118 20.51 -28.75 -37.22
N SER B 119 20.91 -27.48 -37.23
CA SER B 119 22.06 -27.10 -38.04
C SER B 119 23.33 -27.64 -37.39
N ASP B 120 24.35 -27.85 -38.21
CA ASP B 120 25.61 -28.34 -37.68
C ASP B 120 26.21 -27.35 -36.69
N ILE B 121 26.86 -27.89 -35.66
CA ILE B 121 27.36 -27.09 -34.54
C ILE B 121 28.79 -26.63 -34.82
N GLN B 122 29.05 -25.34 -34.61
CA GLN B 122 30.39 -24.77 -34.62
C GLN B 122 30.83 -24.46 -33.19
N VAL B 123 32.15 -24.55 -32.93
CA VAL B 123 32.71 -24.24 -31.61
C VAL B 123 33.89 -23.30 -31.81
N TRP B 124 33.80 -22.10 -31.23
CA TRP B 124 34.91 -21.15 -31.24
C TRP B 124 35.38 -20.89 -29.81
N GLY B 125 36.66 -20.52 -29.68
CA GLY B 125 37.24 -20.34 -28.35
C GLY B 125 37.05 -21.57 -27.49
N SER B 126 36.57 -21.37 -26.26
CA SER B 126 36.08 -22.46 -25.40
C SER B 126 37.13 -23.55 -25.18
N GLY B 127 38.36 -23.14 -24.89
CA GLY B 127 39.44 -24.11 -24.68
C GLY B 127 39.14 -25.13 -23.61
N GLU B 128 38.61 -24.69 -22.48
CA GLU B 128 38.28 -25.61 -21.39
C GLU B 128 37.13 -26.55 -21.77
N LEU B 129 36.07 -25.98 -22.37
CA LEU B 129 34.98 -26.83 -22.86
C LEU B 129 35.52 -27.81 -23.89
N ILE B 130 36.36 -27.33 -24.80
CA ILE B 130 36.94 -28.18 -25.83
C ILE B 130 37.65 -29.37 -25.20
N GLN B 131 38.38 -29.13 -24.11
CA GLN B 131 38.99 -30.25 -23.39
C GLN B 131 37.94 -31.29 -23.01
N LEU B 132 36.80 -30.83 -22.48
CA LEU B 132 35.75 -31.80 -22.16
C LEU B 132 35.26 -32.55 -23.42
N LEU B 133 35.13 -31.83 -24.53
CA LEU B 133 34.67 -32.47 -25.76
C LEU B 133 35.63 -33.57 -26.18
N PHE B 134 36.91 -33.20 -26.35
CA PHE B 134 37.96 -34.15 -26.73
C PHE B 134 37.94 -35.39 -25.84
N LYS B 135 37.86 -35.19 -24.52
CA LYS B 135 37.98 -36.34 -23.61
C LYS B 135 36.94 -37.39 -23.92
N ASN B 136 35.79 -37.01 -24.48
CA ASN B 136 34.75 -37.95 -24.87
C ASN B 136 34.57 -38.03 -26.38
N ASP B 137 35.54 -37.54 -27.15
CA ASP B 137 35.62 -37.77 -28.60
C ASP B 137 34.40 -37.21 -29.33
N LEU B 138 33.84 -36.13 -28.83
CA LEU B 138 32.66 -35.55 -29.42
C LEU B 138 32.96 -34.59 -30.56
N VAL B 139 34.23 -34.41 -30.94
CA VAL B 139 34.58 -33.46 -31.97
C VAL B 139 34.81 -34.22 -33.27
N ASP B 140 34.17 -33.77 -34.35
CA ASP B 140 34.23 -34.47 -35.63
C ASP B 140 35.09 -33.76 -36.66
N GLU B 141 35.22 -32.44 -36.61
CA GLU B 141 36.10 -31.74 -37.51
C GLU B 141 36.93 -30.72 -36.71
N LEU B 142 37.99 -30.23 -37.34
CA LEU B 142 38.91 -29.28 -36.73
C LEU B 142 39.34 -28.32 -37.81
N TRP B 143 39.13 -27.01 -37.62
CA TRP B 143 39.52 -26.02 -38.62
C TRP B 143 40.52 -25.09 -37.96
N LEU B 144 41.80 -25.34 -38.19
CA LEU B 144 42.87 -24.66 -37.49
C LEU B 144 43.52 -23.63 -38.40
N LYS B 145 43.90 -22.51 -37.79
CA LYS B 145 44.77 -21.53 -38.41
C LYS B 145 46.03 -21.50 -37.56
N ILE B 146 47.15 -21.91 -38.16
CA ILE B 146 48.43 -22.02 -37.48
C ILE B 146 49.28 -20.81 -37.83
N PHE B 147 49.75 -20.11 -36.80
CA PHE B 147 50.38 -18.82 -36.99
C PHE B 147 51.89 -18.90 -36.76
N PRO B 148 52.68 -18.18 -37.58
CA PRO B 148 54.14 -18.34 -37.56
C PRO B 148 54.75 -17.68 -36.35
N VAL B 149 54.30 -18.08 -35.16
CA VAL B 149 54.74 -17.45 -33.94
C VAL B 149 54.79 -18.51 -32.85
N THR B 150 55.62 -18.26 -31.85
CA THR B 150 55.70 -19.15 -30.71
C THR B 150 55.66 -18.31 -29.43
N LEU B 151 54.86 -18.77 -28.46
CA LEU B 151 54.71 -18.14 -27.14
C LEU B 151 54.87 -19.24 -26.11
N ASN B 152 55.49 -18.96 -24.99
CA ASN B 152 55.71 -20.10 -24.11
C ASN B 152 54.44 -20.50 -23.38
N THR B 153 53.90 -19.59 -22.59
CA THR B 153 52.76 -19.80 -21.72
C THR B 153 51.44 -19.51 -22.45
N GLY B 154 50.34 -19.89 -21.80
CA GLY B 154 49.01 -19.68 -22.37
C GLY B 154 48.15 -20.93 -22.48
N LYS B 155 46.84 -20.73 -22.52
CA LYS B 155 45.92 -21.83 -22.67
C LYS B 155 46.10 -22.49 -24.04
N ARG B 156 46.09 -23.82 -24.05
CA ARG B 156 46.42 -24.60 -25.24
C ARG B 156 45.16 -25.25 -25.79
N LEU B 157 45.05 -25.37 -27.11
CA LEU B 157 43.89 -26.08 -27.70
C LEU B 157 43.94 -27.53 -27.26
N PHE B 158 45.08 -28.17 -27.48
CA PHE B 158 45.23 -29.59 -27.11
C PHE B 158 45.78 -29.64 -25.69
N GLY B 159 44.92 -29.94 -24.72
CA GLY B 159 45.37 -29.92 -23.33
C GLY B 159 45.00 -31.16 -22.54
N ASP B 160 44.52 -30.98 -21.31
CA ASP B 160 44.26 -32.11 -20.40
C ASP B 160 43.14 -33.02 -20.87
N GLY B 161 42.56 -32.76 -22.04
CA GLY B 161 41.52 -33.65 -22.57
C GLY B 161 41.96 -34.32 -23.85
N THR B 162 43.08 -33.87 -24.41
CA THR B 162 43.54 -34.44 -25.70
C THR B 162 43.67 -35.94 -25.53
N ILE B 163 43.15 -36.68 -26.50
CA ILE B 163 43.25 -38.14 -26.45
C ILE B 163 43.91 -38.62 -27.74
N PRO B 164 44.65 -39.73 -27.69
CA PRO B 164 45.29 -40.24 -28.92
C PRO B 164 44.23 -40.54 -29.97
N ALA B 165 44.40 -39.99 -31.16
CA ALA B 165 43.41 -40.16 -32.22
C ALA B 165 43.97 -39.71 -33.55
N ALA B 166 43.49 -40.34 -34.61
CA ALA B 166 43.90 -40.07 -35.98
C ALA B 166 42.93 -39.13 -36.67
N PHE B 167 43.43 -38.42 -37.68
CA PHE B 167 42.65 -37.46 -38.43
C PHE B 167 42.93 -37.64 -39.91
N THR B 168 42.08 -37.03 -40.75
CA THR B 168 42.28 -36.97 -42.20
C THR B 168 42.32 -35.51 -42.64
N LEU B 169 43.43 -35.11 -43.26
CA LEU B 169 43.53 -33.72 -43.71
C LEU B 169 42.59 -33.54 -44.88
N ILE B 170 41.46 -32.87 -44.63
CA ILE B 170 40.49 -32.66 -45.70
C ILE B 170 40.73 -31.37 -46.47
N GLU B 171 41.45 -30.40 -45.92
CA GLU B 171 41.87 -29.28 -46.77
C GLU B 171 42.99 -28.51 -46.10
N SER B 172 43.69 -27.71 -46.90
CA SER B 172 44.77 -26.88 -46.37
C SER B 172 45.20 -25.87 -47.43
N SER B 173 45.73 -24.74 -46.96
CA SER B 173 46.22 -23.67 -47.81
C SER B 173 47.06 -22.72 -46.96
N VAL B 174 47.67 -21.73 -47.62
CA VAL B 174 48.50 -20.73 -46.93
C VAL B 174 48.07 -19.33 -47.34
N THR B 175 48.09 -18.40 -46.35
CA THR B 175 47.84 -16.99 -46.55
C THR B 175 49.13 -16.26 -46.91
N PRO B 176 49.00 -15.14 -47.62
CA PRO B 176 50.20 -14.35 -47.95
C PRO B 176 50.95 -13.89 -46.72
N SER B 177 50.26 -13.73 -45.59
CA SER B 177 50.89 -13.35 -44.34
C SER B 177 51.60 -14.52 -43.66
N GLY B 178 51.37 -15.75 -44.12
CA GLY B 178 52.11 -16.90 -43.62
C GLY B 178 51.36 -17.83 -42.68
N VAL B 179 50.05 -17.78 -42.66
CA VAL B 179 49.27 -18.62 -41.77
C VAL B 179 48.85 -19.86 -42.55
N ILE B 180 48.75 -20.98 -41.86
CA ILE B 180 48.41 -22.25 -42.50
C ILE B 180 46.99 -22.62 -42.10
N ILE B 181 46.13 -22.77 -43.10
CA ILE B 181 44.76 -23.20 -42.87
C ILE B 181 44.75 -24.71 -43.07
N ALA B 182 44.39 -25.42 -42.00
CA ALA B 182 44.38 -26.87 -42.01
C ALA B 182 43.05 -27.30 -41.42
N ASN B 183 42.19 -27.86 -42.25
CA ASN B 183 40.94 -28.41 -41.78
C ASN B 183 41.09 -29.93 -41.86
N TYR B 184 40.73 -30.59 -40.76
CA TYR B 184 40.93 -32.01 -40.50
C TYR B 184 39.61 -32.65 -40.16
N LYS B 185 39.52 -33.95 -40.47
CA LYS B 185 38.36 -34.79 -40.21
C LYS B 185 38.76 -35.90 -39.28
N ARG B 186 37.92 -36.22 -38.31
CA ARG B 186 38.20 -37.31 -37.39
C ARG B 186 38.23 -38.65 -38.13
N ALA B 187 39.24 -39.47 -37.85
CA ALA B 187 39.56 -40.63 -38.70
C ALA B 187 39.95 -41.88 -37.92
N GLY B 188 39.21 -42.21 -36.87
CA GLY B 188 39.53 -43.46 -36.19
C GLY B 188 40.86 -43.45 -35.43
N GLU B 189 41.47 -44.63 -35.36
CA GLU B 189 42.54 -44.87 -34.40
C GLU B 189 43.93 -44.54 -34.95
N VAL B 190 44.87 -44.39 -34.00
CA VAL B 190 46.27 -44.10 -34.32
C VAL B 190 46.96 -45.39 -34.73
N LYS B 191 47.61 -45.36 -35.89
CA LYS B 191 48.31 -46.51 -36.41
C LYS B 191 49.81 -46.27 -36.34
N THR B 192 50.54 -47.32 -35.95
CA THR B 192 52.00 -47.30 -35.85
C THR B 192 52.56 -48.49 -36.62
N GLY B 193 53.66 -48.26 -37.33
CA GLY B 193 54.40 -49.30 -38.00
C GLY B 193 55.86 -49.26 -37.60
N THR B 194 56.73 -49.67 -38.55
CA THR B 194 58.16 -49.50 -38.43
C THR B 194 58.69 -48.93 -39.73
N VAL B 195 59.26 -47.74 -39.68
CA VAL B 195 59.84 -47.15 -40.87
C VAL B 195 61.00 -48.01 -41.35
N MET C 1 50.77 0.23 12.11
CA MET C 1 49.51 0.33 11.38
C MET C 1 49.61 1.13 10.09
N ARG C 2 49.26 0.49 8.99
CA ARG C 2 49.33 1.08 7.66
C ARG C 2 47.96 1.63 7.25
N LYS C 3 48.01 2.59 6.33
CA LYS C 3 46.83 3.20 5.74
C LYS C 3 46.46 2.47 4.45
N ILE C 4 45.20 2.04 4.35
CA ILE C 4 44.69 1.43 3.13
C ILE C 4 43.81 2.46 2.42
N THR C 5 44.19 2.84 1.20
CA THR C 5 43.44 3.77 0.37
C THR C 5 42.89 3.04 -0.86
N VAL C 6 41.56 3.00 -0.99
CA VAL C 6 40.90 2.43 -2.16
C VAL C 6 40.72 3.53 -3.19
N LEU C 7 41.15 3.27 -4.42
CA LEU C 7 41.05 4.21 -5.52
C LEU C 7 40.17 3.59 -6.61
N SER C 8 39.18 4.34 -7.08
CA SER C 8 38.18 3.77 -7.99
C SER C 8 37.62 4.82 -8.97
N PHE C 9 37.45 4.38 -10.22
CA PHE C 9 36.78 5.14 -11.28
C PHE C 9 35.36 4.63 -11.35
N ILE C 10 34.36 5.50 -11.17
CA ILE C 10 32.99 5.00 -11.09
C ILE C 10 32.04 5.85 -11.91
N THR C 11 30.92 5.24 -12.26
CA THR C 11 29.87 5.95 -12.95
C THR C 11 28.98 6.68 -11.94
N LEU C 12 28.15 7.59 -12.46
CA LEU C 12 27.13 8.23 -11.62
C LEU C 12 26.34 7.19 -10.80
N ASP C 13 26.06 6.02 -11.37
CA ASP C 13 25.31 5.03 -10.61
C ASP C 13 26.20 3.96 -9.97
N GLY C 14 27.51 4.25 -9.79
CA GLY C 14 28.39 3.41 -8.99
C GLY C 14 29.06 2.24 -9.69
N VAL C 15 29.02 2.18 -11.00
CA VAL C 15 29.59 1.04 -11.70
C VAL C 15 31.08 1.27 -11.87
N MET C 16 31.85 0.21 -11.60
CA MET C 16 33.30 0.25 -11.68
C MET C 16 33.88 -0.67 -12.74
N GLN C 17 33.08 -1.58 -13.30
CA GLN C 17 33.62 -2.64 -14.14
C GLN C 17 34.21 -2.11 -15.45
N ALA C 18 35.40 -2.59 -15.79
CA ALA C 18 35.99 -2.37 -17.12
C ALA C 18 36.04 -0.92 -17.59
N PRO C 19 36.67 -0.04 -16.83
CA PRO C 19 36.73 1.37 -17.26
C PRO C 19 37.61 1.62 -18.45
N GLY C 20 38.61 0.77 -18.70
CA GLY C 20 39.67 1.14 -19.61
C GLY C 20 39.61 0.61 -21.03
N GLY C 21 38.83 -0.45 -21.26
CA GLY C 21 38.73 -1.02 -22.59
C GLY C 21 37.57 -1.96 -22.77
N PRO C 22 37.16 -2.17 -24.03
CA PRO C 22 35.99 -3.01 -24.31
C PRO C 22 36.08 -4.42 -23.76
N GLU C 23 37.27 -5.02 -23.73
CA GLU C 23 37.42 -6.40 -23.29
C GLU C 23 38.05 -6.50 -21.91
N GLU C 24 38.26 -5.39 -21.22
CA GLU C 24 38.94 -5.44 -19.94
C GLU C 24 38.28 -6.44 -18.98
N ASP C 25 36.96 -6.32 -18.80
CA ASP C 25 36.19 -7.34 -18.09
C ASP C 25 34.87 -7.52 -18.85
N THR C 26 34.71 -8.65 -19.51
CA THR C 26 33.50 -8.94 -20.24
C THR C 26 32.52 -9.80 -19.46
N SER C 27 32.73 -9.95 -18.15
CA SER C 27 31.79 -10.76 -17.39
C SER C 27 30.41 -10.13 -17.45
N GLY C 28 29.39 -10.98 -17.35
CA GLY C 28 28.02 -10.57 -17.56
C GLY C 28 27.73 -10.15 -18.99
N GLY C 29 28.64 -10.39 -19.91
CA GLY C 29 28.47 -9.87 -21.24
C GLY C 29 28.60 -8.36 -21.33
N PHE C 30 29.16 -7.73 -20.30
CA PHE C 30 29.25 -6.28 -20.17
C PHE C 30 29.65 -5.58 -21.47
N LYS C 31 28.75 -4.75 -22.00
CA LYS C 31 28.94 -4.10 -23.29
C LYS C 31 29.64 -2.76 -23.22
N TYR C 32 29.95 -2.23 -22.03
CA TYR C 32 30.37 -0.83 -21.93
C TYR C 32 31.83 -0.64 -21.53
N GLY C 33 32.67 -1.67 -21.69
CA GLY C 33 34.08 -1.50 -21.36
C GLY C 33 34.69 -0.34 -22.12
N GLY C 34 35.54 0.41 -21.43
CA GLY C 34 36.13 1.60 -22.00
C GLY C 34 35.32 2.87 -21.81
N TRP C 35 34.45 2.92 -20.80
CA TRP C 35 33.57 4.07 -20.65
C TRP C 35 34.31 5.30 -20.13
N THR C 36 35.51 5.15 -19.58
CA THR C 36 36.27 6.34 -19.19
C THR C 36 37.04 6.96 -20.34
N ALA C 37 37.13 6.27 -21.48
CA ALA C 37 37.97 6.76 -22.59
C ALA C 37 37.57 8.14 -23.09
N PRO C 38 36.28 8.46 -23.31
CA PRO C 38 35.94 9.82 -23.75
C PRO C 38 36.23 10.92 -22.74
N TYR C 39 36.68 10.59 -21.52
CA TYR C 39 36.83 11.60 -20.47
C TYR C 39 38.26 11.83 -20.00
N GLU C 40 39.25 11.16 -20.60
CA GLU C 40 40.62 11.44 -20.25
C GLU C 40 41.04 12.76 -20.88
N ASP C 41 41.81 13.54 -20.13
CA ASP C 41 42.29 14.83 -20.64
C ASP C 41 43.57 15.20 -19.88
N GLU C 42 44.07 16.41 -20.17
CA GLU C 42 45.31 16.91 -19.55
C GLU C 42 45.22 16.94 -18.03
N VAL C 43 44.27 17.70 -17.49
CA VAL C 43 44.16 17.88 -16.03
C VAL C 43 43.91 16.56 -15.33
N SER C 44 43.16 15.65 -15.95
CA SER C 44 42.90 14.33 -15.39
C SER C 44 44.18 13.52 -15.22
N GLY C 45 45.02 13.48 -16.26
CA GLY C 45 46.31 12.80 -16.15
C GLY C 45 47.28 13.49 -15.19
N LYS C 46 47.25 14.83 -15.15
CA LYS C 46 48.18 15.56 -14.29
C LYS C 46 47.84 15.35 -12.81
N ILE C 47 46.54 15.29 -12.46
CA ILE C 47 46.18 14.92 -11.07
C ILE C 47 46.46 13.43 -10.83
N MET C 48 46.31 12.59 -11.86
CA MET C 48 46.57 11.16 -11.69
C MET C 48 48.01 10.89 -11.30
N GLU C 49 48.95 11.65 -11.89
CA GLU C 49 50.37 11.41 -11.63
C GLU C 49 50.76 11.58 -10.16
N LYS C 50 49.93 12.24 -9.35
CA LYS C 50 50.18 12.34 -7.91
C LYS C 50 49.59 11.18 -7.12
N GLN C 51 48.55 10.51 -7.63
CA GLN C 51 48.04 9.28 -7.02
C GLN C 51 48.88 8.07 -7.42
N MET C 52 49.86 8.25 -8.31
CA MET C 52 50.75 7.19 -8.75
C MET C 52 52.17 7.33 -8.18
N LYS C 53 52.35 8.12 -7.13
CA LYS C 53 53.63 8.10 -6.43
C LYS C 53 53.81 6.73 -5.74
N PRO C 54 55.03 6.18 -5.74
CA PRO C 54 55.23 4.78 -5.32
C PRO C 54 54.75 4.46 -3.91
N ALA C 55 54.15 3.28 -3.77
CA ALA C 55 53.63 2.76 -2.51
C ALA C 55 53.66 1.23 -2.57
N ASP C 56 52.95 0.61 -1.63
CA ASP C 56 52.63 -0.81 -1.69
C ASP C 56 51.18 -0.98 -2.17
N TYR C 57 50.82 -2.22 -2.52
CA TYR C 57 49.56 -2.47 -3.23
C TYR C 57 48.86 -3.71 -2.70
N LEU C 58 47.54 -3.64 -2.60
CA LEU C 58 46.71 -4.78 -2.23
C LEU C 58 45.66 -4.97 -3.32
N LEU C 59 45.70 -6.11 -3.98
CA LEU C 59 44.91 -6.36 -5.17
C LEU C 59 44.18 -7.68 -5.06
N GLY C 60 43.01 -7.76 -5.72
CA GLY C 60 42.39 -9.03 -6.00
C GLY C 60 43.11 -9.70 -7.16
N ARG C 61 42.96 -11.03 -7.25
CA ARG C 61 43.74 -11.78 -8.24
C ARG C 61 43.42 -11.34 -9.67
N LYS C 62 42.16 -11.13 -10.00
CA LYS C 62 41.85 -10.78 -11.39
C LYS C 62 42.40 -9.41 -11.74
N THR C 63 42.35 -8.45 -10.79
CA THR C 63 42.92 -7.14 -11.08
C THR C 63 44.44 -7.21 -11.16
N PHE C 64 45.05 -8.02 -10.29
CA PHE C 64 46.48 -8.28 -10.40
C PHE C 64 46.80 -8.83 -11.79
N GLU C 65 46.05 -9.82 -12.26
CA GLU C 65 46.38 -10.42 -13.56
C GLU C 65 46.15 -9.44 -14.70
N ILE C 66 45.14 -8.56 -14.59
CA ILE C 66 45.01 -7.50 -15.59
C ILE C 66 46.24 -6.61 -15.60
N PHE C 67 46.69 -6.22 -14.41
CA PHE C 67 47.88 -5.38 -14.33
C PHE C 67 49.10 -6.11 -14.92
N ALA C 68 49.30 -7.38 -14.53
CA ALA C 68 50.50 -8.12 -14.91
C ALA C 68 50.62 -8.29 -16.41
N SER C 69 49.51 -8.27 -17.13
CA SER C 69 49.57 -8.40 -18.57
C SER C 69 50.07 -7.13 -19.25
N TYR C 70 50.03 -5.99 -18.56
CA TYR C 70 50.37 -4.69 -19.16
C TYR C 70 51.48 -3.95 -18.44
N TRP C 71 51.41 -3.87 -17.11
CA TRP C 71 52.22 -2.87 -16.43
C TRP C 71 53.71 -3.19 -16.33
N PRO C 72 54.15 -4.45 -16.24
CA PRO C 72 55.60 -4.70 -16.22
C PRO C 72 56.31 -4.10 -17.41
N GLU C 73 55.68 -4.08 -18.57
CA GLU C 73 56.32 -3.53 -19.77
C GLU C 73 56.32 -2.01 -19.79
N HIS C 74 55.71 -1.35 -18.80
CA HIS C 74 55.61 0.10 -18.82
C HIS C 74 56.02 0.67 -17.47
N ALA C 75 57.21 0.26 -16.98
CA ALA C 75 57.77 0.89 -15.79
C ALA C 75 58.11 2.36 -16.03
N ASP C 76 58.26 2.75 -17.30
CA ASP C 76 58.56 4.13 -17.66
C ASP C 76 57.47 5.09 -17.21
N PHE C 77 56.20 4.66 -17.30
N PHE C 77 56.21 4.67 -17.35
CA PHE C 77 55.08 5.53 -16.99
CA PHE C 77 55.08 5.51 -16.99
C PHE C 77 54.49 5.30 -15.60
C PHE C 77 54.68 5.36 -15.52
N TRP C 78 54.71 4.13 -14.99
CA TRP C 78 54.27 3.86 -13.62
C TRP C 78 55.29 3.04 -12.85
N PRO C 79 56.40 3.65 -12.44
CA PRO C 79 57.39 2.90 -11.66
C PRO C 79 56.83 2.31 -10.37
N GLY C 80 55.90 3.00 -9.71
CA GLY C 80 55.45 2.55 -8.39
C GLY C 80 54.87 1.15 -8.38
N ILE C 81 54.01 0.83 -9.36
CA ILE C 81 53.35 -0.47 -9.39
C ILE C 81 54.38 -1.60 -9.59
N ASN C 82 55.45 -1.34 -10.34
CA ASN C 82 56.51 -2.33 -10.51
C ASN C 82 57.39 -2.43 -9.26
N ASP C 83 57.80 -1.29 -8.68
CA ASP C 83 58.78 -1.33 -7.60
C ASP C 83 58.18 -1.71 -6.24
N GLY C 84 56.94 -1.30 -5.96
CA GLY C 84 56.33 -1.69 -4.71
C GLY C 84 55.88 -3.13 -4.71
N THR C 85 55.65 -3.67 -3.51
CA THR C 85 55.23 -5.05 -3.36
C THR C 85 53.73 -5.16 -3.58
N LYS C 86 53.31 -5.99 -4.53
CA LYS C 86 51.91 -6.22 -4.80
C LYS C 86 51.46 -7.45 -4.03
N TYR C 87 50.65 -7.24 -3.00
CA TYR C 87 50.05 -8.33 -2.25
C TYR C 87 48.72 -8.68 -2.91
N VAL C 88 48.55 -9.95 -3.23
CA VAL C 88 47.45 -10.41 -4.06
C VAL C 88 46.61 -11.41 -3.26
N MET C 89 45.32 -11.12 -3.12
CA MET C 89 44.41 -12.13 -2.56
C MET C 89 44.15 -13.19 -3.61
N SER C 90 44.53 -14.43 -3.30
CA SER C 90 44.31 -15.53 -4.21
C SER C 90 44.48 -16.83 -3.45
N LYS C 91 43.71 -17.83 -3.84
CA LYS C 91 43.94 -19.18 -3.36
C LYS C 91 44.35 -20.11 -4.48
N THR C 92 44.17 -19.68 -5.74
CA THR C 92 44.49 -20.46 -6.92
C THR C 92 45.83 -20.10 -7.53
N VAL C 93 46.43 -18.97 -7.17
CA VAL C 93 47.70 -18.52 -7.71
C VAL C 93 48.66 -18.33 -6.54
N LYS C 94 49.89 -18.84 -6.70
CA LYS C 94 50.83 -18.82 -5.60
C LYS C 94 52.20 -18.22 -5.97
N LYS C 95 52.49 -18.01 -7.25
CA LYS C 95 53.66 -17.22 -7.63
C LYS C 95 53.36 -16.53 -8.96
N SER C 96 54.26 -15.64 -9.36
CA SER C 96 54.09 -14.87 -10.59
C SER C 96 55.46 -14.39 -11.05
N ASP C 97 55.63 -14.31 -12.34
CA ASP C 97 56.88 -13.76 -12.84
C ASP C 97 56.94 -12.22 -12.70
N TRP C 98 55.98 -11.55 -12.06
CA TRP C 98 56.06 -10.11 -11.85
C TRP C 98 56.83 -9.85 -10.56
N LYS C 99 57.85 -9.01 -10.65
CA LYS C 99 58.72 -8.75 -9.52
C LYS C 99 57.95 -8.17 -8.34
N ASN C 100 58.30 -8.62 -7.14
CA ASN C 100 57.71 -8.15 -5.87
C ASN C 100 56.21 -8.44 -5.81
N SER C 101 55.87 -9.72 -5.89
CA SER C 101 54.49 -10.15 -5.73
C SER C 101 54.45 -11.15 -4.59
N VAL C 102 53.46 -10.98 -3.71
CA VAL C 102 53.30 -11.85 -2.54
C VAL C 102 51.83 -12.22 -2.44
N PHE C 103 51.55 -13.49 -2.21
CA PHE C 103 50.19 -14.01 -2.35
C PHE C 103 49.63 -14.36 -0.99
N LEU C 104 48.57 -13.66 -0.59
CA LEU C 104 47.89 -13.90 0.66
C LEU C 104 46.63 -14.72 0.39
N GLU C 105 46.08 -15.28 1.45
CA GLU C 105 44.99 -16.23 1.27
C GLU C 105 43.78 -15.95 2.12
N SER C 106 43.90 -15.21 3.22
CA SER C 106 42.79 -15.07 4.16
C SER C 106 42.68 -13.61 4.59
N LEU C 107 41.63 -13.36 5.36
CA LEU C 107 41.45 -12.03 5.92
C LEU C 107 42.48 -11.78 7.01
N ALA C 108 42.91 -12.85 7.70
CA ALA C 108 43.98 -12.73 8.70
C ALA C 108 45.27 -12.27 8.05
N ASP C 109 45.64 -12.85 6.91
CA ASP C 109 46.79 -12.35 6.16
C ASP C 109 46.69 -10.84 5.95
N ILE C 110 45.49 -10.35 5.59
CA ILE C 110 45.32 -8.95 5.25
C ILE C 110 45.48 -8.07 6.47
N LYS C 111 44.86 -8.46 7.59
CA LYS C 111 45.00 -7.70 8.83
C LYS C 111 46.47 -7.70 9.28
N LYS C 112 47.16 -8.83 9.14
CA LYS C 112 48.58 -8.88 9.46
C LYS C 112 49.36 -7.91 8.58
N LEU C 113 49.01 -7.83 7.29
CA LEU C 113 49.66 -6.88 6.40
C LEU C 113 49.41 -5.44 6.86
N LYS C 114 48.18 -5.15 7.26
CA LYS C 114 47.89 -3.79 7.70
C LYS C 114 48.73 -3.40 8.91
N ASN C 115 48.84 -4.32 9.88
CA ASN C 115 49.63 -4.03 11.07
C ASN C 115 51.13 -3.92 10.77
N SER C 116 51.64 -4.71 9.82
CA SER C 116 53.06 -4.71 9.49
C SER C 116 53.61 -3.31 9.23
N GLU C 117 54.90 -3.12 9.45
CA GLU C 117 55.54 -1.85 9.14
C GLU C 117 55.82 -1.77 7.65
N GLY C 118 55.60 -0.61 7.07
CA GLY C 118 55.96 -0.40 5.69
C GLY C 118 55.13 0.70 5.06
N SER C 119 55.33 0.84 3.74
CA SER C 119 54.70 1.89 2.95
C SER C 119 53.18 1.73 2.95
N ASP C 120 52.47 2.86 2.84
CA ASP C 120 51.00 2.84 2.79
C ASP C 120 50.49 2.09 1.55
N ILE C 121 49.31 1.46 1.70
CA ILE C 121 48.76 0.52 0.74
C ILE C 121 47.71 1.17 -0.13
N GLN C 122 47.78 0.91 -1.45
CA GLN C 122 46.76 1.32 -2.39
C GLN C 122 46.02 0.10 -2.93
N VAL C 123 44.70 0.20 -3.03
CA VAL C 123 43.88 -0.78 -3.72
C VAL C 123 43.38 -0.13 -5.00
N TRP C 124 43.63 -0.78 -6.13
CA TRP C 124 43.06 -0.42 -7.41
C TRP C 124 42.21 -1.57 -7.95
N GLY C 125 41.10 -1.26 -8.61
CA GLY C 125 40.20 -2.30 -9.05
C GLY C 125 39.75 -3.16 -7.88
N SER C 126 39.78 -4.47 -8.06
CA SER C 126 39.55 -5.41 -6.95
C SER C 126 38.18 -5.21 -6.30
N GLY C 127 37.13 -5.18 -7.11
CA GLY C 127 35.80 -4.94 -6.56
C GLY C 127 35.38 -5.97 -5.55
N GLU C 128 35.68 -7.25 -5.82
CA GLU C 128 35.35 -8.32 -4.88
C GLU C 128 36.17 -8.21 -3.61
N LEU C 129 37.48 -8.04 -3.77
CA LEU C 129 38.32 -7.89 -2.58
C LEU C 129 37.88 -6.68 -1.79
N ILE C 130 37.55 -5.59 -2.50
CA ILE C 130 37.12 -4.38 -1.82
C ILE C 130 35.90 -4.67 -0.98
N GLN C 131 35.00 -5.54 -1.45
CA GLN C 131 33.86 -5.91 -0.60
C GLN C 131 34.36 -6.49 0.72
N LEU C 132 35.37 -7.35 0.64
CA LEU C 132 35.94 -7.88 1.88
C LEU C 132 36.47 -6.76 2.78
N LEU C 133 37.24 -5.84 2.19
CA LEU C 133 37.81 -4.73 2.97
C LEU C 133 36.73 -3.85 3.61
N PHE C 134 35.68 -3.51 2.84
CA PHE C 134 34.58 -2.69 3.38
C PHE C 134 33.87 -3.40 4.51
N LYS C 135 33.57 -4.69 4.32
CA LYS C 135 32.78 -5.41 5.31
C LYS C 135 33.49 -5.47 6.65
N ASN C 136 34.82 -5.34 6.65
CA ASN C 136 35.63 -5.40 7.87
C ASN C 136 36.21 -4.04 8.26
N ASP C 137 35.78 -2.96 7.60
CA ASP C 137 36.20 -1.61 7.96
C ASP C 137 37.72 -1.44 7.90
N LEU C 138 38.34 -1.98 6.86
CA LEU C 138 39.79 -1.92 6.70
C LEU C 138 40.22 -0.79 5.77
N VAL C 139 39.26 -0.05 5.21
CA VAL C 139 39.55 1.04 4.29
C VAL C 139 39.54 2.33 5.08
N ASP C 140 40.60 3.12 4.92
CA ASP C 140 40.80 4.39 5.61
C ASP C 140 40.49 5.59 4.73
N GLU C 141 40.79 5.51 3.44
CA GLU C 141 40.60 6.60 2.50
C GLU C 141 39.92 6.09 1.23
N LEU C 142 39.31 7.02 0.49
CA LEU C 142 38.68 6.74 -0.80
C LEU C 142 39.07 7.83 -1.79
N TRP C 143 39.69 7.47 -2.91
CA TRP C 143 39.96 8.41 -4.00
C TRP C 143 39.06 8.01 -5.17
N LEU C 144 38.02 8.80 -5.45
CA LEU C 144 37.06 8.48 -6.49
C LEU C 144 37.12 9.49 -7.61
N LYS C 145 37.01 8.98 -8.84
CA LYS C 145 36.69 9.80 -10.00
C LYS C 145 35.31 9.35 -10.47
N ILE C 146 34.38 10.29 -10.50
CA ILE C 146 32.99 10.05 -10.84
C ILE C 146 32.73 10.66 -12.21
N PHE C 147 32.34 9.81 -13.15
CA PHE C 147 32.17 10.04 -14.58
C PHE C 147 30.71 10.29 -14.93
N PRO C 148 30.49 11.29 -15.77
CA PRO C 148 29.13 11.78 -16.03
C PRO C 148 28.36 10.84 -16.95
N VAL C 149 28.03 9.67 -16.41
CA VAL C 149 27.38 8.65 -17.21
C VAL C 149 26.76 7.63 -16.27
N THR C 150 25.71 6.96 -16.75
CA THR C 150 25.10 5.85 -16.06
C THR C 150 25.06 4.64 -17.01
N LEU C 151 25.21 3.46 -16.42
CA LEU C 151 25.12 2.17 -17.10
C LEU C 151 24.35 1.27 -16.14
N ASN C 152 23.24 0.69 -16.56
CA ASN C 152 22.48 -0.03 -15.53
C ASN C 152 23.30 -1.16 -14.90
N THR C 153 23.90 -2.01 -15.73
CA THR C 153 24.61 -3.20 -15.30
C THR C 153 26.09 -2.95 -15.01
N GLY C 154 26.71 -3.96 -14.39
CA GLY C 154 28.14 -4.00 -14.19
C GLY C 154 28.52 -4.12 -12.73
N LYS C 155 29.71 -4.65 -12.45
CA LYS C 155 30.23 -4.73 -11.08
C LYS C 155 30.30 -3.34 -10.45
N ARG C 156 29.96 -3.28 -9.17
CA ARG C 156 29.83 -2.03 -8.45
C ARG C 156 30.92 -1.89 -7.38
N LEU C 157 31.31 -0.63 -7.11
CA LEU C 157 32.24 -0.39 -6.00
C LEU C 157 31.57 -0.60 -4.64
N PHE C 158 30.35 -0.12 -4.46
CA PHE C 158 29.68 -0.30 -3.19
C PHE C 158 28.71 -1.46 -3.32
N GLY C 159 29.26 -2.66 -3.21
CA GLY C 159 28.49 -3.88 -3.40
C GLY C 159 28.07 -4.50 -2.08
N ASP C 160 28.15 -5.84 -2.03
CA ASP C 160 27.72 -6.66 -0.90
C ASP C 160 28.47 -6.37 0.39
N GLY C 161 29.69 -5.87 0.32
CA GLY C 161 30.42 -5.60 1.55
C GLY C 161 30.16 -4.25 2.19
N THR C 162 29.49 -3.34 1.49
CA THR C 162 29.31 -1.99 2.00
C THR C 162 28.61 -1.99 3.35
N ILE C 163 29.12 -1.16 4.25
CA ILE C 163 28.57 -1.06 5.60
C ILE C 163 28.17 0.39 5.86
N PRO C 164 27.21 0.63 6.76
CA PRO C 164 26.95 2.01 7.18
C PRO C 164 28.20 2.65 7.76
N ALA C 165 28.59 3.79 7.19
CA ALA C 165 29.84 4.44 7.54
C ALA C 165 29.80 5.90 7.11
N ALA C 166 30.31 6.78 7.95
CA ALA C 166 30.49 8.19 7.64
C ALA C 166 31.93 8.49 7.22
N PHE C 167 32.10 9.53 6.40
CA PHE C 167 33.40 9.92 5.91
C PHE C 167 33.54 11.42 6.04
N THR C 168 34.76 11.89 5.85
CA THR C 168 35.07 13.31 5.80
C THR C 168 35.62 13.60 4.41
N LEU C 169 35.15 14.67 3.80
CA LEU C 169 35.62 15.01 2.45
C LEU C 169 36.96 15.70 2.60
N ILE C 170 38.04 14.99 2.29
CA ILE C 170 39.35 15.60 2.37
C ILE C 170 39.49 16.64 1.28
N GLU C 171 39.04 16.30 0.08
CA GLU C 171 39.29 17.27 -0.99
C GLU C 171 38.42 16.91 -2.18
N SER C 172 38.22 17.88 -3.06
CA SER C 172 37.36 17.63 -4.19
C SER C 172 37.73 18.62 -5.29
N SER C 173 37.52 18.22 -6.53
CA SER C 173 37.79 19.10 -7.66
C SER C 173 37.04 18.57 -8.89
N VAL C 174 37.18 19.30 -9.99
CA VAL C 174 36.49 18.99 -11.24
C VAL C 174 37.52 19.03 -12.37
N THR C 175 37.26 18.24 -13.41
CA THR C 175 38.07 18.19 -14.62
C THR C 175 37.35 18.88 -15.78
N PRO C 176 38.06 19.34 -16.81
CA PRO C 176 37.38 20.02 -17.90
C PRO C 176 36.32 19.16 -18.56
N SER C 177 36.55 17.85 -18.65
CA SER C 177 35.58 16.98 -19.29
C SER C 177 34.41 16.65 -18.38
N GLY C 178 34.38 17.14 -17.14
CA GLY C 178 33.27 16.92 -16.24
C GLY C 178 33.38 15.75 -15.29
N VAL C 179 34.59 15.30 -14.99
CA VAL C 179 34.77 14.27 -13.99
C VAL C 179 34.97 14.94 -12.64
N ILE C 180 34.31 14.40 -11.64
CA ILE C 180 34.45 14.87 -10.26
C ILE C 180 35.49 14.02 -9.54
N ILE C 181 36.44 14.68 -8.90
CA ILE C 181 37.45 14.01 -8.09
C ILE C 181 37.07 14.25 -6.64
N ALA C 182 36.92 13.19 -5.87
CA ALA C 182 36.60 13.36 -4.46
C ALA C 182 37.44 12.39 -3.65
N ASN C 183 38.16 12.93 -2.67
CA ASN C 183 38.94 12.12 -1.74
C ASN C 183 38.32 12.24 -0.36
N TYR C 184 38.09 11.10 0.27
CA TYR C 184 37.41 10.99 1.55
C TYR C 184 38.27 10.23 2.56
N LYS C 185 38.09 10.55 3.84
CA LYS C 185 38.73 9.84 4.93
C LYS C 185 37.65 9.26 5.84
N ARG C 186 37.85 8.04 6.30
CA ARG C 186 36.85 7.44 7.16
C ARG C 186 36.69 8.30 8.41
N ALA C 187 35.46 8.34 8.94
CA ALA C 187 35.13 9.28 10.01
C ALA C 187 34.10 8.70 10.99
N GLY C 188 34.23 7.46 11.35
CA GLY C 188 33.31 6.99 12.39
C GLY C 188 31.87 6.80 11.94
N GLU C 189 30.96 6.97 12.91
CA GLU C 189 29.59 6.46 12.77
C GLU C 189 28.69 7.42 12.01
N VAL C 190 27.63 6.84 11.46
CA VAL C 190 26.57 7.58 10.78
C VAL C 190 25.62 8.16 11.83
N LYS C 191 25.52 9.48 11.87
CA LYS C 191 24.58 10.15 12.76
C LYS C 191 23.31 10.52 12.01
N THR C 192 22.18 10.48 12.71
CA THR C 192 20.92 10.87 12.10
C THR C 192 20.24 11.89 13.00
N GLY C 193 19.32 12.64 12.41
CA GLY C 193 18.56 13.66 13.12
C GLY C 193 17.26 13.95 12.39
N THR C 194 16.61 15.04 12.81
CA THR C 194 15.36 15.46 12.19
C THR C 194 15.53 16.85 11.60
N VAL C 195 15.59 16.91 10.27
CA VAL C 195 15.60 18.17 9.55
C VAL C 195 14.27 18.90 9.75
N GLY C 196 14.33 20.22 9.83
CA GLY C 196 13.12 21.02 9.88
C GLY C 196 12.57 21.27 11.26
N ALA C 197 11.37 21.86 11.28
CA ALA C 197 10.66 22.19 12.51
C ALA C 197 9.22 21.71 12.36
N HIS C 198 8.86 20.65 13.10
CA HIS C 198 7.51 20.10 13.02
C HIS C 198 6.62 20.81 14.05
N HIS C 199 5.62 21.53 13.57
CA HIS C 199 4.77 22.32 14.45
C HIS C 199 3.97 21.44 15.41
N HIS C 200 3.78 21.94 16.63
CA HIS C 200 2.91 21.30 17.62
C HIS C 200 1.44 21.66 17.45
N HIS C 201 1.11 22.71 16.69
CA HIS C 201 -0.27 23.13 16.48
C HIS C 201 -0.53 23.25 14.97
N HIS C 202 -1.80 23.12 14.57
CA HIS C 202 -2.14 23.02 13.13
C HIS C 202 -3.40 23.77 12.68
N MET D 1 7.81 22.58 -24.84
CA MET D 1 8.46 21.42 -24.27
C MET D 1 9.10 21.81 -22.94
N ARG D 2 8.40 21.43 -21.86
CA ARG D 2 8.89 21.73 -20.52
C ARG D 2 10.11 20.88 -20.16
N LYS D 3 11.06 21.50 -19.46
CA LYS D 3 12.15 20.77 -18.85
C LYS D 3 11.66 19.93 -17.68
N ILE D 4 12.23 18.74 -17.54
CA ILE D 4 12.07 17.97 -16.30
C ILE D 4 13.45 17.85 -15.66
N THR D 5 13.58 18.40 -14.45
CA THR D 5 14.78 18.32 -13.63
C THR D 5 14.49 17.48 -12.40
N VAL D 6 15.36 16.52 -12.12
CA VAL D 6 15.28 15.68 -10.93
C VAL D 6 16.32 16.17 -9.93
N LEU D 7 15.87 16.54 -8.73
CA LEU D 7 16.74 17.01 -7.67
C LEU D 7 16.75 15.97 -6.57
N SER D 8 17.94 15.53 -6.15
CA SER D 8 17.99 14.40 -5.24
C SER D 8 19.15 14.53 -4.26
N PHE D 9 18.87 14.15 -3.01
CA PHE D 9 19.86 14.01 -1.93
C PHE D 9 20.27 12.55 -1.86
N ILE D 10 21.56 12.27 -2.01
CA ILE D 10 22.00 10.88 -2.08
C ILE D 10 23.29 10.70 -1.30
N THR D 11 23.46 9.47 -0.78
CA THR D 11 24.70 9.05 -0.17
C THR D 11 25.74 8.75 -1.24
N LEU D 12 26.98 8.53 -0.80
CA LEU D 12 28.06 8.10 -1.68
C LEU D 12 27.68 6.83 -2.44
N ASP D 13 26.96 5.92 -1.82
CA ASP D 13 26.58 4.71 -2.53
C ASP D 13 25.16 4.77 -3.09
N GLY D 14 24.69 5.98 -3.42
CA GLY D 14 23.48 6.12 -4.22
C GLY D 14 22.15 5.99 -3.50
N VAL D 15 22.12 6.00 -2.19
CA VAL D 15 20.87 5.80 -1.48
C VAL D 15 20.15 7.13 -1.31
N MET D 16 18.83 7.11 -1.49
CA MET D 16 18.05 8.32 -1.36
C MET D 16 16.95 8.25 -0.29
N GLN D 17 16.77 7.12 0.37
CA GLN D 17 15.61 6.95 1.26
C GLN D 17 15.72 7.82 2.52
N ALA D 18 14.57 8.40 2.92
CA ALA D 18 14.36 9.14 4.16
C ALA D 18 15.53 10.07 4.55
N PRO D 19 15.84 11.07 3.74
CA PRO D 19 16.95 11.98 4.11
C PRO D 19 16.71 12.80 5.38
N GLY D 20 15.45 13.09 5.72
CA GLY D 20 15.14 14.12 6.69
C GLY D 20 14.69 13.73 8.08
N GLY D 21 14.32 12.47 8.34
CA GLY D 21 13.90 12.08 9.68
C GLY D 21 13.78 10.58 9.87
N PRO D 22 13.86 10.11 11.13
CA PRO D 22 13.84 8.66 11.41
C PRO D 22 12.61 7.92 10.89
N GLU D 23 11.44 8.53 10.94
CA GLU D 23 10.22 7.87 10.50
C GLU D 23 9.79 8.26 9.09
N GLU D 24 10.58 9.09 8.38
CA GLU D 24 10.14 9.63 7.09
C GLU D 24 9.70 8.53 6.12
N ASP D 25 10.47 7.45 6.02
CA ASP D 25 10.12 6.30 5.17
C ASP D 25 10.76 5.06 5.78
N THR D 26 9.98 4.28 6.51
CA THR D 26 10.52 3.12 7.20
C THR D 26 10.47 1.82 6.36
N SER D 27 10.30 1.92 5.03
CA SER D 27 10.40 0.79 4.11
C SER D 27 11.57 -0.13 4.46
N GLY D 28 11.31 -1.44 4.46
CA GLY D 28 12.36 -2.42 4.73
C GLY D 28 13.02 -2.30 6.09
N GLY D 29 12.37 -1.63 7.04
CA GLY D 29 12.97 -1.43 8.35
C GLY D 29 14.15 -0.50 8.38
N PHE D 30 14.26 0.39 7.39
CA PHE D 30 15.34 1.35 7.29
C PHE D 30 15.61 2.05 8.61
N LYS D 31 16.89 2.02 9.03
CA LYS D 31 17.31 2.57 10.32
C LYS D 31 17.95 3.94 10.23
N TYR D 32 18.20 4.48 9.03
CA TYR D 32 19.02 5.69 8.92
C TYR D 32 18.24 6.91 8.42
N GLY D 33 16.93 6.92 8.58
CA GLY D 33 16.16 8.10 8.25
C GLY D 33 16.66 9.28 9.05
N GLY D 34 16.89 10.41 8.38
CA GLY D 34 17.53 11.56 8.98
C GLY D 34 19.01 11.69 8.72
N TRP D 35 19.55 10.94 7.74
CA TRP D 35 20.99 10.91 7.56
C TRP D 35 21.54 12.19 6.95
N THR D 36 20.71 13.05 6.38
CA THR D 36 21.23 14.32 5.90
C THR D 36 21.41 15.35 7.02
N ALA D 37 20.77 15.15 8.18
CA ALA D 37 20.75 16.18 9.22
C ALA D 37 22.12 16.65 9.67
N PRO D 38 23.13 15.79 9.91
CA PRO D 38 24.44 16.30 10.33
C PRO D 38 25.11 17.25 9.34
N TYR D 39 24.55 17.45 8.15
CA TYR D 39 25.28 18.15 7.09
C TYR D 39 24.64 19.48 6.70
N GLU D 40 23.82 20.08 7.58
CA GLU D 40 23.24 21.39 7.34
C GLU D 40 24.26 22.50 7.64
N ASP D 41 24.63 23.28 6.63
CA ASP D 41 25.56 24.39 6.72
C ASP D 41 24.81 25.69 6.53
N GLU D 42 25.57 26.77 6.38
CA GLU D 42 25.05 28.02 5.83
C GLU D 42 25.19 28.04 4.32
N VAL D 43 26.34 27.58 3.83
CA VAL D 43 26.56 27.44 2.39
C VAL D 43 25.52 26.52 1.79
N SER D 44 25.25 25.39 2.47
CA SER D 44 24.23 24.47 2.01
C SER D 44 22.87 25.16 1.95
N GLY D 45 22.58 26.03 2.93
CA GLY D 45 21.31 26.75 2.93
C GLY D 45 21.16 27.68 1.74
N LYS D 46 22.22 28.43 1.41
CA LYS D 46 22.16 29.37 0.29
C LYS D 46 21.98 28.64 -1.03
N ILE D 47 22.72 27.53 -1.23
CA ILE D 47 22.54 26.74 -2.46
C ILE D 47 21.11 26.20 -2.55
N MET D 48 20.56 25.72 -1.42
CA MET D 48 19.21 25.18 -1.43
C MET D 48 18.19 26.23 -1.81
N GLU D 49 18.34 27.45 -1.26
CA GLU D 49 17.41 28.53 -1.60
C GLU D 49 17.47 28.85 -3.08
N LYS D 50 18.67 28.78 -3.68
CA LYS D 50 18.75 28.91 -5.14
C LYS D 50 17.92 27.83 -5.84
N GLN D 51 18.07 26.57 -5.39
CA GLN D 51 17.36 25.45 -6.03
C GLN D 51 15.85 25.44 -5.74
N MET D 52 15.35 26.21 -4.77
CA MET D 52 13.94 26.19 -4.40
C MET D 52 13.13 27.32 -5.04
N LYS D 53 13.69 27.98 -6.05
CA LYS D 53 12.96 28.99 -6.81
C LYS D 53 11.68 28.37 -7.39
N PRO D 54 10.61 29.16 -7.55
CA PRO D 54 9.30 28.58 -7.92
C PRO D 54 9.29 27.90 -9.28
N ALA D 55 8.56 26.78 -9.34
CA ALA D 55 8.46 25.96 -10.54
C ALA D 55 7.10 25.30 -10.54
N ASP D 56 6.89 24.38 -11.48
CA ASP D 56 5.89 23.36 -11.30
C ASP D 56 6.58 22.08 -10.83
N TYR D 57 5.78 21.14 -10.32
CA TYR D 57 6.29 19.96 -9.62
C TYR D 57 5.66 18.70 -10.17
N LEU D 58 6.47 17.65 -10.30
CA LEU D 58 6.00 16.31 -10.68
C LEU D 58 6.50 15.35 -9.61
N LEU D 59 5.56 14.69 -8.93
CA LEU D 59 5.91 13.91 -7.74
C LEU D 59 5.18 12.58 -7.71
N GLY D 60 5.84 11.58 -7.12
CA GLY D 60 5.13 10.37 -6.75
C GLY D 60 4.19 10.63 -5.58
N ARG D 61 3.11 9.84 -5.54
CA ARG D 61 2.08 10.07 -4.53
C ARG D 61 2.66 10.01 -3.12
N LYS D 62 3.60 9.11 -2.85
CA LYS D 62 4.15 9.01 -1.50
C LYS D 62 4.94 10.27 -1.15
N THR D 63 5.80 10.74 -2.06
CA THR D 63 6.54 11.98 -1.77
C THR D 63 5.59 13.16 -1.63
N PHE D 64 4.56 13.22 -2.50
CA PHE D 64 3.54 14.24 -2.38
C PHE D 64 2.87 14.20 -1.01
N GLU D 65 2.62 13.00 -0.48
CA GLU D 65 1.93 12.92 0.81
C GLU D 65 2.84 13.34 1.95
N ILE D 66 4.13 12.97 1.87
CA ILE D 66 5.12 13.46 2.84
C ILE D 66 5.12 14.98 2.82
N PHE D 67 5.24 15.55 1.61
CA PHE D 67 5.28 17.00 1.49
C PHE D 67 3.99 17.62 2.02
N ALA D 68 2.85 17.00 1.74
CA ALA D 68 1.56 17.58 2.10
C ALA D 68 1.34 17.58 3.59
N SER D 69 1.98 16.65 4.32
CA SER D 69 1.93 16.73 5.78
C SER D 69 2.69 17.92 6.35
N TYR D 70 3.64 18.49 5.61
CA TYR D 70 4.54 19.48 6.22
C TYR D 70 4.50 20.85 5.54
N TRP D 71 4.76 20.92 4.23
CA TRP D 71 4.99 22.19 3.56
C TRP D 71 3.78 23.15 3.54
N PRO D 72 2.52 22.72 3.61
CA PRO D 72 1.47 23.74 3.75
C PRO D 72 1.67 24.63 4.97
N GLU D 73 2.23 24.10 6.06
CA GLU D 73 2.53 24.88 7.26
C GLU D 73 3.90 25.57 7.20
N HIS D 74 4.55 25.62 6.03
CA HIS D 74 5.86 26.28 5.93
C HIS D 74 5.97 27.07 4.63
N ALA D 75 4.87 27.70 4.20
CA ALA D 75 4.86 28.47 2.97
C ALA D 75 5.86 29.60 2.96
N ASP D 76 6.25 30.10 4.13
CA ASP D 76 7.24 31.18 4.14
C ASP D 76 8.62 30.64 3.77
N PHE D 77 8.95 29.43 4.22
CA PHE D 77 10.24 28.85 3.87
C PHE D 77 10.29 28.45 2.39
N TRP D 78 9.27 27.74 1.91
CA TRP D 78 9.22 27.31 0.50
C TRP D 78 7.89 27.72 -0.12
N PRO D 79 7.77 28.99 -0.54
CA PRO D 79 6.54 29.39 -1.25
C PRO D 79 6.34 28.63 -2.55
N GLY D 80 7.44 28.37 -3.27
CA GLY D 80 7.33 27.73 -4.58
C GLY D 80 6.52 26.45 -4.58
N ILE D 81 6.80 25.55 -3.63
CA ILE D 81 6.09 24.28 -3.61
C ILE D 81 4.60 24.47 -3.28
N ASN D 82 4.25 25.57 -2.61
CA ASN D 82 2.85 25.85 -2.31
C ASN D 82 2.14 26.55 -3.47
N ASP D 83 2.80 27.49 -4.12
CA ASP D 83 2.16 28.23 -5.21
C ASP D 83 2.25 27.50 -6.54
N GLY D 84 3.27 26.66 -6.71
CA GLY D 84 3.39 25.90 -7.92
C GLY D 84 2.30 24.85 -8.01
N THR D 85 2.01 24.46 -9.25
CA THR D 85 1.13 23.32 -9.49
C THR D 85 1.92 22.05 -9.28
N LYS D 86 1.29 21.09 -8.62
CA LYS D 86 1.91 19.81 -8.28
C LYS D 86 1.14 18.73 -9.02
N TYR D 87 1.77 18.22 -10.07
CA TYR D 87 1.29 17.04 -10.76
C TYR D 87 1.78 15.81 -10.02
N VAL D 88 0.84 14.99 -9.59
CA VAL D 88 1.09 13.86 -8.72
C VAL D 88 0.71 12.59 -9.46
N MET D 89 1.64 11.67 -9.58
CA MET D 89 1.37 10.38 -10.19
C MET D 89 0.68 9.47 -9.16
N SER D 90 -0.55 9.06 -9.44
CA SER D 90 -1.27 8.19 -8.51
C SER D 90 -2.38 7.47 -9.25
N LYS D 91 -2.49 6.17 -9.03
CA LYS D 91 -3.66 5.44 -9.53
C LYS D 91 -4.78 5.42 -8.51
N THR D 92 -4.55 6.00 -7.33
CA THR D 92 -5.55 6.00 -6.27
C THR D 92 -6.00 7.42 -5.92
N VAL D 93 -5.10 8.30 -5.52
CA VAL D 93 -5.51 9.60 -4.99
C VAL D 93 -5.95 10.50 -6.14
N LYS D 94 -7.12 11.12 -5.99
CA LYS D 94 -7.65 12.05 -6.99
C LYS D 94 -7.86 13.46 -6.43
N LYS D 95 -7.85 13.65 -5.12
CA LYS D 95 -8.00 14.97 -4.56
C LYS D 95 -7.09 15.13 -3.33
N SER D 96 -6.88 16.38 -2.95
CA SER D 96 -6.09 16.78 -1.79
C SER D 96 -6.57 18.16 -1.33
N ASP D 97 -6.52 18.39 -0.02
CA ASP D 97 -6.79 19.73 0.51
C ASP D 97 -5.61 20.67 0.36
N TRP D 98 -4.51 20.23 -0.27
CA TRP D 98 -3.35 21.07 -0.56
C TRP D 98 -3.55 21.73 -1.93
N LYS D 99 -3.57 23.05 -1.95
CA LYS D 99 -3.96 23.82 -3.13
C LYS D 99 -3.05 23.54 -4.31
N ASN D 100 -3.64 23.58 -5.51
CA ASN D 100 -2.94 23.41 -6.78
C ASN D 100 -2.36 22.01 -6.88
N SER D 101 -3.21 21.00 -6.78
CA SER D 101 -2.78 19.62 -6.95
C SER D 101 -3.58 19.01 -8.11
N VAL D 102 -2.85 18.49 -9.08
CA VAL D 102 -3.44 17.79 -10.22
C VAL D 102 -2.94 16.35 -10.18
N PHE D 103 -3.83 15.39 -10.40
CA PHE D 103 -3.48 13.99 -10.30
C PHE D 103 -3.49 13.32 -11.67
N LEU D 104 -2.34 12.77 -12.06
CA LEU D 104 -2.12 12.02 -13.28
C LEU D 104 -2.04 10.53 -12.96
N GLU D 105 -2.31 9.70 -13.97
CA GLU D 105 -2.44 8.26 -13.76
C GLU D 105 -1.47 7.40 -14.56
N SER D 106 -0.93 7.87 -15.67
CA SER D 106 -0.25 7.01 -16.61
C SER D 106 1.00 7.70 -17.16
N LEU D 107 1.85 6.89 -17.80
CA LEU D 107 3.01 7.44 -18.48
C LEU D 107 2.59 8.46 -19.54
N ALA D 108 1.48 8.20 -20.24
CA ALA D 108 1.09 9.07 -21.35
C ALA D 108 0.63 10.43 -20.82
N ASP D 109 -0.08 10.46 -19.69
CA ASP D 109 -0.41 11.72 -19.05
C ASP D 109 0.84 12.51 -18.66
N ILE D 110 1.94 11.83 -18.29
CA ILE D 110 3.17 12.58 -18.02
C ILE D 110 3.75 13.14 -19.30
N LYS D 111 3.69 12.37 -20.39
CA LYS D 111 4.18 12.92 -21.66
C LYS D 111 3.34 14.10 -22.11
N LYS D 112 2.02 14.04 -21.84
CA LYS D 112 1.12 15.14 -22.13
C LYS D 112 1.48 16.38 -21.32
N LEU D 113 1.79 16.19 -20.03
CA LEU D 113 2.25 17.31 -19.20
C LEU D 113 3.55 17.92 -19.73
N LYS D 114 4.51 17.07 -20.10
CA LYS D 114 5.78 17.57 -20.59
C LYS D 114 5.62 18.36 -21.89
N ASN D 115 4.62 18.04 -22.69
CA ASN D 115 4.39 18.71 -23.98
C ASN D 115 3.39 19.84 -23.89
N SER D 116 2.92 20.18 -22.69
CA SER D 116 2.08 21.35 -22.53
C SER D 116 2.96 22.61 -22.44
N GLU D 117 2.30 23.76 -22.48
CA GLU D 117 2.98 25.04 -22.37
C GLU D 117 2.96 25.47 -20.91
N GLY D 118 4.11 25.87 -20.38
CA GLY D 118 4.16 26.25 -18.98
C GLY D 118 5.57 26.16 -18.43
N SER D 119 5.63 26.28 -17.10
CA SER D 119 6.90 26.27 -16.38
C SER D 119 7.62 24.93 -16.45
N ASP D 120 8.95 25.01 -16.52
CA ASP D 120 9.80 23.85 -16.31
C ASP D 120 9.42 23.13 -15.01
N ILE D 121 9.61 21.82 -15.00
CA ILE D 121 9.11 20.97 -13.93
C ILE D 121 10.26 20.43 -13.11
N GLN D 122 10.09 20.48 -11.78
CA GLN D 122 10.99 19.91 -10.80
C GLN D 122 10.40 18.65 -10.17
N VAL D 123 11.23 17.62 -10.03
CA VAL D 123 10.91 16.39 -9.32
C VAL D 123 11.78 16.31 -8.07
N TRP D 124 11.14 16.10 -6.93
CA TRP D 124 11.79 15.93 -5.64
C TRP D 124 11.32 14.59 -5.06
N GLY D 125 12.21 13.92 -4.31
CA GLY D 125 11.87 12.60 -3.75
C GLY D 125 11.53 11.65 -4.88
N SER D 126 10.41 10.91 -4.72
CA SER D 126 9.77 10.22 -5.86
C SER D 126 10.68 9.20 -6.57
N GLY D 127 11.36 8.36 -5.77
CA GLY D 127 12.29 7.39 -6.34
C GLY D 127 11.63 6.45 -7.33
N GLU D 128 10.44 5.96 -7.00
CA GLU D 128 9.76 5.04 -7.90
C GLU D 128 9.32 5.74 -9.20
N LEU D 129 8.62 6.89 -9.06
CA LEU D 129 8.27 7.66 -10.25
C LEU D 129 9.51 7.95 -11.08
N ILE D 130 10.63 8.29 -10.43
CA ILE D 130 11.84 8.57 -11.18
C ILE D 130 12.27 7.34 -11.99
N GLN D 131 12.08 6.12 -11.47
CA GLN D 131 12.44 4.95 -12.28
C GLN D 131 11.63 4.95 -13.58
N LEU D 132 10.34 5.31 -13.49
CA LEU D 132 9.55 5.42 -14.72
C LEU D 132 10.10 6.50 -15.65
N LEU D 133 10.55 7.63 -15.08
CA LEU D 133 11.08 8.71 -15.91
C LEU D 133 12.39 8.33 -16.57
N PHE D 134 13.30 7.69 -15.84
CA PHE D 134 14.59 7.28 -16.39
C PHE D 134 14.40 6.25 -17.49
N LYS D 135 13.55 5.25 -17.23
CA LYS D 135 13.35 4.19 -18.23
C LYS D 135 12.93 4.78 -19.58
N ASN D 136 12.10 5.83 -19.55
CA ASN D 136 11.54 6.43 -20.75
C ASN D 136 12.30 7.67 -21.20
N ASP D 137 13.48 7.93 -20.60
CA ASP D 137 14.34 9.04 -21.03
C ASP D 137 13.61 10.39 -20.97
N LEU D 138 12.86 10.63 -19.89
CA LEU D 138 12.10 11.86 -19.72
C LEU D 138 12.76 12.85 -18.78
N VAL D 139 14.00 12.62 -18.34
CA VAL D 139 14.70 13.49 -17.42
C VAL D 139 15.78 14.25 -18.19
N ASP D 140 15.65 15.57 -18.20
CA ASP D 140 16.60 16.39 -18.94
C ASP D 140 17.80 16.82 -18.12
N GLU D 141 17.64 16.90 -16.80
CA GLU D 141 18.66 17.45 -15.92
C GLU D 141 18.59 16.76 -14.57
N LEU D 142 19.75 16.61 -13.96
CA LEU D 142 19.92 15.98 -12.67
C LEU D 142 20.63 16.96 -11.77
N TRP D 143 20.04 17.29 -10.63
CA TRP D 143 20.72 18.09 -9.64
C TRP D 143 20.96 17.21 -8.44
N LEU D 144 22.22 16.82 -8.23
CA LEU D 144 22.61 15.91 -7.16
C LEU D 144 23.33 16.64 -6.03
N LYS D 145 23.01 16.23 -4.82
CA LYS D 145 23.70 16.59 -3.59
C LYS D 145 24.25 15.26 -3.01
N ILE D 146 25.55 15.03 -3.16
CA ILE D 146 26.22 13.78 -2.75
C ILE D 146 26.88 14.02 -1.40
N PHE D 147 26.38 13.31 -0.38
CA PHE D 147 26.70 13.33 1.04
C PHE D 147 27.81 12.33 1.34
N PRO D 148 28.78 12.67 2.20
CA PRO D 148 29.91 11.77 2.46
C PRO D 148 29.51 10.66 3.43
N VAL D 149 28.65 9.76 2.98
CA VAL D 149 28.20 8.66 3.82
C VAL D 149 27.79 7.49 2.94
N THR D 150 27.79 6.30 3.53
CA THR D 150 27.35 5.09 2.86
C THR D 150 26.45 4.31 3.81
N LEU D 151 25.39 3.73 3.24
CA LEU D 151 24.44 2.87 3.93
C LEU D 151 24.27 1.64 3.06
N ASN D 152 24.12 0.48 3.63
CA ASN D 152 24.01 -0.62 2.67
C ASN D 152 22.67 -0.54 1.95
N THR D 153 21.60 -0.59 2.72
CA THR D 153 20.25 -0.74 2.19
C THR D 153 19.50 0.60 2.10
N GLY D 154 18.39 0.55 1.37
CA GLY D 154 17.50 1.68 1.22
C GLY D 154 17.18 1.95 -0.23
N LYS D 155 16.09 2.67 -0.49
CA LYS D 155 15.76 3.03 -1.87
C LYS D 155 16.85 3.89 -2.49
N ARG D 156 17.13 3.65 -3.76
CA ARG D 156 18.23 4.30 -4.47
C ARG D 156 17.67 5.26 -5.52
N LEU D 157 18.46 6.25 -5.88
CA LEU D 157 18.04 7.11 -6.98
C LEU D 157 18.18 6.38 -8.29
N PHE D 158 19.30 5.69 -8.50
CA PHE D 158 19.53 4.97 -9.75
C PHE D 158 19.14 3.49 -9.53
N GLY D 159 17.85 3.22 -9.67
CA GLY D 159 17.33 1.89 -9.46
C GLY D 159 16.90 1.18 -10.73
N ASP D 160 15.78 0.45 -10.63
CA ASP D 160 15.25 -0.37 -11.72
C ASP D 160 15.22 0.29 -13.10
N GLY D 161 14.79 1.55 -13.17
CA GLY D 161 14.64 2.19 -14.47
C GLY D 161 15.89 2.78 -15.05
N THR D 162 17.01 2.74 -14.34
CA THR D 162 18.22 3.34 -14.86
C THR D 162 18.58 2.77 -16.23
N ILE D 163 18.97 3.63 -17.14
CA ILE D 163 19.35 3.20 -18.48
C ILE D 163 20.73 3.74 -18.80
N PRO D 164 21.43 3.11 -19.74
CA PRO D 164 22.73 3.67 -20.17
C PRO D 164 22.50 5.02 -20.80
N ALA D 165 23.17 6.04 -20.26
CA ALA D 165 23.03 7.40 -20.75
C ALA D 165 24.24 8.23 -20.37
N ALA D 166 24.66 9.09 -21.29
CA ALA D 166 25.71 10.06 -21.01
C ALA D 166 25.12 11.40 -20.57
N PHE D 167 25.93 12.16 -19.83
CA PHE D 167 25.54 13.44 -19.25
C PHE D 167 26.68 14.43 -19.41
N THR D 168 26.36 15.69 -19.17
CA THR D 168 27.34 16.76 -19.12
C THR D 168 27.27 17.40 -17.75
N LEU D 169 28.43 17.61 -17.13
CA LEU D 169 28.45 18.39 -15.89
C LEU D 169 28.30 19.85 -16.29
N ILE D 170 27.17 20.46 -15.95
CA ILE D 170 26.98 21.89 -16.26
C ILE D 170 27.40 22.77 -15.10
N GLU D 171 27.23 22.33 -13.84
CA GLU D 171 27.84 23.11 -12.78
C GLU D 171 28.11 22.24 -11.58
N SER D 172 28.98 22.74 -10.70
CA SER D 172 29.31 21.97 -9.51
C SER D 172 29.93 22.87 -8.45
N SER D 173 29.72 22.47 -7.20
CA SER D 173 30.30 23.21 -6.11
C SER D 173 30.38 22.27 -4.91
N VAL D 174 30.91 22.78 -3.80
CA VAL D 174 31.08 22.00 -2.60
C VAL D 174 30.75 22.84 -1.37
N THR D 175 30.56 22.14 -0.27
CA THR D 175 30.01 22.57 0.98
C THR D 175 31.01 22.33 2.11
N PRO D 176 31.14 23.27 3.06
CA PRO D 176 32.11 23.07 4.15
C PRO D 176 31.93 21.77 4.91
N SER D 177 30.71 21.25 5.03
CA SER D 177 30.50 20.00 5.74
C SER D 177 30.70 18.78 4.85
N GLY D 178 31.19 18.95 3.62
CA GLY D 178 31.59 17.85 2.77
C GLY D 178 30.56 17.36 1.77
N VAL D 179 29.53 18.13 1.51
CA VAL D 179 28.52 17.76 0.54
C VAL D 179 28.98 18.28 -0.81
N ILE D 180 28.88 17.43 -1.84
CA ILE D 180 29.26 17.78 -3.20
C ILE D 180 27.98 18.03 -4.00
N ILE D 181 27.92 19.14 -4.73
CA ILE D 181 26.76 19.48 -5.53
C ILE D 181 27.16 19.40 -6.99
N ALA D 182 26.42 18.61 -7.76
CA ALA D 182 26.71 18.38 -9.17
C ALA D 182 25.42 18.45 -9.96
N ASN D 183 25.35 19.35 -10.93
CA ASN D 183 24.19 19.45 -11.78
C ASN D 183 24.60 19.04 -13.19
N TYR D 184 23.82 18.11 -13.72
CA TYR D 184 24.15 17.52 -15.04
C TYR D 184 23.01 17.69 -16.03
N LYS D 185 23.36 17.62 -17.31
CA LYS D 185 22.36 17.69 -18.39
C LYS D 185 22.45 16.42 -19.23
N ARG D 186 21.32 15.84 -19.62
CA ARG D 186 21.35 14.66 -20.53
C ARG D 186 22.15 15.04 -21.76
N ALA D 187 23.00 14.14 -22.24
CA ALA D 187 23.88 14.52 -23.35
C ALA D 187 24.16 13.38 -24.33
N GLY D 188 23.17 12.56 -24.64
CA GLY D 188 23.43 11.57 -25.70
C GLY D 188 23.78 10.17 -25.24
N GLU D 189 24.34 9.37 -26.13
CA GLU D 189 24.60 7.95 -25.82
C GLU D 189 25.98 7.74 -25.19
N VAL D 190 26.11 6.67 -24.40
CA VAL D 190 27.40 6.36 -23.74
C VAL D 190 28.42 5.97 -24.80
N LYS D 191 29.53 6.68 -24.85
CA LYS D 191 30.58 6.32 -25.80
C LYS D 191 31.75 5.64 -25.09
N THR D 192 32.39 4.70 -25.80
CA THR D 192 33.51 3.95 -25.26
C THR D 192 34.76 4.16 -26.13
N GLY D 193 35.87 3.66 -25.61
CA GLY D 193 37.13 3.71 -26.31
C GLY D 193 38.16 2.89 -25.58
N THR D 194 39.43 3.08 -25.94
CA THR D 194 40.55 2.39 -25.29
C THR D 194 41.53 3.42 -24.75
N VAL D 195 41.80 3.35 -23.47
CA VAL D 195 42.72 4.27 -22.83
C VAL D 195 44.17 3.97 -23.23
N MET E 1 -21.96 40.81 22.77
CA MET E 1 -21.16 40.50 21.60
C MET E 1 -20.62 41.78 20.91
N ARG E 2 -19.32 41.83 20.66
CA ARG E 2 -18.74 42.93 19.89
C ARG E 2 -18.61 42.55 18.41
N LYS E 3 -18.77 43.53 17.55
CA LYS E 3 -18.60 43.34 16.11
C LYS E 3 -17.12 43.34 15.74
N ILE E 4 -16.75 42.44 14.83
CA ILE E 4 -15.40 42.44 14.25
C ILE E 4 -15.51 42.78 12.77
N THR E 5 -14.76 43.80 12.38
CA THR E 5 -14.67 44.25 11.00
C THR E 5 -13.23 44.09 10.57
N VAL E 6 -13.03 43.46 9.42
CA VAL E 6 -11.70 43.30 8.85
C VAL E 6 -11.56 44.35 7.77
N LEU E 7 -10.54 45.17 7.87
CA LEU E 7 -10.27 46.18 6.86
C LEU E 7 -8.96 45.80 6.16
N SER E 8 -9.04 45.57 4.85
CA SER E 8 -7.88 45.15 4.07
C SER E 8 -7.76 45.90 2.75
N PHE E 9 -6.52 46.29 2.43
CA PHE E 9 -6.11 46.77 1.12
C PHE E 9 -5.58 45.58 0.36
N ILE E 10 -6.20 45.25 -0.78
CA ILE E 10 -5.84 44.04 -1.52
C ILE E 10 -5.67 44.35 -3.00
N THR E 11 -4.89 43.50 -3.66
CA THR E 11 -4.77 43.57 -5.10
C THR E 11 -5.94 42.82 -5.75
N LEU E 12 -6.08 43.01 -7.07
CA LEU E 12 -7.12 42.32 -7.82
C LEU E 12 -7.06 40.81 -7.58
N ASP E 13 -5.85 40.27 -7.63
CA ASP E 13 -5.69 38.84 -7.46
C ASP E 13 -5.56 38.43 -6.00
N GLY E 14 -5.69 39.38 -5.06
CA GLY E 14 -5.88 39.05 -3.66
C GLY E 14 -4.70 39.19 -2.71
N VAL E 15 -3.64 39.87 -3.09
CA VAL E 15 -2.46 39.97 -2.25
C VAL E 15 -2.61 41.15 -1.30
N MET E 16 -2.25 40.96 -0.02
CA MET E 16 -2.31 42.08 0.92
C MET E 16 -0.97 42.43 1.54
N GLN E 17 0.07 41.63 1.31
CA GLN E 17 1.37 41.82 1.97
C GLN E 17 2.00 43.17 1.62
N ALA E 18 2.51 43.84 2.66
CA ALA E 18 3.30 45.06 2.54
C ALA E 18 2.67 46.15 1.65
N PRO E 19 1.47 46.64 1.98
CA PRO E 19 0.89 47.69 1.13
C PRO E 19 1.67 49.00 1.14
N GLY E 20 2.29 49.37 2.25
CA GLY E 20 2.71 50.73 2.48
C GLY E 20 4.09 51.18 2.02
N GLY E 21 5.09 50.31 2.08
CA GLY E 21 6.42 50.70 1.68
C GLY E 21 7.35 49.51 1.43
N PRO E 22 8.49 49.80 0.79
CA PRO E 22 9.35 48.72 0.29
C PRO E 22 9.94 47.80 1.36
N GLU E 23 9.99 48.22 2.64
CA GLU E 23 10.60 47.37 3.67
C GLU E 23 9.61 46.93 4.75
N GLU E 24 8.31 47.12 4.54
CA GLU E 24 7.32 46.70 5.53
C GLU E 24 7.35 45.19 5.77
N ASP E 25 7.41 44.39 4.71
CA ASP E 25 7.43 42.93 4.85
C ASP E 25 8.01 42.33 3.57
N THR E 26 9.30 41.98 3.63
CA THR E 26 9.99 41.36 2.50
C THR E 26 10.08 39.83 2.63
N SER E 27 9.36 39.25 3.60
CA SER E 27 9.32 37.81 3.75
C SER E 27 8.80 37.16 2.46
N GLY E 28 9.12 35.88 2.29
CA GLY E 28 8.64 35.12 1.15
C GLY E 28 9.08 35.64 -0.19
N GLY E 29 10.11 36.50 -0.22
CA GLY E 29 10.64 37.04 -1.45
C GLY E 29 9.88 38.19 -2.03
N PHE E 30 8.79 38.63 -1.39
CA PHE E 30 7.94 39.71 -1.89
C PHE E 30 8.76 40.93 -2.24
N LYS E 31 8.72 41.33 -3.51
CA LYS E 31 9.48 42.45 -4.05
C LYS E 31 8.65 43.71 -4.24
N TYR E 32 7.35 43.70 -3.96
CA TYR E 32 6.46 44.79 -4.34
C TYR E 32 5.87 45.54 -3.14
N GLY E 33 6.60 45.57 -2.02
CA GLY E 33 6.19 46.43 -0.93
C GLY E 33 5.99 47.87 -1.40
N GLY E 34 4.93 48.51 -0.90
CA GLY E 34 4.59 49.86 -1.34
C GLY E 34 3.75 49.92 -2.61
N TRP E 35 2.97 48.87 -2.92
CA TRP E 35 2.23 48.85 -4.17
C TRP E 35 0.99 49.74 -4.15
N THR E 36 0.47 50.10 -2.97
CA THR E 36 -0.67 51.00 -2.90
C THR E 36 -0.30 52.46 -3.11
N ALA E 37 1.00 52.78 -3.16
CA ALA E 37 1.43 54.18 -3.23
C ALA E 37 0.98 54.93 -4.47
N PRO E 38 1.03 54.38 -5.70
CA PRO E 38 0.53 55.14 -6.86
C PRO E 38 -0.94 55.52 -6.80
N TYR E 39 -1.73 54.92 -5.89
CA TYR E 39 -3.16 55.19 -5.79
C TYR E 39 -3.51 55.97 -4.53
N GLU E 40 -2.53 56.70 -3.97
CA GLU E 40 -2.79 57.67 -2.89
C GLU E 40 -3.61 58.83 -3.42
N ASP E 41 -4.75 59.08 -2.79
CA ASP E 41 -5.70 60.08 -3.29
C ASP E 41 -6.35 60.78 -2.09
N GLU E 42 -6.89 61.98 -2.33
CA GLU E 42 -7.37 62.83 -1.25
C GLU E 42 -8.80 62.53 -0.80
N VAL E 43 -9.69 62.15 -1.73
CA VAL E 43 -10.97 61.57 -1.29
C VAL E 43 -10.74 60.14 -0.79
N SER E 44 -9.63 59.51 -1.17
CA SER E 44 -9.21 58.26 -0.53
C SER E 44 -8.89 58.49 0.94
N GLY E 45 -8.14 59.55 1.26
CA GLY E 45 -7.91 59.93 2.65
C GLY E 45 -9.19 60.38 3.36
N LYS E 46 -10.11 61.00 2.61
CA LYS E 46 -11.40 61.42 3.16
C LYS E 46 -12.26 60.23 3.57
N ILE E 47 -12.27 59.14 2.78
CA ILE E 47 -13.01 57.94 3.19
C ILE E 47 -12.23 57.15 4.25
N MET E 48 -10.89 57.28 4.25
CA MET E 48 -10.08 56.68 5.29
C MET E 48 -10.44 57.26 6.66
N GLU E 49 -10.52 58.60 6.77
CA GLU E 49 -10.91 59.21 8.04
C GLU E 49 -12.30 58.74 8.50
N LYS E 50 -13.18 58.38 7.56
CA LYS E 50 -14.41 57.68 7.91
C LYS E 50 -14.11 56.36 8.60
N GLN E 51 -13.20 55.56 8.01
CA GLN E 51 -12.87 54.24 8.57
C GLN E 51 -12.02 54.33 9.85
N MET E 52 -11.33 55.45 10.09
CA MET E 52 -10.36 55.53 11.18
C MET E 52 -10.92 56.13 12.48
N LYS E 53 -12.24 56.28 12.59
CA LYS E 53 -12.81 56.80 13.83
C LYS E 53 -12.61 55.79 14.97
N PRO E 54 -12.56 56.27 16.22
CA PRO E 54 -12.09 55.42 17.33
C PRO E 54 -12.88 54.12 17.52
N ALA E 55 -12.13 53.06 17.86
CA ALA E 55 -12.66 51.74 18.11
C ALA E 55 -11.67 50.99 18.99
N ASP E 56 -11.96 49.73 19.26
CA ASP E 56 -10.98 48.80 19.79
C ASP E 56 -10.39 47.97 18.64
N TYR E 57 -9.26 47.32 18.88
CA TYR E 57 -8.52 46.72 17.79
C TYR E 57 -8.10 45.30 18.12
N LEU E 58 -8.07 44.45 17.09
CA LEU E 58 -7.57 43.08 17.19
C LEU E 58 -6.53 42.89 16.10
N LEU E 59 -5.30 42.54 16.50
CA LEU E 59 -4.19 42.50 15.56
C LEU E 59 -3.32 41.27 15.80
N GLY E 60 -2.73 40.77 14.72
CA GLY E 60 -1.64 39.82 14.87
C GLY E 60 -0.40 40.52 15.35
N ARG E 61 0.52 39.75 15.95
CA ARG E 61 1.68 40.37 16.58
C ARG E 61 2.51 41.14 15.56
N LYS E 62 2.66 40.60 14.35
CA LYS E 62 3.52 41.23 13.35
C LYS E 62 2.95 42.58 12.89
N THR E 63 1.65 42.63 12.60
CA THR E 63 1.04 43.90 12.24
C THR E 63 1.13 44.86 13.41
N PHE E 64 1.01 44.34 14.63
CA PHE E 64 1.14 45.21 15.81
C PHE E 64 2.52 45.82 15.86
N GLU E 65 3.57 45.02 15.64
CA GLU E 65 4.92 45.56 15.70
C GLU E 65 5.19 46.54 14.55
N ILE E 66 4.55 46.33 13.39
CA ILE E 66 4.68 47.28 12.29
C ILE E 66 3.99 48.60 12.65
N PHE E 67 2.79 48.52 13.23
CA PHE E 67 2.08 49.71 13.68
C PHE E 67 2.83 50.45 14.77
N ALA E 68 3.43 49.70 15.71
CA ALA E 68 4.06 50.29 16.89
C ALA E 68 5.25 51.16 16.54
N SER E 69 5.96 50.81 15.46
CA SER E 69 7.09 51.62 15.03
C SER E 69 6.68 52.96 14.44
N TYR E 70 5.41 53.14 14.08
CA TYR E 70 5.01 54.34 13.35
C TYR E 70 3.93 55.15 14.06
N TRP E 71 2.83 54.53 14.44
CA TRP E 71 1.65 55.28 14.86
C TRP E 71 1.74 56.01 16.19
N PRO E 72 2.48 55.53 17.20
CA PRO E 72 2.61 56.34 18.41
C PRO E 72 3.17 57.74 18.14
N GLU E 73 4.07 57.85 17.18
CA GLU E 73 4.67 59.12 16.81
C GLU E 73 3.83 59.89 15.79
N HIS E 74 2.70 59.36 15.34
CA HIS E 74 1.84 60.09 14.42
C HIS E 74 0.41 60.04 14.90
N ALA E 75 0.21 60.20 16.22
CA ALA E 75 -1.11 60.11 16.83
C ALA E 75 -2.03 61.24 16.39
N ASP E 76 -1.50 62.31 15.81
CA ASP E 76 -2.36 63.35 15.28
C ASP E 76 -3.25 62.83 14.15
N PHE E 77 -2.65 62.15 13.16
CA PHE E 77 -3.40 61.71 12.00
C PHE E 77 -4.36 60.57 12.33
N TRP E 78 -3.99 59.69 13.26
CA TRP E 78 -4.84 58.58 13.68
C TRP E 78 -4.90 58.54 15.21
N PRO E 79 -5.73 59.40 15.83
CA PRO E 79 -5.89 59.30 17.29
C PRO E 79 -6.45 57.97 17.74
N GLY E 80 -7.37 57.39 16.95
CA GLY E 80 -8.12 56.23 17.40
C GLY E 80 -7.25 55.02 17.70
N ILE E 81 -6.16 54.85 16.95
CA ILE E 81 -5.31 53.68 17.11
C ILE E 81 -4.48 53.80 18.38
N ASN E 82 -4.22 55.02 18.84
CA ASN E 82 -3.48 55.24 20.08
C ASN E 82 -4.39 55.20 21.30
N ASP E 83 -5.61 55.74 21.20
CA ASP E 83 -6.52 55.77 22.35
C ASP E 83 -7.22 54.44 22.58
N GLY E 84 -7.48 53.67 21.52
CA GLY E 84 -8.22 52.43 21.68
C GLY E 84 -7.36 51.30 22.21
N THR E 85 -8.03 50.30 22.79
CA THR E 85 -7.35 49.11 23.29
C THR E 85 -6.95 48.21 22.12
N LYS E 86 -5.68 47.82 22.06
CA LYS E 86 -5.17 46.96 21.01
C LYS E 86 -4.96 45.58 21.61
N TYR E 87 -5.86 44.64 21.26
CA TYR E 87 -5.69 43.25 21.60
C TYR E 87 -4.80 42.61 20.55
N VAL E 88 -3.70 42.01 21.02
CA VAL E 88 -2.71 41.43 20.08
C VAL E 88 -2.55 39.94 20.37
N MET E 89 -2.66 39.12 19.34
CA MET E 89 -2.45 37.66 19.52
C MET E 89 -0.96 37.37 19.41
N SER E 90 -0.37 36.86 20.48
CA SER E 90 1.06 36.47 20.44
C SER E 90 1.29 35.39 21.49
N LYS E 91 2.21 34.48 21.23
CA LYS E 91 2.59 33.48 22.25
C LYS E 91 4.02 33.81 22.67
N THR E 92 4.55 34.94 22.20
CA THR E 92 5.88 35.38 22.60
C THR E 92 5.86 36.70 23.36
N VAL E 93 5.18 37.72 22.82
CA VAL E 93 5.14 39.03 23.46
C VAL E 93 4.13 39.02 24.59
N LYS E 94 4.51 39.61 25.73
CA LYS E 94 3.64 39.73 26.88
C LYS E 94 3.40 41.16 27.33
N LYS E 95 4.24 42.11 26.95
CA LYS E 95 4.03 43.50 27.34
C LYS E 95 4.71 44.39 26.33
N SER E 96 4.07 45.53 26.05
CA SER E 96 4.54 46.49 25.08
C SER E 96 4.57 47.88 25.70
N ASP E 97 5.50 48.72 25.21
CA ASP E 97 5.56 50.11 25.66
C ASP E 97 4.37 50.92 25.15
N TRP E 98 3.83 50.55 23.99
CA TRP E 98 2.70 51.27 23.41
C TRP E 98 1.48 51.17 24.33
N LYS E 99 0.84 52.32 24.55
CA LYS E 99 -0.24 52.42 25.53
C LYS E 99 -1.45 51.56 25.14
N ASN E 100 -2.08 50.95 26.15
CA ASN E 100 -3.31 50.16 25.99
C ASN E 100 -3.13 48.98 25.01
N SER E 101 -2.19 48.11 25.33
CA SER E 101 -2.00 46.88 24.58
C SER E 101 -2.23 45.72 25.52
N VAL E 102 -3.10 44.80 25.12
CA VAL E 102 -3.39 43.59 25.90
C VAL E 102 -3.08 42.41 25.00
N PHE E 103 -2.40 41.41 25.54
CA PHE E 103 -1.94 40.28 24.76
C PHE E 103 -2.79 39.07 25.07
N LEU E 104 -3.31 38.44 24.02
CA LEU E 104 -4.04 37.19 24.09
C LEU E 104 -3.15 36.11 23.51
N GLU E 105 -3.26 34.88 24.03
CA GLU E 105 -2.45 33.79 23.51
C GLU E 105 -3.24 32.66 22.87
N SER E 106 -4.55 32.60 23.03
CA SER E 106 -5.30 31.44 22.56
C SER E 106 -6.56 31.89 21.82
N LEU E 107 -7.17 30.94 21.10
CA LEU E 107 -8.44 31.22 20.46
C LEU E 107 -9.51 31.50 21.50
N ALA E 108 -9.47 30.75 22.61
CA ALA E 108 -10.44 30.97 23.68
C ALA E 108 -10.43 32.42 24.15
N ASP E 109 -9.23 33.01 24.30
CA ASP E 109 -9.17 34.41 24.67
C ASP E 109 -9.90 35.28 23.66
N ILE E 110 -9.73 34.99 22.37
CA ILE E 110 -10.38 35.81 21.35
C ILE E 110 -11.89 35.68 21.44
N LYS E 111 -12.40 34.47 21.64
CA LYS E 111 -13.84 34.31 21.78
C LYS E 111 -14.36 35.09 22.97
N LYS E 112 -13.65 35.02 24.10
CA LYS E 112 -14.03 35.81 25.28
C LYS E 112 -14.01 37.31 24.99
N LEU E 113 -13.02 37.77 24.23
CA LEU E 113 -12.99 39.18 23.86
C LEU E 113 -14.20 39.55 23.00
N LYS E 114 -14.59 38.67 22.08
CA LYS E 114 -15.75 38.93 21.24
C LYS E 114 -17.03 39.02 22.07
N ASN E 115 -17.17 38.10 23.05
CA ASN E 115 -18.38 38.04 23.87
C ASN E 115 -18.41 39.06 25.01
N SER E 116 -17.30 39.75 25.27
CA SER E 116 -17.30 40.84 26.24
C SER E 116 -18.04 42.05 25.69
N GLU E 117 -18.35 43.00 26.56
CA GLU E 117 -19.01 44.23 26.13
C GLU E 117 -17.97 45.33 25.96
N GLY E 118 -18.19 46.17 24.96
CA GLY E 118 -17.31 47.29 24.72
C GLY E 118 -17.39 47.73 23.27
N SER E 119 -16.45 48.60 22.91
CA SER E 119 -16.41 49.17 21.57
C SER E 119 -16.20 48.07 20.53
N ASP E 120 -16.78 48.32 19.37
CA ASP E 120 -16.62 47.36 18.26
C ASP E 120 -15.15 47.26 17.91
N ILE E 121 -14.74 46.13 17.36
CA ILE E 121 -13.35 45.84 17.07
C ILE E 121 -13.06 45.99 15.59
N GLN E 122 -11.88 46.53 15.28
CA GLN E 122 -11.35 46.62 13.93
C GLN E 122 -10.07 45.82 13.82
N VAL E 123 -9.98 44.98 12.78
CA VAL E 123 -8.77 44.25 12.44
C VAL E 123 -8.12 44.90 11.22
N TRP E 124 -6.83 45.20 11.31
CA TRP E 124 -6.06 45.71 10.20
C TRP E 124 -4.83 44.82 9.98
N GLY E 125 -4.39 44.71 8.73
CA GLY E 125 -3.29 43.81 8.40
C GLY E 125 -3.59 42.42 8.90
N SER E 126 -2.61 41.79 9.56
CA SER E 126 -2.86 40.59 10.35
C SER E 126 -3.41 39.42 9.54
N GLY E 127 -2.79 39.15 8.38
CA GLY E 127 -3.28 38.07 7.53
C GLY E 127 -3.37 36.74 8.25
N GLU E 128 -2.32 36.37 9.00
CA GLU E 128 -2.32 35.08 9.70
C GLU E 128 -3.40 35.02 10.77
N LEU E 129 -3.54 36.10 11.54
CA LEU E 129 -4.62 36.15 12.50
C LEU E 129 -5.96 36.03 11.81
N ILE E 130 -6.13 36.75 10.69
CA ILE E 130 -7.40 36.72 9.98
C ILE E 130 -7.71 35.30 9.53
N GLN E 131 -6.67 34.51 9.18
CA GLN E 131 -6.91 33.11 8.81
C GLN E 131 -7.58 32.39 9.95
N LEU E 132 -7.09 32.64 11.17
CA LEU E 132 -7.77 32.04 12.33
C LEU E 132 -9.21 32.56 12.48
N LEU E 133 -9.42 33.85 12.24
CA LEU E 133 -10.74 34.45 12.48
C LEU E 133 -11.76 33.96 11.45
N PHE E 134 -11.33 33.84 10.18
CA PHE E 134 -12.19 33.29 9.13
C PHE E 134 -12.51 31.83 9.42
N LYS E 135 -11.48 31.04 9.77
CA LYS E 135 -11.69 29.62 10.05
C LYS E 135 -12.74 29.41 11.12
N ASN E 136 -12.83 30.33 12.07
CA ASN E 136 -13.77 30.17 13.16
C ASN E 136 -15.02 31.01 12.96
N ASP E 137 -15.15 31.66 11.80
CA ASP E 137 -16.33 32.42 11.43
C ASP E 137 -16.63 33.50 12.47
N LEU E 138 -15.62 34.32 12.78
CA LEU E 138 -15.77 35.39 13.75
C LEU E 138 -15.80 36.78 13.14
N VAL E 139 -15.47 36.93 11.87
CA VAL E 139 -15.51 38.22 11.20
C VAL E 139 -16.96 38.50 10.81
N ASP E 140 -17.46 39.66 11.18
CA ASP E 140 -18.83 40.02 10.81
C ASP E 140 -18.88 40.95 9.61
N GLU E 141 -17.85 41.77 9.38
CA GLU E 141 -17.87 42.67 8.23
C GLU E 141 -16.51 42.67 7.55
N LEU E 142 -16.53 42.99 6.26
CA LEU E 142 -15.34 43.17 5.46
C LEU E 142 -15.33 44.56 4.86
N TRP E 143 -14.23 45.28 5.01
CA TRP E 143 -14.02 46.54 4.31
C TRP E 143 -12.83 46.37 3.38
N LEU E 144 -13.08 46.33 2.08
CA LEU E 144 -12.03 46.05 1.11
C LEU E 144 -11.76 47.25 0.22
N LYS E 145 -10.49 47.47 -0.07
CA LYS E 145 -10.09 48.41 -1.12
C LYS E 145 -9.26 47.59 -2.13
N ILE E 146 -9.80 47.42 -3.33
CA ILE E 146 -9.25 46.57 -4.37
C ILE E 146 -8.55 47.44 -5.40
N PHE E 147 -7.28 47.26 -5.52
CA PHE E 147 -6.44 48.07 -6.37
C PHE E 147 -6.23 47.40 -7.73
N PRO E 148 -6.12 48.22 -8.83
CA PRO E 148 -6.01 47.70 -10.21
C PRO E 148 -4.64 47.10 -10.50
N VAL E 149 -4.21 46.18 -9.65
CA VAL E 149 -2.92 45.52 -9.78
C VAL E 149 -3.09 44.02 -9.54
N THR E 150 -2.35 43.21 -10.29
CA THR E 150 -2.09 41.83 -9.91
C THR E 150 -0.60 41.71 -9.56
N LEU E 151 -0.34 41.14 -8.39
CA LEU E 151 0.99 40.68 -8.04
C LEU E 151 0.87 39.17 -8.06
N ASN E 152 1.98 38.45 -8.03
CA ASN E 152 1.64 37.03 -8.12
C ASN E 152 1.72 36.39 -6.74
N THR E 153 2.83 36.62 -6.07
CA THR E 153 3.14 36.06 -4.78
C THR E 153 2.88 37.10 -3.68
N GLY E 154 2.85 36.62 -2.45
CA GLY E 154 2.62 37.52 -1.34
C GLY E 154 1.54 36.99 -0.42
N LYS E 155 1.54 37.47 0.81
CA LYS E 155 0.53 37.05 1.78
C LYS E 155 -0.86 37.49 1.33
N ARG E 156 -1.84 36.62 1.55
CA ARG E 156 -3.17 36.76 0.98
C ARG E 156 -4.22 37.08 2.05
N LEU E 157 -5.19 37.89 1.70
CA LEU E 157 -6.33 38.08 2.60
C LEU E 157 -7.09 36.76 2.80
N PHE E 158 -7.46 36.10 1.70
CA PHE E 158 -8.24 34.86 1.77
C PHE E 158 -7.27 33.71 1.63
N GLY E 159 -6.68 33.31 2.76
CA GLY E 159 -5.65 32.30 2.83
C GLY E 159 -6.19 30.95 3.29
N ASP E 160 -5.37 30.23 4.05
CA ASP E 160 -5.73 28.88 4.47
C ASP E 160 -6.95 28.85 5.38
N GLY E 161 -7.36 30.00 5.93
CA GLY E 161 -8.47 30.10 6.85
C GLY E 161 -9.82 30.27 6.20
N THR E 162 -9.83 30.71 4.94
CA THR E 162 -11.08 30.97 4.23
C THR E 162 -11.98 29.75 4.31
N ILE E 163 -13.26 29.99 4.55
CA ILE E 163 -14.29 28.95 4.51
C ILE E 163 -15.38 29.39 3.55
N PRO E 164 -16.20 28.45 3.06
CA PRO E 164 -17.36 28.85 2.25
C PRO E 164 -18.34 29.71 3.04
N ALA E 165 -18.58 30.92 2.55
CA ALA E 165 -19.39 31.90 3.26
C ALA E 165 -20.04 32.88 2.30
N ALA E 166 -21.26 33.32 2.61
CA ALA E 166 -21.96 34.32 1.83
C ALA E 166 -22.03 35.65 2.58
N PHE E 167 -22.01 36.74 1.81
CA PHE E 167 -22.02 38.10 2.32
C PHE E 167 -23.04 38.92 1.56
N THR E 168 -23.38 40.05 2.13
CA THR E 168 -24.22 41.07 1.52
C THR E 168 -23.35 42.28 1.24
N LEU E 169 -23.56 42.93 0.10
CA LEU E 169 -22.82 44.15 -0.21
C LEU E 169 -23.56 45.35 0.38
N ILE E 170 -22.92 46.04 1.32
CA ILE E 170 -23.52 47.18 2.00
C ILE E 170 -23.43 48.42 1.14
N GLU E 171 -22.22 48.76 0.69
CA GLU E 171 -22.00 49.89 -0.18
C GLU E 171 -20.73 49.65 -0.98
N SER E 172 -20.56 50.44 -2.04
CA SER E 172 -19.38 50.33 -2.89
C SER E 172 -19.15 51.65 -3.59
N SER E 173 -17.93 51.86 -4.08
CA SER E 173 -17.48 53.17 -4.51
C SER E 173 -16.23 53.02 -5.37
N VAL E 174 -15.90 54.08 -6.12
CA VAL E 174 -14.76 54.05 -7.04
C VAL E 174 -13.89 55.30 -6.85
N THR E 175 -12.64 55.08 -6.50
CA THR E 175 -11.64 56.13 -6.43
C THR E 175 -11.35 56.66 -7.83
N PRO E 176 -11.04 57.96 -7.97
CA PRO E 176 -10.68 58.46 -9.32
C PRO E 176 -9.44 57.78 -9.89
N SER E 177 -8.54 57.26 -9.05
CA SER E 177 -7.39 56.53 -9.55
C SER E 177 -7.72 55.08 -9.88
N GLY E 178 -8.97 54.65 -9.67
CA GLY E 178 -9.44 53.36 -10.11
C GLY E 178 -9.55 52.28 -9.07
N VAL E 179 -9.55 52.62 -7.78
CA VAL E 179 -9.60 51.66 -6.69
C VAL E 179 -11.06 51.43 -6.31
N ILE E 180 -11.49 50.16 -6.29
CA ILE E 180 -12.86 49.86 -5.85
C ILE E 180 -12.88 49.78 -4.34
N ILE E 181 -13.82 50.45 -3.70
CA ILE E 181 -14.08 50.23 -2.29
C ILE E 181 -15.37 49.42 -2.18
N ALA E 182 -15.38 48.45 -1.28
CA ALA E 182 -16.56 47.59 -1.14
C ALA E 182 -16.65 47.10 0.29
N ASN E 183 -17.81 47.30 0.90
CA ASN E 183 -18.03 46.88 2.28
C ASN E 183 -19.07 45.77 2.28
N TYR E 184 -18.75 44.68 2.96
CA TYR E 184 -19.58 43.48 2.99
C TYR E 184 -19.93 43.17 4.43
N LYS E 185 -21.08 42.54 4.60
CA LYS E 185 -21.56 42.09 5.90
C LYS E 185 -21.85 40.60 5.78
N ARG E 186 -21.53 39.84 6.84
CA ARG E 186 -21.75 38.37 6.78
C ARG E 186 -23.22 38.11 6.50
N ALA E 187 -23.52 37.10 5.70
CA ALA E 187 -24.91 36.86 5.27
C ALA E 187 -25.24 35.37 5.04
N GLY E 188 -24.88 34.47 5.96
CA GLY E 188 -25.40 33.09 5.82
C GLY E 188 -24.68 32.19 4.81
N GLU E 189 -25.32 31.06 4.49
CA GLU E 189 -24.66 29.95 3.80
C GLU E 189 -24.64 30.09 2.29
N VAL E 190 -23.52 29.66 1.70
CA VAL E 190 -23.40 29.54 0.26
C VAL E 190 -24.48 28.61 -0.25
N LYS E 191 -25.22 29.05 -1.26
CA LYS E 191 -26.24 28.24 -1.92
C LYS E 191 -25.92 28.10 -3.40
N THR E 192 -26.37 27.00 -4.00
CA THR E 192 -26.07 26.72 -5.40
C THR E 192 -27.36 26.50 -6.17
N GLY E 193 -27.25 26.56 -7.50
CA GLY E 193 -28.36 26.26 -8.38
C GLY E 193 -27.95 26.07 -9.84
N THR E 194 -28.85 26.38 -10.76
CA THR E 194 -28.60 26.27 -12.20
C THR E 194 -29.05 27.55 -12.88
N VAL E 195 -28.15 28.16 -13.66
CA VAL E 195 -28.44 29.41 -14.34
C VAL E 195 -29.09 29.16 -15.71
N MET F 1 20.98 -23.12 13.19
CA MET F 1 20.71 -23.36 14.60
C MET F 1 19.21 -23.28 14.95
N ARG F 2 18.62 -24.44 15.26
CA ARG F 2 17.32 -24.47 15.89
C ARG F 2 17.46 -24.24 17.39
N LYS F 3 16.36 -23.82 17.99
CA LYS F 3 16.28 -23.65 19.43
C LYS F 3 15.72 -24.92 20.07
N ILE F 4 16.35 -25.36 21.18
CA ILE F 4 15.87 -26.50 21.97
C ILE F 4 15.28 -25.97 23.26
N THR F 5 14.02 -26.35 23.50
CA THR F 5 13.26 -25.93 24.66
C THR F 5 12.85 -27.17 25.44
N VAL F 6 13.25 -27.26 26.71
CA VAL F 6 12.84 -28.36 27.58
C VAL F 6 11.58 -27.95 28.34
N LEU F 7 10.54 -28.78 28.28
CA LEU F 7 9.29 -28.56 29.00
C LEU F 7 9.11 -29.72 29.98
N SER F 8 8.88 -29.40 31.25
CA SER F 8 8.88 -30.38 32.33
C SER F 8 7.90 -30.01 33.45
N PHE F 9 7.12 -30.98 33.92
CA PHE F 9 6.43 -30.84 35.21
C PHE F 9 7.32 -31.47 36.29
N ILE F 10 7.63 -30.68 37.31
CA ILE F 10 8.52 -31.13 38.37
C ILE F 10 7.91 -30.80 39.72
N THR F 11 8.27 -31.58 40.75
CA THR F 11 7.88 -31.28 42.12
C THR F 11 8.76 -30.17 42.69
N LEU F 12 8.45 -29.77 43.93
CA LEU F 12 9.26 -28.76 44.61
C LEU F 12 10.70 -29.23 44.80
N ASP F 13 10.92 -30.54 44.94
CA ASP F 13 12.28 -31.03 45.08
C ASP F 13 12.80 -31.70 43.81
N GLY F 14 12.28 -31.31 42.65
CA GLY F 14 12.86 -31.67 41.37
C GLY F 14 12.51 -33.03 40.79
N VAL F 15 11.54 -33.75 41.34
CA VAL F 15 11.18 -35.04 40.77
C VAL F 15 10.28 -34.84 39.54
N MET F 16 10.57 -35.54 38.44
CA MET F 16 9.67 -35.43 37.28
C MET F 16 9.05 -36.76 36.86
N GLN F 17 9.27 -37.84 37.62
CA GLN F 17 8.89 -39.19 37.19
C GLN F 17 7.39 -39.37 37.22
N ALA F 18 6.85 -40.00 36.17
CA ALA F 18 5.46 -40.43 36.05
C ALA F 18 4.47 -39.36 36.52
N PRO F 19 4.48 -38.17 35.89
CA PRO F 19 3.53 -37.13 36.30
C PRO F 19 2.07 -37.50 36.06
N GLY F 20 1.80 -38.25 34.99
CA GLY F 20 0.45 -38.52 34.53
C GLY F 20 -0.42 -39.59 35.15
N GLY F 21 0.13 -40.71 35.61
CA GLY F 21 -0.71 -41.77 36.15
C GLY F 21 0.04 -42.87 36.88
N PRO F 22 -0.71 -43.75 37.58
CA PRO F 22 -0.06 -44.73 38.47
C PRO F 22 0.76 -45.79 37.79
N GLU F 23 0.59 -46.02 36.49
CA GLU F 23 1.32 -47.07 35.79
C GLU F 23 2.27 -46.52 34.74
N GLU F 24 2.41 -45.20 34.64
CA GLU F 24 3.21 -44.64 33.55
C GLU F 24 4.66 -45.09 33.64
N ASP F 25 5.24 -45.06 34.85
CA ASP F 25 6.65 -45.44 35.05
C ASP F 25 6.84 -45.77 36.53
N THR F 26 6.82 -47.07 36.87
CA THR F 26 6.94 -47.51 38.25
C THR F 26 8.36 -47.94 38.59
N SER F 27 9.28 -47.79 37.65
CA SER F 27 10.70 -48.08 37.84
C SER F 27 11.24 -47.57 39.17
N GLY F 28 12.10 -48.37 39.79
CA GLY F 28 12.78 -47.96 41.00
C GLY F 28 11.93 -47.98 42.24
N GLY F 29 10.79 -48.66 42.21
CA GLY F 29 9.88 -48.65 43.34
C GLY F 29 9.08 -47.37 43.49
N PHE F 30 8.96 -46.58 42.43
CA PHE F 30 8.31 -45.28 42.50
C PHE F 30 6.81 -45.45 42.67
N LYS F 31 6.27 -44.96 43.78
CA LYS F 31 4.87 -45.15 44.13
C LYS F 31 3.97 -43.98 43.75
N TYR F 32 4.51 -42.80 43.48
CA TYR F 32 3.65 -41.64 43.33
C TYR F 32 3.37 -41.26 41.87
N GLY F 33 3.25 -42.24 40.97
CA GLY F 33 2.84 -41.97 39.61
C GLY F 33 1.51 -41.24 39.59
N GLY F 34 1.41 -40.16 38.82
CA GLY F 34 0.18 -39.41 38.75
C GLY F 34 0.05 -38.28 39.75
N TRP F 35 1.15 -37.86 40.36
CA TRP F 35 1.12 -36.79 41.36
C TRP F 35 0.69 -35.44 40.79
N THR F 36 0.67 -35.24 39.47
CA THR F 36 0.19 -33.94 38.99
C THR F 36 -1.34 -33.91 38.87
N ALA F 37 -2.00 -35.06 38.94
CA ALA F 37 -3.45 -35.12 38.75
C ALA F 37 -4.24 -34.21 39.70
N PRO F 38 -4.00 -34.19 41.02
CA PRO F 38 -4.81 -33.31 41.89
C PRO F 38 -4.72 -31.83 41.52
N TYR F 39 -3.71 -31.42 40.75
CA TYR F 39 -3.50 -30.02 40.43
C TYR F 39 -3.90 -29.67 39.01
N GLU F 40 -4.61 -30.53 38.33
CA GLU F 40 -4.99 -30.28 36.95
C GLU F 40 -6.50 -30.38 36.82
N ASP F 41 -7.03 -29.67 35.83
CA ASP F 41 -8.43 -29.74 35.44
C ASP F 41 -8.48 -29.53 33.92
N GLU F 42 -9.68 -29.41 33.36
CA GLU F 42 -9.78 -29.05 31.94
C GLU F 42 -9.37 -27.60 31.71
N VAL F 43 -9.58 -26.72 32.70
CA VAL F 43 -9.18 -25.32 32.58
C VAL F 43 -7.66 -25.20 32.49
N SER F 44 -6.92 -25.89 33.37
CA SER F 44 -5.46 -25.77 33.35
C SER F 44 -4.85 -26.36 32.07
N GLY F 45 -5.60 -27.17 31.33
CA GLY F 45 -5.18 -27.60 30.01
C GLY F 45 -5.10 -26.43 29.04
N LYS F 46 -5.42 -25.22 29.51
CA LYS F 46 -5.36 -24.01 28.70
C LYS F 46 -3.94 -23.47 28.59
N ILE F 47 -3.33 -23.11 29.72
CA ILE F 47 -1.91 -22.75 29.67
C ILE F 47 -1.14 -23.86 29.00
N MET F 48 -1.59 -25.11 29.17
CA MET F 48 -0.92 -26.21 28.52
C MET F 48 -1.06 -26.14 27.02
N GLU F 49 -2.28 -25.95 26.52
CA GLU F 49 -2.47 -25.84 25.09
C GLU F 49 -1.66 -24.68 24.52
N LYS F 50 -1.47 -23.64 25.32
CA LYS F 50 -0.60 -22.53 24.92
C LYS F 50 0.86 -22.97 24.82
N GLN F 51 1.25 -24.05 25.48
CA GLN F 51 2.60 -24.59 25.31
C GLN F 51 2.77 -25.52 24.10
N MET F 52 1.70 -25.88 23.39
CA MET F 52 1.74 -26.93 22.37
C MET F 52 1.71 -26.43 20.93
N LYS F 53 2.38 -25.31 20.66
CA LYS F 53 2.50 -24.85 19.28
C LYS F 53 3.23 -25.92 18.46
N PRO F 54 2.76 -26.22 17.24
CA PRO F 54 3.44 -27.22 16.40
C PRO F 54 4.94 -26.99 16.34
N ALA F 55 5.70 -28.08 16.49
CA ALA F 55 7.15 -28.02 16.48
C ALA F 55 7.69 -29.37 16.02
N ASP F 56 9.02 -29.46 15.95
CA ASP F 56 9.70 -30.74 15.94
C ASP F 56 10.04 -31.13 17.38
N TYR F 57 10.20 -32.44 17.61
CA TYR F 57 10.36 -32.99 18.95
C TYR F 57 11.63 -33.82 19.03
N LEU F 58 12.31 -33.70 20.15
CA LEU F 58 13.45 -34.54 20.49
C LEU F 58 13.07 -35.24 21.79
N LEU F 59 13.06 -36.58 21.76
CA LEU F 59 12.61 -37.37 22.91
C LEU F 59 13.53 -38.56 23.14
N GLY F 60 13.65 -38.96 24.40
CA GLY F 60 14.23 -40.26 24.71
C GLY F 60 13.26 -41.38 24.39
N ARG F 61 13.80 -42.58 24.14
CA ARG F 61 12.96 -43.68 23.68
C ARG F 61 11.85 -44.00 24.68
N LYS F 62 12.14 -43.93 25.98
CA LYS F 62 11.13 -44.33 26.96
C LYS F 62 9.92 -43.40 26.93
N THR F 63 10.19 -42.08 26.91
CA THR F 63 9.15 -41.08 26.75
C THR F 63 8.44 -41.26 25.41
N PHE F 64 9.22 -41.46 24.34
CA PHE F 64 8.63 -41.71 23.04
C PHE F 64 7.63 -42.87 23.08
N GLU F 65 7.93 -43.94 23.82
CA GLU F 65 6.99 -45.05 23.85
C GLU F 65 5.79 -44.76 24.74
N ILE F 66 5.99 -44.07 25.88
CA ILE F 66 4.84 -43.65 26.66
C ILE F 66 3.90 -42.80 25.80
N PHE F 67 4.47 -41.89 25.01
CA PHE F 67 3.67 -41.03 24.15
C PHE F 67 3.02 -41.83 23.03
N ALA F 68 3.74 -42.80 22.46
CA ALA F 68 3.25 -43.50 21.28
C ALA F 68 1.96 -44.25 21.56
N SER F 69 1.73 -44.67 22.79
CA SER F 69 0.51 -45.39 23.13
C SER F 69 -0.63 -44.48 23.61
N TYR F 70 -0.47 -43.15 23.59
CA TYR F 70 -1.57 -42.25 23.91
C TYR F 70 -1.84 -41.21 22.83
N TRP F 71 -0.82 -40.42 22.42
CA TRP F 71 -1.04 -39.25 21.55
C TRP F 71 -1.52 -39.53 20.12
N PRO F 72 -1.23 -40.69 19.50
CA PRO F 72 -1.83 -40.95 18.18
C PRO F 72 -3.35 -40.97 18.23
N GLU F 73 -3.95 -41.29 19.37
CA GLU F 73 -5.39 -41.35 19.52
C GLU F 73 -5.97 -40.02 20.00
N HIS F 74 -5.18 -38.96 20.05
CA HIS F 74 -5.68 -37.67 20.49
C HIS F 74 -5.08 -36.56 19.64
N ALA F 75 -4.94 -36.81 18.34
CA ALA F 75 -4.39 -35.80 17.44
C ALA F 75 -5.28 -34.57 17.34
N ASP F 76 -6.56 -34.68 17.69
CA ASP F 76 -7.41 -33.51 17.76
C ASP F 76 -6.90 -32.53 18.82
N PHE F 77 -6.52 -33.04 20.00
CA PHE F 77 -6.07 -32.17 21.08
C PHE F 77 -4.66 -31.65 20.82
N TRP F 78 -3.78 -32.50 20.30
CA TRP F 78 -2.39 -32.16 20.06
C TRP F 78 -2.00 -32.63 18.67
N PRO F 79 -2.38 -31.89 17.63
CA PRO F 79 -1.90 -32.23 16.28
C PRO F 79 -0.41 -32.02 16.10
N GLY F 80 0.23 -31.16 16.91
CA GLY F 80 1.65 -30.89 16.71
C GLY F 80 2.54 -32.10 16.94
N ILE F 81 2.31 -32.84 18.03
CA ILE F 81 3.13 -34.02 18.33
C ILE F 81 2.94 -35.06 17.24
N ASN F 82 1.77 -35.10 16.61
CA ASN F 82 1.45 -36.13 15.62
C ASN F 82 1.95 -35.77 14.22
N ASP F 83 1.83 -34.52 13.81
CA ASP F 83 2.32 -34.13 12.49
C ASP F 83 3.77 -33.71 12.52
N GLY F 84 4.29 -33.36 13.70
CA GLY F 84 5.69 -32.98 13.82
C GLY F 84 6.59 -34.19 13.78
N THR F 85 7.82 -33.99 13.35
CA THR F 85 8.78 -35.07 13.34
C THR F 85 9.29 -35.34 14.76
N LYS F 86 9.10 -36.58 15.24
CA LYS F 86 9.64 -37.00 16.54
C LYS F 86 11.01 -37.62 16.33
N TYR F 87 12.07 -36.87 16.66
CA TYR F 87 13.45 -37.34 16.69
C TYR F 87 13.71 -38.01 18.04
N VAL F 88 13.90 -39.33 18.03
CA VAL F 88 13.99 -40.15 19.23
C VAL F 88 15.42 -40.63 19.38
N MET F 89 16.05 -40.31 20.50
CA MET F 89 17.34 -40.91 20.83
C MET F 89 17.12 -42.38 21.22
N SER F 90 17.58 -43.30 20.39
CA SER F 90 17.37 -44.72 20.63
C SER F 90 18.34 -45.50 19.76
N LYS F 91 18.87 -46.58 20.32
CA LYS F 91 19.66 -47.54 19.59
C LYS F 91 18.90 -48.83 19.39
N THR F 92 17.69 -48.94 19.96
CA THR F 92 16.88 -50.15 19.89
C THR F 92 15.72 -50.03 18.91
N VAL F 93 14.92 -48.96 18.98
CA VAL F 93 13.76 -48.88 18.10
C VAL F 93 14.21 -48.57 16.69
N LYS F 94 13.64 -49.27 15.70
CA LYS F 94 13.99 -49.06 14.31
C LYS F 94 12.82 -48.66 13.44
N LYS F 95 11.63 -49.16 13.71
CA LYS F 95 10.43 -48.69 13.04
C LYS F 95 9.29 -48.68 14.03
N SER F 96 8.57 -47.57 14.04
CA SER F 96 7.41 -47.36 14.90
C SER F 96 6.15 -47.25 14.06
N ASP F 97 5.08 -47.79 14.62
CA ASP F 97 3.72 -47.58 14.14
C ASP F 97 3.40 -46.07 14.06
N TRP F 98 4.03 -45.24 14.88
CA TRP F 98 3.72 -43.81 14.97
C TRP F 98 4.38 -43.03 13.84
N LYS F 99 3.57 -42.32 13.05
CA LYS F 99 4.08 -41.63 11.87
C LYS F 99 5.02 -40.48 12.24
N ASN F 100 5.94 -40.16 11.31
CA ASN F 100 6.91 -39.07 11.42
C ASN F 100 7.82 -39.25 12.64
N SER F 101 8.48 -40.40 12.69
CA SER F 101 9.44 -40.74 13.73
C SER F 101 10.78 -41.06 13.11
N VAL F 102 11.81 -40.38 13.57
CA VAL F 102 13.18 -40.62 13.13
C VAL F 102 14.00 -41.02 14.35
N PHE F 103 14.88 -41.99 14.17
CA PHE F 103 15.64 -42.49 15.31
C PHE F 103 17.10 -42.07 15.20
N LEU F 104 17.57 -41.37 16.23
CA LEU F 104 18.89 -40.81 16.36
C LEU F 104 19.69 -41.68 17.32
N GLU F 105 21.02 -41.71 17.11
CA GLU F 105 21.85 -42.68 17.81
C GLU F 105 23.11 -42.13 18.45
N SER F 106 23.39 -40.83 18.33
CA SER F 106 24.60 -40.29 18.95
C SER F 106 24.39 -38.84 19.35
N LEU F 107 25.29 -38.37 20.23
CA LEU F 107 25.35 -36.93 20.49
C LEU F 107 25.59 -36.16 19.20
N ALA F 108 26.55 -36.63 18.38
CA ALA F 108 26.82 -36.01 17.08
C ALA F 108 25.55 -35.88 16.25
N ASP F 109 24.69 -36.92 16.27
CA ASP F 109 23.42 -36.89 15.55
C ASP F 109 22.52 -35.79 16.08
N ILE F 110 22.42 -35.70 17.41
CA ILE F 110 21.60 -34.65 18.00
C ILE F 110 22.11 -33.27 17.59
N LYS F 111 23.42 -33.05 17.68
CA LYS F 111 23.99 -31.77 17.30
C LYS F 111 23.71 -31.46 15.83
N LYS F 112 23.86 -32.45 14.96
CA LYS F 112 23.58 -32.20 13.56
C LYS F 112 22.11 -31.82 13.36
N LEU F 113 21.21 -32.44 14.13
CA LEU F 113 19.81 -32.02 14.06
C LEU F 113 19.64 -30.57 14.52
N LYS F 114 20.31 -30.20 15.60
CA LYS F 114 20.16 -28.83 16.10
C LYS F 114 20.63 -27.82 15.06
N ASN F 115 21.79 -28.08 14.43
CA ASN F 115 22.34 -27.20 13.41
C ASN F 115 21.58 -27.23 12.10
N SER F 116 20.69 -28.20 11.92
CA SER F 116 19.96 -28.34 10.67
C SER F 116 18.87 -27.28 10.55
N GLU F 117 18.42 -27.08 9.31
CA GLU F 117 17.36 -26.13 9.03
C GLU F 117 16.00 -26.74 9.30
N GLY F 118 15.21 -26.04 10.12
CA GLY F 118 13.85 -26.51 10.36
C GLY F 118 13.24 -25.80 11.56
N SER F 119 12.17 -26.39 12.06
CA SER F 119 11.40 -25.84 13.17
C SER F 119 12.22 -25.86 14.48
N ASP F 120 11.85 -25.01 15.41
CA ASP F 120 12.46 -25.13 16.73
C ASP F 120 11.96 -26.43 17.40
N ILE F 121 12.71 -26.87 18.41
CA ILE F 121 12.54 -28.21 18.95
C ILE F 121 12.08 -28.13 20.40
N GLN F 122 11.02 -28.89 20.71
CA GLN F 122 10.53 -29.12 22.06
C GLN F 122 10.91 -30.50 22.55
N VAL F 123 11.39 -30.57 23.80
CA VAL F 123 11.64 -31.82 24.52
C VAL F 123 10.59 -31.94 25.63
N TRP F 124 9.87 -33.06 25.65
CA TRP F 124 8.97 -33.39 26.74
C TRP F 124 9.49 -34.65 27.43
N GLY F 125 9.27 -34.75 28.75
CA GLY F 125 9.73 -35.91 29.51
C GLY F 125 11.24 -36.05 29.40
N SER F 126 11.70 -37.28 29.12
CA SER F 126 13.06 -37.50 28.61
C SER F 126 14.16 -37.12 29.60
N GLY F 127 13.99 -37.51 30.87
CA GLY F 127 14.99 -37.16 31.89
C GLY F 127 16.40 -37.64 31.58
N GLU F 128 16.54 -38.89 31.08
CA GLU F 128 17.86 -39.37 30.71
C GLU F 128 18.46 -38.56 29.55
N LEU F 129 17.67 -38.39 28.49
CA LEU F 129 18.14 -37.62 27.35
C LEU F 129 18.50 -36.22 27.78
N ILE F 130 17.68 -35.63 28.66
CA ILE F 130 17.96 -34.29 29.13
C ILE F 130 19.32 -34.23 29.83
N GLN F 131 19.64 -35.24 30.64
CA GLN F 131 20.99 -35.20 31.23
C GLN F 131 22.04 -35.02 30.14
N LEU F 132 21.89 -35.77 29.05
CA LEU F 132 22.85 -35.60 27.94
C LEU F 132 22.81 -34.18 27.36
N LEU F 133 21.60 -33.64 27.18
CA LEU F 133 21.46 -32.30 26.61
C LEU F 133 22.06 -31.23 27.52
N PHE F 134 21.74 -31.28 28.83
CA PHE F 134 22.29 -30.33 29.80
C PHE F 134 23.81 -30.39 29.80
N LYS F 135 24.37 -31.61 29.89
CA LYS F 135 25.82 -31.72 29.99
C LYS F 135 26.52 -31.03 28.83
N ASN F 136 25.91 -31.05 27.65
CA ASN F 136 26.49 -30.40 26.48
C ASN F 136 25.96 -28.99 26.25
N ASP F 137 25.31 -28.38 27.24
CA ASP F 137 24.81 -27.00 27.14
C ASP F 137 23.99 -26.80 25.87
N LEU F 138 23.13 -27.78 25.56
CA LEU F 138 22.35 -27.77 24.34
C LEU F 138 20.93 -27.28 24.54
N VAL F 139 20.52 -26.96 25.75
CA VAL F 139 19.19 -26.46 26.02
C VAL F 139 19.24 -24.95 26.06
N ASP F 140 18.40 -24.30 25.24
CA ASP F 140 18.33 -22.85 25.20
C ASP F 140 17.21 -22.27 26.05
N GLU F 141 16.20 -23.07 26.37
CA GLU F 141 15.03 -22.56 27.05
C GLU F 141 14.45 -23.64 27.95
N LEU F 142 13.92 -23.22 29.10
CA LEU F 142 13.30 -24.10 30.09
C LEU F 142 11.89 -23.61 30.36
N TRP F 143 10.91 -24.48 30.23
CA TRP F 143 9.55 -24.18 30.66
C TRP F 143 9.17 -25.19 31.75
N LEU F 144 8.94 -24.68 32.96
CA LEU F 144 8.76 -25.50 34.15
C LEU F 144 7.41 -25.25 34.82
N LYS F 145 6.69 -26.32 35.11
CA LYS F 145 5.54 -26.27 36.02
C LYS F 145 6.00 -26.91 37.32
N ILE F 146 6.00 -26.13 38.41
CA ILE F 146 6.49 -26.56 39.72
C ILE F 146 5.29 -26.72 40.65
N PHE F 147 5.02 -27.97 41.05
CA PHE F 147 3.84 -28.41 41.79
C PHE F 147 4.15 -28.41 43.26
N PRO F 148 3.17 -28.05 44.10
CA PRO F 148 3.42 -27.88 45.55
C PRO F 148 3.48 -29.21 46.32
N VAL F 149 4.39 -30.10 45.89
CA VAL F 149 4.58 -31.39 46.53
C VAL F 149 6.07 -31.68 46.62
N THR F 150 6.43 -32.51 47.58
CA THR F 150 7.74 -33.15 47.63
C THR F 150 7.51 -34.65 47.60
N LEU F 151 8.17 -35.31 46.68
CA LEU F 151 8.30 -36.75 46.67
C LEU F 151 9.74 -36.99 47.07
N ASN F 152 10.06 -38.16 47.59
CA ASN F 152 11.49 -38.15 47.94
C ASN F 152 12.35 -38.75 46.85
N THR F 153 11.95 -39.89 46.33
CA THR F 153 12.67 -40.61 45.30
C THR F 153 12.03 -40.40 43.92
N GLY F 154 12.76 -40.83 42.89
CA GLY F 154 12.28 -40.78 41.52
C GLY F 154 13.20 -40.00 40.60
N LYS F 155 13.00 -40.18 39.30
CA LYS F 155 13.87 -39.52 38.33
C LYS F 155 13.72 -38.01 38.39
N ARG F 156 14.84 -37.32 38.27
CA ARG F 156 14.88 -35.88 38.43
C ARG F 156 15.11 -35.17 37.10
N LEU F 157 14.61 -33.93 37.01
CA LEU F 157 14.91 -33.14 35.83
C LEU F 157 16.37 -32.71 35.82
N PHE F 158 16.87 -32.21 36.94
CA PHE F 158 18.28 -31.80 37.04
C PHE F 158 19.02 -32.96 37.72
N GLY F 159 19.57 -33.85 36.91
CA GLY F 159 20.18 -35.04 37.46
C GLY F 159 21.66 -35.10 37.15
N ASP F 160 22.08 -36.24 36.62
CA ASP F 160 23.50 -36.54 36.42
C ASP F 160 24.22 -35.48 35.61
N GLY F 161 23.55 -34.90 34.63
CA GLY F 161 24.17 -34.04 33.64
C GLY F 161 24.05 -32.55 33.85
N THR F 162 23.44 -32.10 34.95
CA THR F 162 23.36 -30.67 35.23
C THR F 162 24.76 -30.05 35.27
N ILE F 163 24.87 -28.84 34.74
CA ILE F 163 26.12 -28.08 34.77
C ILE F 163 25.84 -26.76 35.47
N PRO F 164 26.87 -26.14 36.06
CA PRO F 164 26.69 -24.76 36.56
C PRO F 164 26.35 -23.86 35.38
N ALA F 165 25.23 -23.15 35.50
CA ALA F 165 24.67 -22.41 34.38
C ALA F 165 23.73 -21.32 34.90
N ALA F 166 23.86 -20.13 34.34
CA ALA F 166 22.97 -19.01 34.63
C ALA F 166 21.85 -18.93 33.60
N PHE F 167 20.69 -18.46 34.06
CA PHE F 167 19.51 -18.30 33.21
C PHE F 167 18.87 -16.93 33.44
N THR F 168 18.05 -16.55 32.47
CA THR F 168 17.23 -15.34 32.54
C THR F 168 15.79 -15.78 32.66
N LEU F 169 15.11 -15.35 33.71
CA LEU F 169 13.67 -15.57 33.84
C LEU F 169 12.97 -14.71 32.81
N ILE F 170 12.35 -15.33 31.82
CA ILE F 170 11.65 -14.51 30.84
C ILE F 170 10.20 -14.32 31.23
N GLU F 171 9.61 -15.27 31.97
CA GLU F 171 8.20 -15.07 32.30
C GLU F 171 7.82 -15.98 33.46
N SER F 172 6.78 -15.59 34.16
CA SER F 172 6.37 -16.35 35.34
C SER F 172 4.88 -16.19 35.53
N SER F 173 4.28 -17.13 36.28
CA SER F 173 2.83 -17.18 36.39
C SER F 173 2.44 -18.15 37.50
N VAL F 174 1.21 -18.04 37.98
CA VAL F 174 0.70 -18.92 39.02
C VAL F 174 -0.64 -19.46 38.54
N THR F 175 -1.02 -20.58 39.12
CA THR F 175 -2.15 -21.39 38.77
C THR F 175 -3.14 -21.45 39.93
N PRO F 176 -4.44 -21.43 39.65
CA PRO F 176 -5.44 -21.62 40.71
C PRO F 176 -5.11 -22.76 41.68
N SER F 177 -4.61 -23.88 41.19
CA SER F 177 -4.27 -24.97 42.11
C SER F 177 -2.93 -24.77 42.81
N GLY F 178 -2.26 -23.64 42.58
CA GLY F 178 -1.01 -23.36 43.29
C GLY F 178 0.23 -23.89 42.63
N VAL F 179 0.23 -24.05 41.33
CA VAL F 179 1.39 -24.52 40.58
C VAL F 179 2.09 -23.30 39.99
N ILE F 180 3.42 -23.28 40.09
CA ILE F 180 4.19 -22.15 39.60
C ILE F 180 4.66 -22.45 38.18
N ILE F 181 4.36 -21.55 37.24
CA ILE F 181 4.91 -21.63 35.89
C ILE F 181 6.10 -20.67 35.80
N ALA F 182 7.24 -21.19 35.35
CA ALA F 182 8.46 -20.39 35.25
C ALA F 182 9.13 -20.71 33.92
N ASN F 183 9.50 -19.67 33.18
CA ASN F 183 10.03 -19.79 31.84
C ASN F 183 11.37 -19.05 31.80
N TYR F 184 12.43 -19.81 31.47
CA TYR F 184 13.83 -19.39 31.57
C TYR F 184 14.54 -19.47 30.23
N LYS F 185 15.44 -18.51 30.02
CA LYS F 185 16.36 -18.45 28.89
C LYS F 185 17.77 -18.69 29.40
N ARG F 186 18.51 -19.52 28.70
CA ARG F 186 19.92 -19.69 29.00
C ARG F 186 20.62 -18.33 28.91
N ALA F 187 21.49 -18.03 29.88
CA ALA F 187 21.99 -16.65 30.05
C ALA F 187 23.47 -16.54 30.45
N GLY F 188 24.36 -17.25 29.78
CA GLY F 188 25.77 -17.11 30.17
C GLY F 188 26.12 -17.80 31.47
N GLU F 189 27.33 -17.52 31.96
CA GLU F 189 27.93 -18.32 33.02
C GLU F 189 27.72 -17.75 34.42
N VAL F 190 27.80 -18.65 35.41
CA VAL F 190 27.53 -18.35 36.82
C VAL F 190 28.61 -17.43 37.38
N LYS F 191 28.20 -16.27 37.88
CA LYS F 191 29.10 -15.32 38.52
C LYS F 191 28.80 -15.24 40.02
N THR F 192 29.84 -15.00 40.81
CA THR F 192 29.70 -14.93 42.26
C THR F 192 30.35 -13.67 42.81
N GLY F 193 29.79 -13.19 43.91
CA GLY F 193 30.30 -12.04 44.63
C GLY F 193 30.20 -12.26 46.13
N THR F 194 30.04 -11.19 46.90
CA THR F 194 29.83 -11.29 48.34
C THR F 194 28.74 -10.32 48.76
N VAL F 195 27.93 -10.75 49.75
CA VAL F 195 26.81 -9.96 50.25
C VAL F 195 27.13 -9.37 51.63
N MET G 1 -6.42 -23.39 19.35
CA MET G 1 -6.93 -22.06 19.08
C MET G 1 -6.12 -21.01 19.81
N ARG G 2 -5.55 -20.10 19.05
CA ARG G 2 -4.79 -19.00 19.61
C ARG G 2 -5.68 -17.77 19.75
N LYS G 3 -5.55 -17.09 20.89
CA LYS G 3 -6.30 -15.88 21.11
C LYS G 3 -5.61 -14.71 20.42
N ILE G 4 -6.42 -13.87 19.76
CA ILE G 4 -5.93 -12.68 19.08
C ILE G 4 -6.50 -11.47 19.80
N THR G 5 -5.62 -10.59 20.26
CA THR G 5 -5.98 -9.35 20.94
C THR G 5 -5.52 -8.17 20.13
N VAL G 6 -6.44 -7.29 19.74
CA VAL G 6 -6.10 -6.05 19.07
C VAL G 6 -6.02 -4.96 20.11
N LEU G 7 -4.92 -4.22 20.12
CA LEU G 7 -4.69 -3.10 21.03
C LEU G 7 -4.52 -1.83 20.20
N SER G 8 -5.23 -0.75 20.56
CA SER G 8 -5.12 0.47 19.76
C SER G 8 -5.33 1.73 20.59
N PHE G 9 -4.53 2.74 20.26
CA PHE G 9 -4.75 4.12 20.68
C PHE G 9 -5.70 4.78 19.68
N ILE G 10 -6.84 5.30 20.15
CA ILE G 10 -7.77 5.96 19.24
C ILE G 10 -8.28 7.28 19.83
N THR G 11 -8.72 8.15 18.93
CA THR G 11 -9.36 9.40 19.31
C THR G 11 -10.81 9.14 19.68
N LEU G 12 -11.48 10.18 20.18
CA LEU G 12 -12.92 10.07 20.46
C LEU G 12 -13.71 9.71 19.21
N ASP G 13 -13.27 10.17 18.06
CA ASP G 13 -13.97 9.86 16.83
C ASP G 13 -13.31 8.71 16.07
N GLY G 14 -12.54 7.88 16.77
CA GLY G 14 -12.03 6.63 16.23
C GLY G 14 -10.86 6.71 15.28
N VAL G 15 -10.11 7.80 15.23
CA VAL G 15 -8.94 7.85 14.36
C VAL G 15 -7.77 7.17 15.07
N MET G 16 -7.02 6.35 14.34
CA MET G 16 -5.84 5.71 14.92
C MET G 16 -4.54 6.01 14.18
N GLN G 17 -4.58 6.82 13.13
CA GLN G 17 -3.39 7.03 12.32
C GLN G 17 -2.32 7.81 13.07
N ALA G 18 -1.06 7.39 12.89
CA ALA G 18 0.13 8.08 13.37
C ALA G 18 0.04 8.61 14.80
N PRO G 19 -0.23 7.74 15.80
CA PRO G 19 -0.31 8.25 17.19
C PRO G 19 0.97 8.87 17.74
N GLY G 20 2.14 8.41 17.30
CA GLY G 20 3.37 8.75 18.00
C GLY G 20 4.29 9.78 17.41
N GLY G 21 4.15 10.15 16.13
CA GLY G 21 5.04 11.13 15.57
C GLY G 21 4.53 11.79 14.31
N PRO G 22 4.98 13.02 14.05
CA PRO G 22 4.52 13.77 12.86
C PRO G 22 4.78 13.07 11.54
N GLU G 23 5.80 12.19 11.43
CA GLU G 23 6.03 11.50 10.16
C GLU G 23 5.68 10.02 10.22
N GLU G 24 5.10 9.55 11.33
CA GLU G 24 4.78 8.12 11.47
C GLU G 24 3.99 7.57 10.28
N ASP G 25 2.92 8.26 9.86
CA ASP G 25 2.16 7.85 8.66
C ASP G 25 1.59 9.10 8.00
N THR G 26 2.09 9.44 6.81
CA THR G 26 1.64 10.66 6.14
C THR G 26 0.60 10.38 5.06
N SER G 27 -0.11 9.25 5.13
CA SER G 27 -1.18 8.95 4.17
C SER G 27 -2.22 10.07 4.17
N GLY G 28 -2.68 10.44 2.98
CA GLY G 28 -3.60 11.56 2.79
C GLY G 28 -3.10 12.90 3.34
N GLY G 29 -1.79 13.09 3.49
CA GLY G 29 -1.26 14.33 4.02
C GLY G 29 -1.59 14.60 5.47
N PHE G 30 -1.86 13.54 6.26
CA PHE G 30 -2.24 13.65 7.66
C PHE G 30 -1.30 14.59 8.44
N LYS G 31 -1.88 15.59 9.11
CA LYS G 31 -1.10 16.62 9.79
C LYS G 31 -0.98 16.40 11.28
N TYR G 32 -1.70 15.44 11.86
CA TYR G 32 -1.79 15.32 13.32
C TYR G 32 -0.99 14.15 13.87
N GLY G 33 0.03 13.70 13.13
CA GLY G 33 0.90 12.65 13.61
C GLY G 33 1.46 13.03 14.97
N GLY G 34 1.49 12.08 15.92
CA GLY G 34 1.93 12.41 17.26
C GLY G 34 0.87 12.99 18.18
N TRP G 35 -0.41 12.75 17.92
CA TRP G 35 -1.45 13.31 18.76
C TRP G 35 -1.51 12.67 20.15
N THR G 36 -0.86 11.54 20.35
CA THR G 36 -0.88 10.87 21.68
C THR G 36 0.13 11.54 22.62
N ALA G 37 1.13 12.23 22.08
CA ALA G 37 2.20 12.80 22.93
C ALA G 37 1.67 13.57 24.14
N PRO G 38 0.78 14.57 24.00
CA PRO G 38 0.36 15.36 25.15
C PRO G 38 -0.24 14.58 26.33
N TYR G 39 -0.52 13.29 26.19
CA TYR G 39 -1.23 12.56 27.27
C TYR G 39 -0.44 11.42 27.92
N GLU G 40 0.88 11.46 27.84
CA GLU G 40 1.74 10.41 28.45
C GLU G 40 1.87 10.66 29.95
N ASP G 41 1.69 9.63 30.78
CA ASP G 41 1.72 9.86 32.25
C ASP G 41 2.18 8.60 33.00
N GLU G 42 2.54 8.76 34.27
CA GLU G 42 3.01 7.65 35.10
C GLU G 42 2.07 6.45 35.01
N VAL G 43 0.79 6.68 35.34
CA VAL G 43 -0.21 5.61 35.37
C VAL G 43 -0.33 4.98 33.99
N SER G 44 -0.39 5.83 32.96
CA SER G 44 -0.46 5.36 31.59
C SER G 44 0.77 4.53 31.23
N GLY G 45 1.96 4.98 31.66
CA GLY G 45 3.19 4.25 31.38
C GLY G 45 3.23 2.85 31.98
N LYS G 46 2.79 2.71 33.24
CA LYS G 46 2.88 1.36 33.80
C LYS G 46 1.68 0.48 33.48
N ILE G 47 0.53 1.05 33.10
CA ILE G 47 -0.50 0.24 32.46
C ILE G 47 0.03 -0.33 31.15
N MET G 48 0.78 0.48 30.41
CA MET G 48 1.40 -0.02 29.17
C MET G 48 2.42 -1.12 29.52
N GLU G 49 3.21 -0.91 30.56
CA GLU G 49 4.21 -1.92 30.91
C GLU G 49 3.54 -3.25 31.22
N LYS G 50 2.36 -3.23 31.86
CA LYS G 50 1.61 -4.49 31.97
C LYS G 50 1.18 -5.01 30.60
N GLN G 51 0.76 -4.11 29.69
CA GLN G 51 0.25 -4.56 28.38
C GLN G 51 1.36 -5.11 27.46
N MET G 52 2.62 -4.84 27.75
CA MET G 52 3.73 -5.27 26.90
C MET G 52 4.43 -6.55 27.38
N LYS G 53 3.77 -7.35 28.21
CA LYS G 53 4.37 -8.61 28.63
C LYS G 53 4.53 -9.52 27.40
N PRO G 54 5.52 -10.42 27.43
CA PRO G 54 5.79 -11.27 26.27
C PRO G 54 4.55 -11.94 25.69
N ALA G 55 4.43 -11.88 24.37
CA ALA G 55 3.41 -12.59 23.62
C ALA G 55 3.98 -12.90 22.25
N ASP G 56 3.16 -13.45 21.37
CA ASP G 56 3.48 -13.45 19.95
C ASP G 56 2.69 -12.33 19.25
N TYR G 57 3.16 -11.94 18.09
CA TYR G 57 2.63 -10.76 17.43
C TYR G 57 2.10 -11.08 16.05
N LEU G 58 0.99 -10.43 15.68
CA LEU G 58 0.41 -10.44 14.33
C LEU G 58 0.31 -9.00 13.86
N LEU G 59 1.02 -8.65 12.79
CA LEU G 59 1.10 -7.26 12.34
C LEU G 59 0.96 -7.18 10.82
N GLY G 60 0.48 -6.01 10.36
CA GLY G 60 0.60 -5.68 8.96
C GLY G 60 2.03 -5.33 8.61
N ARG G 61 2.38 -5.53 7.34
CA ARG G 61 3.75 -5.28 6.92
C ARG G 61 4.17 -3.85 7.20
N LYS G 62 3.25 -2.88 7.07
CA LYS G 62 3.65 -1.49 7.31
C LYS G 62 3.97 -1.27 8.77
N THR G 63 3.10 -1.74 9.67
CA THR G 63 3.36 -1.60 11.09
C THR G 63 4.62 -2.37 11.49
N PHE G 64 4.81 -3.57 10.91
CA PHE G 64 6.02 -4.33 11.19
C PHE G 64 7.26 -3.55 10.82
N GLU G 65 7.25 -2.89 9.66
CA GLU G 65 8.46 -2.17 9.24
C GLU G 65 8.64 -0.86 10.00
N ILE G 66 7.55 -0.21 10.42
CA ILE G 66 7.72 0.90 11.35
C ILE G 66 8.40 0.38 12.61
N PHE G 67 7.92 -0.75 13.14
CA PHE G 67 8.50 -1.35 14.34
C PHE G 67 9.97 -1.72 14.13
N ALA G 68 10.28 -2.37 13.01
CA ALA G 68 11.65 -2.80 12.73
C ALA G 68 12.59 -1.62 12.52
N SER G 69 12.06 -0.44 12.20
CA SER G 69 12.97 0.67 12.10
C SER G 69 13.52 1.11 13.45
N TYR G 70 12.81 0.80 14.54
CA TYR G 70 13.16 1.39 15.83
C TYR G 70 13.40 0.40 16.97
N TRP G 71 12.51 -0.59 17.15
CA TRP G 71 12.53 -1.52 18.27
C TRP G 71 13.70 -2.50 18.36
N PRO G 72 14.32 -2.95 17.25
CA PRO G 72 15.53 -3.77 17.41
C PRO G 72 16.65 -3.05 18.14
N GLU G 73 16.63 -1.71 18.21
CA GLU G 73 17.65 -0.96 18.92
C GLU G 73 17.21 -0.53 20.32
N HIS G 74 16.11 -1.10 20.83
CA HIS G 74 15.60 -0.77 22.15
C HIS G 74 15.07 -2.02 22.83
N ALA G 75 15.80 -3.13 22.69
CA ALA G 75 15.35 -4.39 23.25
C ALA G 75 15.23 -4.34 24.76
N ASP G 76 15.79 -3.32 25.41
CA ASP G 76 15.69 -3.16 26.85
C ASP G 76 14.31 -2.67 27.25
N PHE G 77 13.81 -1.60 26.62
CA PHE G 77 12.47 -1.12 26.96
C PHE G 77 11.39 -2.16 26.64
N TRP G 78 11.52 -2.88 25.52
CA TRP G 78 10.50 -3.83 25.07
C TRP G 78 11.10 -5.17 24.62
N PRO G 79 11.38 -6.07 25.55
CA PRO G 79 11.96 -7.37 25.16
C PRO G 79 10.99 -8.24 24.39
N GLY G 80 9.68 -8.13 24.66
CA GLY G 80 8.73 -9.06 24.07
C GLY G 80 8.66 -8.98 22.56
N ILE G 81 8.67 -7.75 22.01
CA ILE G 81 8.57 -7.59 20.56
C ILE G 81 9.79 -8.16 19.87
N ASN G 82 10.93 -8.19 20.56
CA ASN G 82 12.15 -8.75 19.96
C ASN G 82 12.18 -10.26 20.11
N ASP G 83 11.80 -10.78 21.28
CA ASP G 83 11.93 -12.22 21.51
C ASP G 83 10.76 -13.01 20.95
N GLY G 84 9.58 -12.39 20.90
CA GLY G 84 8.41 -13.09 20.40
C GLY G 84 8.43 -13.25 18.90
N THR G 85 7.65 -14.21 18.43
CA THR G 85 7.55 -14.42 17.01
C THR G 85 6.58 -13.41 16.41
N LYS G 86 7.01 -12.75 15.33
CA LYS G 86 6.26 -11.68 14.67
C LYS G 86 5.77 -12.23 13.34
N TYR G 87 4.49 -12.59 13.32
CA TYR G 87 3.75 -12.96 12.12
C TYR G 87 3.33 -11.70 11.37
N VAL G 88 3.74 -11.61 10.12
CA VAL G 88 3.60 -10.40 9.34
C VAL G 88 2.84 -10.74 8.07
N MET G 89 1.66 -10.12 7.89
CA MET G 89 0.89 -10.22 6.65
C MET G 89 1.61 -9.46 5.55
N SER G 90 1.88 -10.14 4.43
CA SER G 90 2.55 -9.44 3.34
C SER G 90 2.62 -10.33 2.10
N LYS G 91 2.45 -9.72 0.93
CA LYS G 91 2.75 -10.38 -0.33
C LYS G 91 3.99 -9.81 -1.00
N THR G 92 4.63 -8.78 -0.41
CA THR G 92 5.84 -8.18 -0.96
C THR G 92 7.10 -8.57 -0.20
N VAL G 93 7.03 -8.80 1.09
CA VAL G 93 8.20 -9.06 1.92
C VAL G 93 8.13 -10.50 2.36
N LYS G 94 9.25 -11.23 2.21
CA LYS G 94 9.30 -12.63 2.61
C LYS G 94 10.37 -12.95 3.64
N LYS G 95 11.27 -12.02 3.95
CA LYS G 95 12.28 -12.22 4.96
C LYS G 95 12.62 -10.86 5.56
N SER G 96 13.14 -10.89 6.80
CA SER G 96 13.62 -9.69 7.49
C SER G 96 14.87 -10.04 8.28
N ASP G 97 15.72 -9.05 8.49
CA ASP G 97 16.87 -9.24 9.37
C ASP G 97 16.52 -9.08 10.86
N TRP G 98 15.25 -8.85 11.19
CA TRP G 98 14.79 -8.79 12.57
C TRP G 98 14.43 -10.21 13.03
N LYS G 99 15.09 -10.65 14.11
CA LYS G 99 14.95 -12.04 14.59
C LYS G 99 13.50 -12.43 14.86
N ASN G 100 13.19 -13.70 14.59
CA ASN G 100 11.86 -14.29 14.82
C ASN G 100 10.79 -13.51 14.08
N SER G 101 10.88 -13.54 12.74
CA SER G 101 9.86 -12.94 11.91
C SER G 101 9.41 -13.96 10.86
N VAL G 102 8.12 -14.23 10.81
CA VAL G 102 7.49 -15.17 9.88
C VAL G 102 6.50 -14.40 9.01
N PHE G 103 6.46 -14.73 7.73
CA PHE G 103 5.66 -13.97 6.80
C PHE G 103 4.53 -14.81 6.24
N LEU G 104 3.32 -14.32 6.44
CA LEU G 104 2.10 -14.95 5.98
C LEU G 104 1.60 -14.22 4.75
N GLU G 105 1.04 -14.97 3.80
CA GLU G 105 0.59 -14.38 2.56
C GLU G 105 -0.93 -14.28 2.40
N SER G 106 -1.72 -15.04 3.14
CA SER G 106 -3.13 -15.13 2.79
C SER G 106 -3.98 -15.07 4.04
N LEU G 107 -5.27 -14.80 3.83
CA LEU G 107 -6.24 -15.01 4.88
C LEU G 107 -6.18 -16.46 5.38
N ALA G 108 -5.92 -17.40 4.45
CA ALA G 108 -5.84 -18.80 4.83
C ALA G 108 -4.72 -19.05 5.83
N ASP G 109 -3.55 -18.43 5.60
CA ASP G 109 -2.41 -18.54 6.51
C ASP G 109 -2.75 -18.00 7.89
N ILE G 110 -3.47 -16.88 7.93
CA ILE G 110 -3.87 -16.31 9.20
C ILE G 110 -4.86 -17.24 9.91
N LYS G 111 -5.85 -17.76 9.18
CA LYS G 111 -6.85 -18.63 9.80
C LYS G 111 -6.19 -19.89 10.33
N LYS G 112 -5.21 -20.40 9.60
CA LYS G 112 -4.41 -21.54 10.06
C LYS G 112 -3.63 -21.20 11.34
N LEU G 113 -3.08 -19.98 11.41
CA LEU G 113 -2.38 -19.55 12.63
C LEU G 113 -3.33 -19.46 13.83
N LYS G 114 -4.46 -18.80 13.65
CA LYS G 114 -5.46 -18.70 14.72
C LYS G 114 -5.93 -20.07 15.18
N ASN G 115 -6.08 -21.01 14.22
CA ASN G 115 -6.60 -22.33 14.57
C ASN G 115 -5.55 -23.25 15.19
N SER G 116 -4.26 -22.89 15.14
CA SER G 116 -3.22 -23.73 15.71
C SER G 116 -3.18 -23.54 17.23
N GLU G 117 -2.14 -24.07 17.86
CA GLU G 117 -1.88 -23.84 19.28
C GLU G 117 -0.65 -22.94 19.41
N GLY G 118 -0.55 -22.28 20.55
CA GLY G 118 0.56 -21.39 20.82
C GLY G 118 0.14 -20.31 21.80
N SER G 119 1.04 -19.34 21.98
CA SER G 119 0.79 -18.21 22.88
C SER G 119 -0.32 -17.30 22.35
N ASP G 120 -0.91 -16.54 23.27
CA ASP G 120 -1.78 -15.42 22.92
C ASP G 120 -1.09 -14.49 21.93
N ILE G 121 -1.83 -14.06 20.91
CA ILE G 121 -1.28 -13.23 19.85
C ILE G 121 -1.76 -11.79 20.04
N GLN G 122 -0.85 -10.84 19.84
CA GLN G 122 -1.14 -9.42 19.98
C GLN G 122 -0.98 -8.69 18.65
N VAL G 123 -1.95 -7.83 18.34
CA VAL G 123 -1.94 -6.95 17.17
C VAL G 123 -1.77 -5.50 17.63
N TRP G 124 -0.69 -4.87 17.20
CA TRP G 124 -0.42 -3.44 17.41
C TRP G 124 -0.49 -2.74 16.07
N GLY G 125 -0.94 -1.46 16.07
CA GLY G 125 -1.07 -0.71 14.81
C GLY G 125 -1.93 -1.46 13.82
N SER G 126 -1.42 -1.69 12.60
CA SER G 126 -2.00 -2.66 11.67
C SER G 126 -3.48 -2.40 11.34
N GLY G 127 -3.81 -1.15 10.95
CA GLY G 127 -5.19 -0.81 10.65
C GLY G 127 -5.78 -1.58 9.47
N GLU G 128 -5.03 -1.65 8.36
CA GLU G 128 -5.53 -2.41 7.21
C GLU G 128 -5.72 -3.89 7.55
N LEU G 129 -4.67 -4.51 8.11
CA LEU G 129 -4.76 -5.89 8.55
C LEU G 129 -5.96 -6.09 9.48
N ILE G 130 -6.17 -5.15 10.41
CA ILE G 130 -7.25 -5.30 11.35
C ILE G 130 -8.59 -5.35 10.62
N GLN G 131 -8.75 -4.54 9.58
CA GLN G 131 -10.01 -4.62 8.81
C GLN G 131 -10.24 -6.05 8.32
N LEU G 132 -9.18 -6.66 7.79
CA LEU G 132 -9.31 -8.06 7.35
C LEU G 132 -9.63 -9.00 8.51
N LEU G 133 -9.15 -8.70 9.72
CA LEU G 133 -9.43 -9.58 10.86
C LEU G 133 -10.83 -9.35 11.44
N PHE G 134 -11.36 -8.12 11.39
CA PHE G 134 -12.75 -7.89 11.78
C PHE G 134 -13.70 -8.56 10.78
N LYS G 135 -13.44 -8.36 9.49
CA LYS G 135 -14.34 -8.88 8.46
C LYS G 135 -14.58 -10.37 8.65
N ASN G 136 -13.56 -11.10 9.09
CA ASN G 136 -13.62 -12.55 9.30
C ASN G 136 -13.82 -12.94 10.75
N ASP G 137 -14.21 -11.99 11.61
CA ASP G 137 -14.49 -12.27 13.03
C ASP G 137 -13.38 -13.09 13.70
N LEU G 138 -12.13 -12.70 13.47
CA LEU G 138 -10.95 -13.34 14.01
C LEU G 138 -10.36 -12.66 15.26
N VAL G 139 -10.98 -11.59 15.76
CA VAL G 139 -10.46 -10.87 16.92
C VAL G 139 -11.25 -11.27 18.14
N ASP G 140 -10.55 -11.68 19.20
CA ASP G 140 -11.15 -12.15 20.46
C ASP G 140 -11.26 -11.07 21.52
N GLU G 141 -10.27 -10.19 21.60
CA GLU G 141 -10.28 -9.15 22.62
C GLU G 141 -9.79 -7.85 21.98
N LEU G 142 -10.26 -6.74 22.54
CA LEU G 142 -9.98 -5.40 22.07
C LEU G 142 -9.44 -4.63 23.26
N TRP G 143 -8.22 -4.11 23.18
CA TRP G 143 -7.64 -3.34 24.27
C TRP G 143 -7.48 -1.90 23.80
N LEU G 144 -8.46 -1.07 24.15
CA LEU G 144 -8.60 0.28 23.62
C LEU G 144 -8.13 1.32 24.63
N LYS G 145 -7.51 2.36 24.10
CA LYS G 145 -7.24 3.59 24.83
C LYS G 145 -7.87 4.72 24.03
N ILE G 146 -8.82 5.41 24.66
CA ILE G 146 -9.63 6.45 24.05
C ILE G 146 -9.17 7.79 24.60
N PHE G 147 -8.56 8.60 23.73
CA PHE G 147 -7.99 9.93 24.01
C PHE G 147 -9.05 11.02 23.84
N PRO G 148 -9.03 12.05 24.70
CA PRO G 148 -10.05 13.13 24.64
C PRO G 148 -9.77 14.11 23.52
N VAL G 149 -9.78 13.60 22.29
CA VAL G 149 -9.44 14.37 21.12
C VAL G 149 -10.37 13.98 19.98
N THR G 150 -10.66 14.93 19.09
CA THR G 150 -11.32 14.59 17.83
C THR G 150 -10.51 15.18 16.70
N LEU G 151 -10.27 14.40 15.66
CA LEU G 151 -9.64 14.88 14.45
C LEU G 151 -10.64 14.63 13.33
N ASN G 152 -10.60 15.41 12.27
CA ASN G 152 -11.59 14.97 11.29
C ASN G 152 -11.08 13.73 10.58
N THR G 153 -9.93 13.85 9.94
CA THR G 153 -9.45 12.86 8.98
C THR G 153 -8.46 11.88 9.64
N GLY G 154 -8.13 10.81 8.92
CA GLY G 154 -7.23 9.77 9.38
C GLY G 154 -7.84 8.39 9.36
N LYS G 155 -7.03 7.36 9.08
CA LYS G 155 -7.51 5.99 9.14
C LYS G 155 -8.07 5.65 10.52
N ARG G 156 -9.18 4.93 10.53
CA ARG G 156 -9.90 4.58 11.74
C ARG G 156 -9.72 3.12 12.08
N LEU G 157 -9.76 2.83 13.39
CA LEU G 157 -9.72 1.45 13.85
C LEU G 157 -10.91 0.67 13.30
N PHE G 158 -12.12 1.15 13.56
CA PHE G 158 -13.33 0.55 13.01
C PHE G 158 -13.61 1.11 11.63
N GLY G 159 -12.96 0.52 10.62
CA GLY G 159 -13.12 0.96 9.25
C GLY G 159 -13.89 -0.01 8.37
N ASP G 160 -13.38 -0.26 7.16
CA ASP G 160 -14.10 -1.06 6.16
C ASP G 160 -14.52 -2.44 6.68
N GLY G 161 -13.62 -3.12 7.40
CA GLY G 161 -13.86 -4.48 7.82
C GLY G 161 -14.84 -4.64 8.95
N THR G 162 -15.12 -3.57 9.71
CA THR G 162 -16.07 -3.66 10.81
C THR G 162 -17.34 -4.43 10.42
N ILE G 163 -17.78 -5.27 11.35
CA ILE G 163 -19.01 -6.03 11.21
C ILE G 163 -19.83 -5.82 12.47
N PRO G 164 -21.14 -6.02 12.40
CA PRO G 164 -21.95 -5.94 13.62
C PRO G 164 -21.49 -7.01 14.59
N ALA G 165 -21.07 -6.59 15.78
CA ALA G 165 -20.59 -7.53 16.78
C ALA G 165 -20.84 -6.96 18.16
N ALA G 166 -21.21 -7.85 19.07
CA ALA G 166 -21.40 -7.51 20.48
C ALA G 166 -20.16 -7.91 21.27
N PHE G 167 -19.95 -7.20 22.37
CA PHE G 167 -18.79 -7.34 23.22
C PHE G 167 -19.23 -7.22 24.67
N THR G 168 -18.39 -7.71 25.58
CA THR G 168 -18.56 -7.51 27.01
C THR G 168 -17.38 -6.69 27.50
N LEU G 169 -17.66 -5.67 28.29
CA LEU G 169 -16.57 -4.90 28.87
C LEU G 169 -15.92 -5.74 29.96
N ILE G 170 -14.73 -6.30 29.69
CA ILE G 170 -14.08 -7.06 30.74
C ILE G 170 -13.46 -6.12 31.76
N GLU G 171 -12.96 -4.96 31.34
CA GLU G 171 -12.35 -4.11 32.35
C GLU G 171 -12.21 -2.68 31.84
N SER G 172 -12.25 -1.72 32.77
CA SER G 172 -12.16 -0.31 32.41
C SER G 172 -11.36 0.44 33.47
N SER G 173 -10.84 1.61 33.07
CA SER G 173 -10.01 2.44 33.94
C SER G 173 -9.82 3.82 33.28
N VAL G 174 -9.44 4.81 34.08
CA VAL G 174 -9.22 6.17 33.60
C VAL G 174 -7.84 6.65 34.04
N THR G 175 -7.13 7.31 33.13
CA THR G 175 -5.80 7.91 33.16
C THR G 175 -5.89 9.36 33.64
N PRO G 176 -4.91 9.82 34.41
CA PRO G 176 -4.99 11.19 34.96
C PRO G 176 -5.06 12.27 33.90
N SER G 177 -4.50 12.04 32.71
CA SER G 177 -4.63 13.02 31.64
C SER G 177 -5.94 12.84 30.86
N GLY G 178 -6.88 12.09 31.40
CA GLY G 178 -8.19 11.96 30.79
C GLY G 178 -8.31 10.96 29.66
N VAL G 179 -7.46 9.93 29.63
CA VAL G 179 -7.57 8.85 28.65
C VAL G 179 -8.32 7.70 29.29
N ILE G 180 -9.27 7.12 28.55
CA ILE G 180 -10.06 5.99 29.02
C ILE G 180 -9.46 4.70 28.49
N ILE G 181 -9.16 3.77 29.38
CA ILE G 181 -8.74 2.42 29.00
C ILE G 181 -9.97 1.53 29.11
N ALA G 182 -10.22 0.75 28.06
CA ALA G 182 -11.35 -0.16 28.07
C ALA G 182 -10.95 -1.41 27.30
N ASN G 183 -11.12 -2.58 27.94
CA ASN G 183 -10.77 -3.86 27.38
C ASN G 183 -12.05 -4.67 27.27
N TYR G 184 -12.27 -5.25 26.09
CA TYR G 184 -13.51 -5.90 25.70
C TYR G 184 -13.23 -7.29 25.17
N LYS G 185 -14.21 -8.16 25.33
CA LYS G 185 -14.09 -9.53 24.79
C LYS G 185 -15.27 -9.81 23.87
N ARG G 186 -15.03 -10.44 22.72
CA ARG G 186 -16.15 -10.82 21.81
C ARG G 186 -17.24 -11.46 22.66
N ALA G 187 -18.49 -11.14 22.38
CA ALA G 187 -19.59 -11.64 23.21
C ALA G 187 -20.79 -12.03 22.36
N GLY G 188 -20.56 -12.56 21.18
CA GLY G 188 -21.73 -13.05 20.43
C GLY G 188 -22.33 -12.05 19.47
N GLU G 189 -23.60 -12.24 19.12
CA GLU G 189 -24.18 -11.38 18.06
C GLU G 189 -24.99 -10.23 18.64
N VAL G 190 -25.21 -9.23 17.81
CA VAL G 190 -25.94 -8.05 18.25
C VAL G 190 -27.43 -8.38 18.33
N LYS G 191 -28.04 -8.12 19.47
CA LYS G 191 -29.48 -8.22 19.57
C LYS G 191 -30.08 -6.83 19.79
N THR G 192 -31.32 -6.68 19.30
CA THR G 192 -32.05 -5.42 19.33
C THR G 192 -33.42 -5.62 19.96
N GLY G 193 -34.01 -4.53 20.40
CA GLY G 193 -35.37 -4.59 20.92
C GLY G 193 -36.10 -3.26 20.79
N THR G 194 -37.13 -3.04 21.60
CA THR G 194 -37.87 -1.79 21.57
C THR G 194 -37.89 -1.22 22.98
N VAL G 195 -37.30 -0.04 23.14
CA VAL G 195 -37.30 0.64 24.42
C VAL G 195 -38.68 1.23 24.70
N MET H 1 -25.29 34.06 27.00
CA MET H 1 -24.33 33.00 26.72
C MET H 1 -24.71 31.70 27.43
N ARG H 2 -25.35 30.79 26.70
CA ARG H 2 -25.85 29.55 27.28
C ARG H 2 -24.96 28.37 26.92
N LYS H 3 -24.76 27.49 27.90
CA LYS H 3 -24.02 26.25 27.65
C LYS H 3 -24.83 25.31 26.78
N ILE H 4 -24.21 24.78 25.73
CA ILE H 4 -24.80 23.74 24.89
C ILE H 4 -24.11 22.41 25.21
N THR H 5 -24.89 21.43 25.63
CA THR H 5 -24.37 20.11 25.90
C THR H 5 -25.01 19.11 24.94
N VAL H 6 -24.18 18.30 24.27
CA VAL H 6 -24.67 17.24 23.38
C VAL H 6 -24.65 15.94 24.18
N LEU H 7 -25.81 15.30 24.29
CA LEU H 7 -25.91 14.00 24.92
C LEU H 7 -26.22 12.99 23.84
N SER H 8 -25.62 11.81 23.92
CA SER H 8 -25.65 10.92 22.76
C SER H 8 -25.32 9.50 23.19
N PHE H 9 -26.10 8.54 22.70
CA PHE H 9 -25.84 7.12 22.83
C PHE H 9 -25.10 6.69 21.58
N ILE H 10 -23.89 6.16 21.74
CA ILE H 10 -23.11 5.73 20.59
C ILE H 10 -22.59 4.33 20.81
N THR H 11 -22.31 3.66 19.70
CA THR H 11 -21.63 2.37 19.68
C THR H 11 -20.11 2.58 19.74
N LEU H 12 -19.38 1.51 20.03
CA LEU H 12 -17.91 1.56 20.02
C LEU H 12 -17.36 2.16 18.73
N ASP H 13 -17.96 1.84 17.59
CA ASP H 13 -17.48 2.40 16.33
C ASP H 13 -18.20 3.69 15.94
N GLY H 14 -18.79 4.39 16.91
CA GLY H 14 -19.29 5.71 16.68
C GLY H 14 -20.68 5.85 16.11
N VAL H 15 -21.48 4.79 16.07
CA VAL H 15 -22.79 4.89 15.43
C VAL H 15 -23.83 5.35 16.44
N MET H 16 -24.67 6.24 15.96
CA MET H 16 -25.69 6.93 16.72
C MET H 16 -27.12 6.59 16.31
N GLN H 17 -27.31 6.02 15.12
CA GLN H 17 -28.63 5.90 14.50
C GLN H 17 -29.58 5.00 15.27
N ALA H 18 -30.82 5.47 15.45
CA ALA H 18 -31.93 4.64 15.90
C ALA H 18 -31.60 3.78 17.12
N PRO H 19 -31.19 4.38 18.23
CA PRO H 19 -30.92 3.57 19.44
C PRO H 19 -32.13 2.85 20.00
N GLY H 20 -33.34 3.39 19.85
CA GLY H 20 -34.48 2.93 20.64
C GLY H 20 -35.40 1.86 20.06
N GLY H 21 -35.47 1.70 18.74
CA GLY H 21 -36.39 0.74 18.18
C GLY H 21 -36.10 0.38 16.74
N PRO H 22 -36.68 -0.74 16.27
CA PRO H 22 -36.40 -1.21 14.91
C PRO H 22 -36.74 -0.22 13.80
N GLU H 23 -37.74 0.67 13.99
CA GLU H 23 -38.15 1.59 12.93
C GLU H 23 -37.87 3.05 13.24
N GLU H 24 -37.08 3.35 14.28
CA GLU H 24 -36.85 4.74 14.68
C GLU H 24 -36.19 5.56 13.57
N ASP H 25 -35.25 4.95 12.86
CA ASP H 25 -34.62 5.61 11.68
C ASP H 25 -34.22 4.53 10.68
N THR H 26 -35.04 4.36 9.64
CA THR H 26 -34.80 3.27 8.65
C THR H 26 -33.92 3.80 7.52
N SER H 27 -33.42 5.02 7.65
CA SER H 27 -32.51 5.60 6.64
C SER H 27 -31.42 4.59 6.27
N GLY H 28 -31.23 4.36 4.98
CA GLY H 28 -30.15 3.46 4.53
C GLY H 28 -30.51 2.00 4.69
N GLY H 29 -31.76 1.71 5.03
CA GLY H 29 -32.08 0.32 5.27
C GLY H 29 -31.50 -0.21 6.55
N PHE H 30 -31.08 0.68 7.46
CA PHE H 30 -30.56 0.32 8.77
C PHE H 30 -31.36 -0.80 9.40
N LYS H 31 -30.67 -1.91 9.70
CA LYS H 31 -31.30 -3.10 10.24
C LYS H 31 -31.19 -3.19 11.75
N TYR H 32 -30.45 -2.30 12.40
CA TYR H 32 -30.08 -2.51 13.80
C TYR H 32 -30.79 -1.57 14.76
N GLY H 33 -31.91 -0.96 14.35
CA GLY H 33 -32.67 -0.14 15.28
C GLY H 33 -33.00 -0.82 16.60
N GLY H 34 -32.82 -0.09 17.70
CA GLY H 34 -33.00 -0.67 19.02
C GLY H 34 -31.80 -1.39 19.60
N TRP H 35 -30.58 -1.06 19.15
CA TRP H 35 -29.40 -1.76 19.65
C TRP H 35 -29.08 -1.42 21.10
N THR H 36 -29.71 -0.40 21.69
CA THR H 36 -29.50 -0.14 23.10
C THR H 36 -30.40 -0.97 24.00
N ALA H 37 -31.41 -1.63 23.44
CA ALA H 37 -32.39 -2.33 24.27
C ALA H 37 -31.79 -3.38 25.20
N PRO H 38 -30.80 -4.19 24.82
CA PRO H 38 -30.26 -5.14 25.79
C PRO H 38 -29.55 -4.49 26.98
N TYR H 39 -29.19 -3.21 26.92
CA TYR H 39 -28.33 -2.61 27.94
C TYR H 39 -29.09 -1.70 28.89
N GLU H 40 -30.42 -1.74 28.88
CA GLU H 40 -31.19 -0.97 29.84
C GLU H 40 -31.10 -1.65 31.20
N ASP H 41 -30.70 -0.90 32.25
CA ASP H 41 -30.63 -1.47 33.60
C ASP H 41 -30.93 -0.39 34.64
N GLU H 42 -30.83 -0.81 35.91
CA GLU H 42 -31.25 0.02 37.05
C GLU H 42 -30.28 1.18 37.28
N VAL H 43 -28.97 0.89 37.24
CA VAL H 43 -27.93 1.90 37.51
C VAL H 43 -27.96 2.99 36.43
N SER H 44 -28.00 2.59 35.15
CA SER H 44 -28.09 3.56 34.07
C SER H 44 -29.44 4.25 34.03
N GLY H 45 -30.51 3.58 34.49
CA GLY H 45 -31.80 4.24 34.62
C GLY H 45 -31.78 5.38 35.62
N LYS H 46 -31.15 5.15 36.78
CA LYS H 46 -30.96 6.21 37.78
C LYS H 46 -30.10 7.35 37.23
N ILE H 47 -28.95 7.00 36.64
CA ILE H 47 -28.07 8.03 36.07
C ILE H 47 -28.82 8.87 35.02
N MET H 48 -29.51 8.18 34.09
CA MET H 48 -30.30 8.87 33.07
C MET H 48 -31.35 9.78 33.68
N GLU H 49 -32.04 9.33 34.74
CA GLU H 49 -33.06 10.20 35.33
C GLU H 49 -32.46 11.43 36.01
N LYS H 50 -31.17 11.41 36.39
CA LYS H 50 -30.59 12.72 36.73
C LYS H 50 -30.22 13.54 35.50
N GLN H 51 -29.74 12.90 34.42
CA GLN H 51 -29.45 13.68 33.22
C GLN H 51 -30.68 14.34 32.61
N MET H 52 -31.89 14.00 33.06
CA MET H 52 -33.13 14.51 32.48
C MET H 52 -33.79 15.60 33.32
N LYS H 53 -33.04 16.34 34.14
CA LYS H 53 -33.66 17.39 34.95
C LYS H 53 -33.99 18.60 34.06
N PRO H 54 -34.90 19.49 34.51
CA PRO H 54 -35.44 20.51 33.59
C PRO H 54 -34.38 21.45 33.00
N ALA H 55 -34.47 21.67 31.69
CA ALA H 55 -33.60 22.58 30.97
C ALA H 55 -34.33 23.06 29.72
N ASP H 56 -33.61 23.72 28.82
CA ASP H 56 -34.05 24.03 27.47
C ASP H 56 -33.36 23.10 26.47
N TYR H 57 -33.89 23.02 25.26
CA TYR H 57 -33.47 22.00 24.31
C TYR H 57 -33.22 22.61 22.93
N LEU H 58 -32.21 22.09 22.24
CA LEU H 58 -31.96 22.42 20.84
C LEU H 58 -31.96 21.10 20.07
N LEU H 59 -32.85 20.99 19.07
CA LEU H 59 -33.00 19.74 18.34
C LEU H 59 -33.13 20.01 16.85
N GLY H 60 -32.74 19.01 16.04
CA GLY H 60 -33.09 19.01 14.64
C GLY H 60 -34.52 18.53 14.43
N ARG H 61 -35.09 18.89 13.28
CA ARG H 61 -36.53 18.68 13.13
C ARG H 61 -36.90 17.21 13.21
N LYS H 62 -36.12 16.32 12.59
CA LYS H 62 -36.45 14.90 12.60
C LYS H 62 -36.48 14.37 14.01
N THR H 63 -35.50 14.74 14.82
CA THR H 63 -35.49 14.30 16.22
C THR H 63 -36.64 14.93 16.99
N PHE H 64 -36.95 16.19 16.67
CA PHE H 64 -38.07 16.84 17.34
C PHE H 64 -39.36 16.10 17.05
N GLU H 65 -39.55 15.69 15.80
CA GLU H 65 -40.76 14.98 15.41
C GLU H 65 -40.81 13.60 16.03
N ILE H 66 -39.68 12.91 16.11
CA ILE H 66 -39.66 11.62 16.79
C ILE H 66 -40.13 11.80 18.23
N PHE H 67 -39.61 12.82 18.91
CA PHE H 67 -40.04 13.09 20.29
C PHE H 67 -41.52 13.49 20.37
N ALA H 68 -41.98 14.34 19.45
CA ALA H 68 -43.37 14.77 19.47
C ALA H 68 -44.33 13.58 19.34
N SER H 69 -43.89 12.49 18.71
CA SER H 69 -44.74 11.33 18.56
C SER H 69 -45.00 10.58 19.85
N TYR H 70 -44.11 10.74 20.84
CA TYR H 70 -44.12 9.91 22.03
C TYR H 70 -44.28 10.70 23.32
N TRP H 71 -43.42 11.70 23.54
CA TRP H 71 -43.25 12.29 24.87
C TRP H 71 -44.41 13.14 25.40
N PRO H 72 -45.21 13.83 24.56
CA PRO H 72 -46.39 14.49 25.11
C PRO H 72 -47.31 13.57 25.92
N GLU H 73 -47.31 12.27 25.63
CA GLU H 73 -48.11 11.30 26.35
C GLU H 73 -47.35 10.64 27.49
N HIS H 74 -46.14 11.09 27.78
CA HIS H 74 -45.33 10.50 28.83
C HIS H 74 -44.61 11.56 29.62
N ALA H 75 -45.30 12.68 29.89
CA ALA H 75 -44.72 13.74 30.70
C ALA H 75 -44.39 13.27 32.10
N ASP H 76 -45.07 12.24 32.60
CA ASP H 76 -44.73 11.69 33.90
C ASP H 76 -43.27 11.24 33.94
N PHE H 77 -42.84 10.44 32.96
N PHE H 77 -42.84 10.45 32.96
CA PHE H 77 -41.46 9.95 32.99
CA PHE H 77 -41.48 9.92 32.96
C PHE H 77 -40.45 11.06 32.74
C PHE H 77 -40.45 11.03 32.73
N TRP H 78 -40.73 11.95 31.81
CA TRP H 78 -39.80 13.03 31.44
C TRP H 78 -40.51 14.37 31.42
N PRO H 79 -40.82 14.92 32.60
CA PRO H 79 -41.45 16.25 32.62
C PRO H 79 -40.63 17.33 31.94
N GLY H 80 -39.29 17.27 32.05
CA GLY H 80 -38.45 18.36 31.59
C GLY H 80 -38.57 18.63 30.11
N ILE H 81 -38.72 17.57 29.30
CA ILE H 81 -38.81 17.76 27.85
C ILE H 81 -40.13 18.41 27.47
N ASN H 82 -41.16 18.21 28.29
CA ASN H 82 -42.45 18.86 28.02
C ASN H 82 -42.45 20.31 28.51
N ASP H 83 -41.92 20.55 29.71
CA ASP H 83 -41.98 21.89 30.30
C ASP H 83 -40.99 22.85 29.67
N GLY H 84 -39.81 22.36 29.29
CA GLY H 84 -38.79 23.23 28.73
C GLY H 84 -39.10 23.64 27.31
N THR H 85 -38.46 24.72 26.88
CA THR H 85 -38.63 25.22 25.53
C THR H 85 -37.79 24.41 24.56
N LYS H 86 -38.36 24.10 23.41
CA LYS H 86 -37.73 23.26 22.41
C LYS H 86 -37.44 24.11 21.18
N TYR H 87 -36.19 24.53 21.03
CA TYR H 87 -35.78 25.21 19.82
C TYR H 87 -35.44 24.16 18.78
N VAL H 88 -35.98 24.32 17.59
CA VAL H 88 -35.94 23.27 16.59
C VAL H 88 -35.46 23.89 15.29
N MET H 89 -34.37 23.35 14.76
CA MET H 89 -33.84 23.81 13.48
C MET H 89 -34.65 23.17 12.36
N SER H 90 -35.36 24.00 11.58
CA SER H 90 -36.18 23.47 10.50
C SER H 90 -36.53 24.59 9.52
N LYS H 91 -36.36 24.30 8.23
CA LYS H 91 -36.83 25.19 7.18
C LYS H 91 -38.10 24.66 6.50
N THR H 92 -38.77 23.68 7.12
CA THR H 92 -40.05 23.19 6.60
C THR H 92 -41.18 23.15 7.62
N VAL H 93 -40.94 23.36 8.91
CA VAL H 93 -41.97 23.32 9.93
C VAL H 93 -41.89 24.58 10.77
N LYS H 94 -43.04 25.21 11.02
CA LYS H 94 -43.05 26.45 11.79
C LYS H 94 -43.96 26.42 13.01
N LYS H 95 -44.86 25.45 13.13
CA LYS H 95 -45.75 25.31 14.28
C LYS H 95 -45.75 23.85 14.70
N SER H 96 -46.14 23.61 15.94
CA SER H 96 -46.27 22.23 16.39
C SER H 96 -47.39 22.13 17.41
N ASP H 97 -48.03 20.95 17.42
CA ASP H 97 -48.95 20.57 18.49
C ASP H 97 -48.31 20.76 19.86
N TRP H 98 -47.05 20.35 19.98
CA TRP H 98 -46.37 20.25 21.26
C TRP H 98 -46.09 21.62 21.85
N LYS H 99 -46.43 21.80 23.13
CA LYS H 99 -46.28 23.09 23.80
C LYS H 99 -44.81 23.47 23.96
N ASN H 100 -44.57 24.78 23.95
CA ASN H 100 -43.24 25.37 24.15
C ASN H 100 -42.27 24.91 23.07
N SER H 101 -42.65 25.20 21.83
CA SER H 101 -41.83 24.88 20.68
C SER H 101 -41.56 26.14 19.89
N VAL H 102 -40.30 26.37 19.57
CA VAL H 102 -39.87 27.51 18.78
C VAL H 102 -39.04 27.01 17.63
N PHE H 103 -39.23 27.61 16.46
CA PHE H 103 -38.60 27.14 15.23
C PHE H 103 -37.60 28.17 14.73
N LEU H 104 -36.35 27.73 14.55
CA LEU H 104 -35.24 28.54 14.05
C LEU H 104 -34.87 28.07 12.66
N GLU H 105 -34.47 29.01 11.80
CA GLU H 105 -34.32 28.71 10.39
C GLU H 105 -32.88 28.79 9.87
N SER H 106 -31.94 29.29 10.67
CA SER H 106 -30.58 29.48 10.17
C SER H 106 -29.57 29.31 11.29
N LEU H 107 -28.30 29.20 10.89
CA LEU H 107 -27.21 29.18 11.86
C LEU H 107 -27.17 30.45 12.71
N ALA H 108 -27.43 31.60 12.07
CA ALA H 108 -27.51 32.86 12.80
C ALA H 108 -28.52 32.80 13.95
N ASP H 109 -29.64 32.08 13.74
CA ASP H 109 -30.64 31.94 14.80
C ASP H 109 -30.11 31.13 15.98
N ILE H 110 -29.36 30.05 15.69
CA ILE H 110 -28.76 29.27 16.77
C ILE H 110 -27.77 30.12 17.54
N LYS H 111 -26.94 30.89 16.82
CA LYS H 111 -26.01 31.78 17.51
C LYS H 111 -26.76 32.73 18.43
N LYS H 112 -27.79 33.40 17.89
CA LYS H 112 -28.64 34.29 18.68
C LYS H 112 -29.14 33.58 19.92
N LEU H 113 -29.63 32.35 19.77
CA LEU H 113 -30.14 31.60 20.92
C LEU H 113 -29.05 31.32 21.94
N LYS H 114 -27.84 31.04 21.47
CA LYS H 114 -26.78 30.71 22.41
C LYS H 114 -26.36 31.92 23.21
N ASN H 115 -26.43 33.11 22.62
CA ASN H 115 -26.12 34.35 23.32
C ASN H 115 -27.23 34.81 24.25
N SER H 116 -28.45 34.26 24.11
CA SER H 116 -29.56 34.70 24.92
C SER H 116 -29.29 34.42 26.38
N GLU H 117 -30.21 34.89 27.21
CA GLU H 117 -30.22 34.58 28.63
C GLU H 117 -31.27 33.51 28.88
N GLY H 118 -31.00 32.62 29.83
CA GLY H 118 -31.96 31.60 30.18
C GLY H 118 -31.24 30.31 30.49
N SER H 119 -32.03 29.25 30.56
CA SER H 119 -31.55 27.95 31.00
C SER H 119 -30.54 27.35 30.00
N ASP H 120 -29.71 26.45 30.51
CA ASP H 120 -28.77 25.74 29.67
C ASP H 120 -29.51 24.87 28.66
N ILE H 121 -28.82 24.56 27.56
CA ILE H 121 -29.40 23.89 26.41
C ILE H 121 -28.82 22.48 26.28
N GLN H 122 -29.70 21.48 26.16
CA GLN H 122 -29.33 20.12 25.84
C GLN H 122 -29.74 19.77 24.41
N VAL H 123 -28.85 19.06 23.72
CA VAL H 123 -29.10 18.53 22.39
C VAL H 123 -29.14 17.02 22.53
N TRP H 124 -30.31 16.43 22.29
CA TRP H 124 -30.48 14.99 22.19
C TRP H 124 -30.71 14.59 20.74
N GLY H 125 -30.29 13.37 20.40
CA GLY H 125 -30.37 12.90 19.02
C GLY H 125 -29.73 13.91 18.09
N SER H 126 -30.40 14.21 16.99
CA SER H 126 -30.09 15.36 16.14
C SER H 126 -28.67 15.31 15.58
N GLY H 127 -28.35 14.19 14.91
CA GLY H 127 -27.02 14.02 14.35
C GLY H 127 -26.65 15.06 13.30
N GLU H 128 -27.56 15.32 12.34
CA GLU H 128 -27.29 16.30 11.28
C GLU H 128 -27.12 17.70 11.87
N LEU H 129 -28.05 18.09 12.76
CA LEU H 129 -27.90 19.34 13.45
C LEU H 129 -26.57 19.40 14.19
N ILE H 130 -26.19 18.29 14.84
CA ILE H 130 -24.93 18.28 15.58
C ILE H 130 -23.77 18.51 14.63
N GLN H 131 -23.85 17.97 13.41
CA GLN H 131 -22.80 18.24 12.42
C GLN H 131 -22.65 19.74 12.24
N LEU H 132 -23.78 20.46 12.14
CA LEU H 132 -23.69 21.93 12.07
C LEU H 132 -23.08 22.51 13.33
N LEU H 133 -23.50 22.05 14.51
CA LEU H 133 -23.00 22.65 15.74
C LEU H 133 -21.50 22.40 15.94
N PHE H 134 -21.01 21.21 15.55
CA PHE H 134 -19.58 20.93 15.63
C PHE H 134 -18.79 21.78 14.65
N LYS H 135 -19.25 21.84 13.39
CA LYS H 135 -18.54 22.65 12.41
C LYS H 135 -18.28 24.05 12.94
N ASN H 136 -19.28 24.66 13.58
CA ASN H 136 -19.17 26.02 14.09
C ASN H 136 -18.66 26.10 15.52
N ASP H 137 -18.30 24.96 16.13
CA ASP H 137 -17.71 24.93 17.48
C ASP H 137 -18.62 25.53 18.53
N LEU H 138 -19.92 25.21 18.45
CA LEU H 138 -20.93 25.74 19.37
C LEU H 138 -21.27 24.76 20.48
N VAL H 139 -20.56 23.64 20.57
CA VAL H 139 -20.82 22.63 21.57
C VAL H 139 -19.82 22.80 22.70
N ASP H 140 -20.33 23.02 23.91
CA ASP H 140 -19.49 23.18 25.07
C ASP H 140 -19.22 21.86 25.78
N GLU H 141 -20.22 21.01 25.95
CA GLU H 141 -20.06 19.78 26.71
C GLU H 141 -20.54 18.60 25.88
N LEU H 142 -20.14 17.39 26.30
CA LEU H 142 -20.41 16.13 25.60
C LEU H 142 -20.66 15.06 26.65
N TRP H 143 -21.85 14.48 26.69
CA TRP H 143 -22.17 13.38 27.63
C TRP H 143 -22.49 12.15 26.80
N LEU H 144 -21.54 11.22 26.72
CA LEU H 144 -21.64 10.04 25.87
C LEU H 144 -21.87 8.79 26.71
N LYS H 145 -22.75 7.94 26.21
CA LYS H 145 -22.88 6.56 26.65
C LYS H 145 -22.33 5.72 25.51
N ILE H 146 -21.28 4.95 25.78
CA ILE H 146 -20.62 4.11 24.79
C ILE H 146 -21.02 2.66 25.05
N PHE H 147 -21.70 2.06 24.09
CA PHE H 147 -22.25 0.73 24.27
C PHE H 147 -21.33 -0.32 23.66
N PRO H 148 -21.28 -1.51 24.31
CA PRO H 148 -20.31 -2.55 23.93
C PRO H 148 -20.70 -3.26 22.64
N VAL H 149 -20.81 -2.49 21.55
CA VAL H 149 -21.25 -3.06 20.30
C VAL H 149 -20.64 -2.28 19.14
N THR H 150 -20.39 -2.99 18.05
CA THR H 150 -20.07 -2.39 16.78
C THR H 150 -21.21 -2.75 15.82
N LEU H 151 -21.63 -1.78 15.02
CA LEU H 151 -22.50 -1.99 13.86
C LEU H 151 -21.69 -1.54 12.65
N ASN H 152 -22.00 -2.01 11.46
CA ASN H 152 -21.10 -1.47 10.45
C ASN H 152 -21.55 -0.05 10.06
N THR H 153 -22.71 0.04 9.46
CA THR H 153 -23.21 1.28 8.87
C THR H 153 -24.05 2.06 9.88
N GLY H 154 -24.44 3.29 9.47
CA GLY H 154 -25.31 4.13 10.27
C GLY H 154 -24.76 5.52 10.51
N LYS H 155 -25.64 6.49 10.79
CA LYS H 155 -25.21 7.85 11.09
C LYS H 155 -24.36 7.86 12.35
N ARG H 156 -23.35 8.74 12.36
CA ARG H 156 -22.36 8.80 13.43
C ARG H 156 -22.44 10.14 14.14
N LEU H 157 -22.15 10.12 15.45
CA LEU H 157 -22.04 11.37 16.20
C LEU H 157 -20.96 12.29 15.63
N PHE H 158 -19.79 11.73 15.33
CA PHE H 158 -18.70 12.53 14.78
C PHE H 158 -18.68 12.32 13.28
N GLY H 159 -19.52 13.11 12.61
CA GLY H 159 -19.72 13.03 11.18
C GLY H 159 -18.98 14.11 10.43
N ASP H 160 -19.56 14.55 9.31
CA ASP H 160 -18.92 15.55 8.47
C ASP H 160 -18.68 16.86 9.19
N GLY H 161 -19.46 17.20 10.18
CA GLY H 161 -19.10 18.42 10.86
C GLY H 161 -17.95 18.34 11.84
N THR H 162 -17.39 17.14 12.08
CA THR H 162 -16.34 17.02 13.09
C THR H 162 -15.14 17.84 12.70
N ILE H 163 -14.57 18.53 13.68
CA ILE H 163 -13.37 19.34 13.48
C ILE H 163 -12.31 18.87 14.47
N PRO H 164 -11.05 19.14 14.17
CA PRO H 164 -9.97 18.89 15.14
C PRO H 164 -10.25 19.66 16.42
N ALA H 165 -10.35 18.94 17.53
CA ALA H 165 -10.64 19.58 18.81
C ALA H 165 -10.17 18.68 19.93
N ALA H 166 -9.85 19.32 21.05
CA ALA H 166 -9.35 18.71 22.26
C ALA H 166 -10.37 18.94 23.37
N PHE H 167 -10.47 17.96 24.27
CA PHE H 167 -11.51 17.96 25.28
C PHE H 167 -10.92 17.59 26.63
N THR H 168 -11.73 17.75 27.67
CA THR H 168 -11.31 17.49 29.03
C THR H 168 -12.30 16.51 29.62
N LEU H 169 -11.81 15.36 30.08
CA LEU H 169 -12.68 14.34 30.67
C LEU H 169 -13.18 14.85 32.01
N ILE H 170 -14.40 15.38 32.03
CA ILE H 170 -14.98 15.82 33.30
C ILE H 170 -15.18 14.64 34.22
N GLU H 171 -15.83 13.59 33.74
CA GLU H 171 -16.02 12.44 34.64
C GLU H 171 -16.31 11.20 33.81
N SER H 172 -16.31 10.06 34.50
CA SER H 172 -16.44 8.79 33.81
C SER H 172 -16.88 7.72 34.79
N SER H 173 -17.68 6.78 34.28
CA SER H 173 -18.19 5.69 35.10
C SER H 173 -18.58 4.54 34.17
N VAL H 174 -19.00 3.44 34.77
CA VAL H 174 -19.36 2.24 34.04
C VAL H 174 -20.64 1.71 34.66
N THR H 175 -21.46 1.09 33.84
CA THR H 175 -22.69 0.42 34.18
C THR H 175 -22.47 -1.09 34.20
N PRO H 176 -23.25 -1.81 35.02
CA PRO H 176 -23.07 -3.26 35.10
C PRO H 176 -23.30 -3.96 33.76
N SER H 177 -23.97 -3.30 32.82
CA SER H 177 -24.15 -3.88 31.49
C SER H 177 -22.97 -3.62 30.56
N GLY H 178 -21.94 -2.91 31.01
CA GLY H 178 -20.78 -2.66 30.19
C GLY H 178 -20.79 -1.36 29.41
N VAL H 179 -21.71 -0.46 29.73
CA VAL H 179 -21.79 0.81 29.01
C VAL H 179 -20.88 1.78 29.71
N ILE H 180 -20.04 2.47 28.94
CA ILE H 180 -19.14 3.46 29.50
C ILE H 180 -19.80 4.83 29.41
N ILE H 181 -19.83 5.56 30.51
CA ILE H 181 -20.38 6.90 30.56
C ILE H 181 -19.21 7.86 30.68
N ALA H 182 -19.10 8.79 29.73
CA ALA H 182 -17.99 9.76 29.73
C ALA H 182 -18.52 11.15 29.44
N ASN H 183 -18.12 12.11 30.26
CA ASN H 183 -18.54 13.49 30.14
C ASN H 183 -17.30 14.34 29.91
N TYR H 184 -17.34 15.14 28.83
CA TYR H 184 -16.22 15.89 28.29
C TYR H 184 -16.57 17.37 28.16
N LYS H 185 -15.54 18.20 28.27
CA LYS H 185 -15.63 19.64 28.15
C LYS H 185 -14.66 20.12 27.10
N ARG H 186 -15.10 21.05 26.28
CA ARG H 186 -14.24 21.62 25.25
C ARG H 186 -13.07 22.34 25.90
N ALA H 187 -11.86 22.06 25.41
CA ALA H 187 -10.63 22.47 26.09
C ALA H 187 -9.53 22.87 25.10
N GLY H 188 -9.87 23.65 24.09
CA GLY H 188 -8.79 24.21 23.28
C GLY H 188 -8.26 23.32 22.15
N GLU H 189 -7.05 23.66 21.72
CA GLU H 189 -6.49 23.23 20.44
C GLU H 189 -5.82 21.86 20.55
N VAL H 190 -5.68 21.19 19.41
CA VAL H 190 -5.06 19.87 19.33
C VAL H 190 -3.54 20.05 19.20
N LYS H 191 -2.79 19.44 20.10
CA LYS H 191 -1.35 19.55 20.12
C LYS H 191 -0.73 18.19 19.79
N THR H 192 0.39 18.24 19.07
CA THR H 192 1.10 17.05 18.65
C THR H 192 2.55 17.15 19.08
N GLY H 193 3.20 15.99 19.21
CA GLY H 193 4.63 15.89 19.46
C GLY H 193 5.27 14.60 18.96
N THR H 194 6.42 14.24 19.52
CA THR H 194 7.07 12.96 19.24
C THR H 194 7.22 12.19 20.54
N VAL H 195 6.82 10.93 20.53
CA VAL H 195 6.86 10.10 21.73
C VAL H 195 8.17 9.34 21.86
N MET I 1 -46.50 -2.35 -22.63
CA MET I 1 -46.96 -1.45 -21.56
C MET I 1 -47.26 -2.25 -20.32
N ARG I 2 -46.64 -1.83 -19.22
CA ARG I 2 -46.81 -2.47 -17.93
C ARG I 2 -48.00 -1.86 -17.19
N LYS I 3 -48.63 -2.68 -16.35
CA LYS I 3 -49.66 -2.18 -15.45
C LYS I 3 -49.02 -1.58 -14.20
N ILE I 4 -49.48 -0.41 -13.79
CA ILE I 4 -49.10 0.16 -12.51
C ILE I 4 -50.29 0.09 -11.59
N THR I 5 -50.18 -0.69 -10.51
CA THR I 5 -51.23 -0.84 -9.53
C THR I 5 -50.76 -0.26 -8.20
N VAL I 6 -51.54 0.69 -7.64
CA VAL I 6 -51.23 1.28 -6.34
C VAL I 6 -52.00 0.50 -5.27
N LEU I 7 -51.29 -0.10 -4.32
CA LEU I 7 -51.89 -0.78 -3.18
C LEU I 7 -51.66 0.08 -1.93
N SER I 8 -52.73 0.37 -1.19
CA SER I 8 -52.61 1.26 -0.05
C SER I 8 -53.58 0.86 1.06
N PHE I 9 -53.09 0.93 2.31
CA PHE I 9 -53.93 0.87 3.50
C PHE I 9 -54.32 2.31 3.88
N ILE I 10 -55.61 2.60 3.99
CA ILE I 10 -56.04 3.95 4.34
C ILE I 10 -57.13 3.88 5.38
N THR I 11 -57.27 4.98 6.12
CA THR I 11 -58.35 5.20 7.08
C THR I 11 -59.63 5.62 6.35
N LEU I 12 -60.76 5.66 7.09
CA LEU I 12 -62.00 6.20 6.55
C LEU I 12 -61.79 7.59 5.96
N ASP I 13 -60.97 8.42 6.60
CA ASP I 13 -60.77 9.77 6.10
C ASP I 13 -59.51 9.91 5.24
N GLY I 14 -58.93 8.82 4.75
CA GLY I 14 -57.91 8.90 3.73
C GLY I 14 -56.48 9.01 4.20
N VAL I 15 -56.21 8.86 5.50
CA VAL I 15 -54.83 8.87 5.96
C VAL I 15 -54.16 7.55 5.62
N MET I 16 -52.90 7.59 5.17
CA MET I 16 -52.16 6.34 5.01
C MET I 16 -50.82 6.32 5.73
N GLN I 17 -50.50 7.33 6.54
CA GLN I 17 -49.22 7.37 7.23
C GLN I 17 -49.07 6.22 8.23
N ALA I 18 -47.91 5.57 8.18
CA ALA I 18 -47.48 4.64 9.22
C ALA I 18 -48.55 3.61 9.63
N PRO I 19 -49.01 2.78 8.71
CA PRO I 19 -49.97 1.72 9.10
C PRO I 19 -49.44 0.73 10.13
N GLY I 20 -48.13 0.49 10.17
CA GLY I 20 -47.59 -0.72 10.78
C GLY I 20 -46.98 -0.65 12.17
N GLY I 21 -46.53 0.54 12.59
CA GLY I 21 -45.93 0.68 13.88
C GLY I 21 -45.82 2.12 14.33
N PRO I 22 -45.71 2.33 15.65
CA PRO I 22 -45.74 3.70 16.20
C PRO I 22 -44.59 4.60 15.77
N GLU I 23 -43.55 4.06 15.13
CA GLU I 23 -42.39 4.86 14.74
C GLU I 23 -42.12 4.73 13.25
N GLU I 24 -43.04 4.12 12.51
CA GLU I 24 -42.83 3.93 11.07
C GLU I 24 -42.64 5.26 10.36
N ASP I 25 -43.38 6.28 10.75
CA ASP I 25 -43.23 7.59 10.13
C ASP I 25 -43.71 8.62 11.16
N THR I 26 -42.78 9.29 11.80
CA THR I 26 -43.18 10.27 12.79
C THR I 26 -43.32 11.69 12.23
N SER I 27 -43.36 11.84 10.90
CA SER I 27 -43.63 13.15 10.28
C SER I 27 -44.78 13.86 10.98
N GLY I 28 -44.57 15.14 11.32
CA GLY I 28 -45.62 15.92 11.95
C GLY I 28 -45.90 15.58 13.39
N GLY I 29 -45.07 14.77 14.04
CA GLY I 29 -45.39 14.29 15.36
C GLY I 29 -46.52 13.28 15.39
N PHE I 30 -46.73 12.58 14.29
CA PHE I 30 -47.82 11.61 14.13
C PHE I 30 -47.91 10.62 15.29
N LYS I 31 -49.04 10.64 16.00
CA LYS I 31 -49.21 9.83 17.20
C LYS I 31 -49.77 8.45 16.94
N TYR I 32 -50.31 8.16 15.75
CA TYR I 32 -51.14 6.98 15.58
C TYR I 32 -50.51 5.87 14.75
N GLY I 33 -49.19 5.86 14.59
CA GLY I 33 -48.56 4.79 13.85
C GLY I 33 -48.88 3.40 14.38
N GLY I 34 -49.19 2.47 13.48
CA GLY I 34 -49.68 1.17 13.86
C GLY I 34 -51.20 1.05 13.93
N TRP I 35 -51.93 1.96 13.29
CA TRP I 35 -53.38 1.94 13.45
C TRP I 35 -54.03 0.76 12.74
N THR I 36 -53.32 0.04 11.86
CA THR I 36 -53.86 -1.17 11.27
C THR I 36 -53.74 -2.38 12.19
N ALA I 37 -52.94 -2.27 13.25
CA ALA I 37 -52.64 -3.44 14.07
C ALA I 37 -53.87 -4.12 14.67
N PRO I 38 -54.89 -3.44 15.18
CA PRO I 38 -56.06 -4.17 15.71
C PRO I 38 -56.90 -4.85 14.64
N TYR I 39 -56.50 -4.85 13.37
CA TYR I 39 -57.38 -5.36 12.32
C TYR I 39 -56.70 -6.44 11.46
N GLU I 40 -55.55 -6.94 11.88
CA GLU I 40 -54.89 -8.04 11.18
C GLU I 40 -55.51 -9.36 11.63
N ASP I 41 -56.64 -9.68 11.02
CA ASP I 41 -57.32 -10.96 11.26
C ASP I 41 -56.84 -12.00 10.24
N GLU I 42 -57.50 -13.16 10.23
CA GLU I 42 -57.02 -14.34 9.49
C GLU I 42 -57.51 -14.42 8.06
N VAL I 43 -58.68 -13.86 7.74
CA VAL I 43 -59.16 -13.83 6.37
C VAL I 43 -58.35 -12.84 5.53
N SER I 44 -58.03 -11.68 6.11
CA SER I 44 -57.21 -10.68 5.45
C SER I 44 -55.77 -11.14 5.24
N GLY I 45 -55.30 -12.11 6.04
CA GLY I 45 -54.00 -12.71 5.76
C GLY I 45 -53.97 -13.45 4.44
N LYS I 46 -55.04 -14.19 4.14
CA LYS I 46 -55.18 -14.86 2.84
C LYS I 46 -55.34 -13.85 1.71
N ILE I 47 -56.23 -12.87 1.92
CA ILE I 47 -56.41 -11.73 1.01
C ILE I 47 -55.04 -11.18 0.59
N MET I 48 -54.21 -10.85 1.60
CA MET I 48 -52.91 -10.24 1.32
C MET I 48 -51.97 -11.20 0.62
N GLU I 49 -51.84 -12.44 1.13
CA GLU I 49 -50.90 -13.37 0.50
C GLU I 49 -51.25 -13.59 -0.97
N LYS I 50 -52.52 -13.42 -1.34
CA LYS I 50 -52.83 -13.51 -2.76
C LYS I 50 -52.62 -12.18 -3.50
N GLN I 51 -52.68 -11.02 -2.80
CA GLN I 51 -52.26 -9.74 -3.41
C GLN I 51 -50.74 -9.54 -3.43
N MET I 52 -49.93 -10.46 -2.85
CA MET I 52 -48.48 -10.33 -2.77
C MET I 52 -47.74 -11.28 -3.72
N LYS I 53 -48.38 -11.71 -4.82
CA LYS I 53 -47.71 -12.54 -5.81
C LYS I 53 -46.61 -11.75 -6.53
N PRO I 54 -45.57 -12.43 -7.00
CA PRO I 54 -44.39 -11.73 -7.54
C PRO I 54 -44.69 -10.81 -8.73
N ALA I 55 -44.21 -9.58 -8.60
CA ALA I 55 -44.26 -8.56 -9.64
C ALA I 55 -42.96 -7.78 -9.57
N ASP I 56 -42.90 -6.68 -10.32
CA ASP I 56 -41.89 -5.66 -10.09
C ASP I 56 -42.53 -4.53 -9.27
N TYR I 57 -41.67 -3.68 -8.70
CA TYR I 57 -42.14 -2.68 -7.75
C TYR I 57 -41.61 -1.30 -8.10
N LEU I 58 -42.44 -0.29 -7.85
CA LEU I 58 -42.07 1.11 -7.99
C LEU I 58 -42.31 1.76 -6.63
N LEU I 59 -41.25 2.25 -6.01
CA LEU I 59 -41.30 2.78 -4.65
C LEU I 59 -40.66 4.15 -4.60
N GLY I 60 -41.12 4.96 -3.63
CA GLY I 60 -40.38 6.14 -3.24
C GLY I 60 -39.24 5.77 -2.28
N ARG I 61 -38.21 6.62 -2.28
CA ARG I 61 -37.00 6.33 -1.51
C ARG I 61 -37.32 6.01 -0.05
N LYS I 62 -38.17 6.82 0.59
CA LYS I 62 -38.52 6.60 1.99
C LYS I 62 -39.18 5.24 2.20
N THR I 63 -40.12 4.87 1.33
CA THR I 63 -40.80 3.58 1.47
C THR I 63 -39.84 2.43 1.17
N PHE I 64 -38.95 2.62 0.18
CA PHE I 64 -37.93 1.63 -0.07
C PHE I 64 -37.07 1.39 1.17
N GLU I 65 -36.63 2.47 1.84
CA GLU I 65 -35.77 2.29 3.00
C GLU I 65 -36.54 1.64 4.14
N ILE I 66 -37.81 2.03 4.34
CA ILE I 66 -38.57 1.35 5.37
C ILE I 66 -38.60 -0.15 5.09
N PHE I 67 -38.81 -0.53 3.82
CA PHE I 67 -38.85 -1.94 3.45
C PHE I 67 -37.48 -2.61 3.63
N ALA I 68 -36.43 -1.96 3.13
CA ALA I 68 -35.07 -2.51 3.20
C ALA I 68 -34.61 -2.71 4.63
N SER I 69 -35.19 -1.99 5.59
CA SER I 69 -34.90 -2.29 6.98
C SER I 69 -35.40 -3.67 7.38
N TYR I 70 -36.49 -4.16 6.78
CA TYR I 70 -37.17 -5.32 7.33
C TYR I 70 -37.33 -6.48 6.37
N TRP I 71 -37.82 -6.22 5.15
CA TRP I 71 -38.17 -7.33 4.27
C TRP I 71 -37.00 -8.21 3.81
N PRO I 72 -35.76 -7.74 3.69
CA PRO I 72 -34.70 -8.69 3.29
C PRO I 72 -34.52 -9.86 4.24
N GLU I 73 -34.95 -9.72 5.49
CA GLU I 73 -34.84 -10.78 6.48
C GLU I 73 -36.12 -11.58 6.65
N HIS I 74 -37.14 -11.32 5.85
CA HIS I 74 -38.36 -12.11 5.91
C HIS I 74 -38.75 -12.59 4.53
N ALA I 75 -37.76 -13.02 3.75
CA ALA I 75 -38.02 -13.50 2.39
C ALA I 75 -38.94 -14.71 2.37
N ASP I 76 -39.12 -15.39 3.50
CA ASP I 76 -40.11 -16.47 3.54
C ASP I 76 -41.53 -15.91 3.47
N PHE I 77 -41.84 -14.89 4.28
CA PHE I 77 -43.18 -14.33 4.26
C PHE I 77 -43.50 -13.67 2.91
N TRP I 78 -42.58 -12.87 2.37
CA TRP I 78 -42.80 -12.15 1.12
C TRP I 78 -41.64 -12.35 0.16
N PRO I 79 -41.57 -13.51 -0.50
CA PRO I 79 -40.47 -13.72 -1.47
C PRO I 79 -40.51 -12.74 -2.65
N GLY I 80 -41.70 -12.31 -3.08
CA GLY I 80 -41.79 -11.45 -4.24
C GLY I 80 -41.00 -10.15 -4.10
N ILE I 81 -41.07 -9.53 -2.92
CA ILE I 81 -40.42 -8.23 -2.73
C ILE I 81 -38.91 -8.39 -2.81
N ASN I 82 -38.39 -9.55 -2.40
CA ASN I 82 -36.95 -9.76 -2.47
C ASN I 82 -36.51 -10.14 -3.87
N ASP I 83 -37.26 -11.05 -4.53
CA ASP I 83 -36.88 -11.54 -5.86
C ASP I 83 -37.21 -10.55 -6.97
N GLY I 84 -38.31 -9.80 -6.85
CA GLY I 84 -38.66 -8.83 -7.86
C GLY I 84 -37.67 -7.68 -7.89
N THR I 85 -37.74 -6.90 -8.98
CA THR I 85 -36.91 -5.71 -9.13
C THR I 85 -37.63 -4.49 -8.57
N LYS I 86 -36.95 -3.79 -7.67
CA LYS I 86 -37.51 -2.63 -7.00
C LYS I 86 -36.92 -1.38 -7.62
N TYR I 87 -37.74 -0.67 -8.40
CA TYR I 87 -37.39 0.60 -9.01
C TYR I 87 -37.69 1.69 -7.98
N VAL I 88 -36.65 2.40 -7.56
CA VAL I 88 -36.73 3.39 -6.50
C VAL I 88 -36.54 4.76 -7.10
N MET I 89 -37.46 5.66 -6.82
CA MET I 89 -37.32 7.05 -7.17
C MET I 89 -36.46 7.74 -6.12
N SER I 90 -35.37 8.38 -6.54
CA SER I 90 -34.47 9.05 -5.61
C SER I 90 -33.44 9.87 -6.38
N LYS I 91 -33.08 11.02 -5.84
CA LYS I 91 -31.95 11.79 -6.35
C LYS I 91 -30.86 11.87 -5.31
N THR I 92 -30.98 11.06 -4.25
CA THR I 92 -30.03 11.06 -3.15
C THR I 92 -29.52 9.67 -2.81
N VAL I 93 -30.14 8.61 -3.31
CA VAL I 93 -29.68 7.23 -3.13
C VAL I 93 -29.42 6.63 -4.50
N LYS I 94 -28.29 5.95 -4.66
CA LYS I 94 -27.95 5.38 -5.96
C LYS I 94 -27.61 3.89 -5.91
N LYS I 95 -27.40 3.31 -4.74
CA LYS I 95 -27.30 1.86 -4.63
C LYS I 95 -27.71 1.43 -3.23
N SER I 96 -28.02 0.15 -3.10
CA SER I 96 -28.41 -0.41 -1.83
C SER I 96 -27.79 -1.81 -1.72
N ASP I 97 -27.77 -2.35 -0.51
CA ASP I 97 -27.35 -3.73 -0.34
C ASP I 97 -28.50 -4.70 -0.54
N TRP I 98 -29.69 -4.20 -0.83
CA TRP I 98 -30.83 -5.06 -1.09
C TRP I 98 -30.77 -5.48 -2.55
N LYS I 99 -30.73 -6.78 -2.77
CA LYS I 99 -30.57 -7.31 -4.12
C LYS I 99 -31.75 -6.92 -5.01
N ASN I 100 -31.46 -6.67 -6.29
CA ASN I 100 -32.41 -6.23 -7.33
C ASN I 100 -33.08 -4.90 -6.97
N SER I 101 -32.28 -3.84 -6.95
CA SER I 101 -32.80 -2.49 -6.78
C SER I 101 -32.15 -1.58 -7.82
N VAL I 102 -32.99 -0.83 -8.53
CA VAL I 102 -32.54 0.09 -9.57
C VAL I 102 -33.10 1.47 -9.23
N PHE I 103 -32.29 2.50 -9.38
CA PHE I 103 -32.72 3.83 -9.00
C PHE I 103 -33.00 4.68 -10.22
N LEU I 104 -34.21 5.27 -10.24
CA LEU I 104 -34.70 6.20 -11.22
C LEU I 104 -34.72 7.57 -10.59
N GLU I 105 -34.78 8.60 -11.43
CA GLU I 105 -34.73 9.97 -10.96
C GLU I 105 -35.79 10.87 -11.55
N SER I 106 -36.42 10.50 -12.65
CA SER I 106 -37.26 11.43 -13.38
C SER I 106 -38.61 10.79 -13.69
N LEU I 107 -39.59 11.68 -13.94
CA LEU I 107 -40.85 11.23 -14.51
C LEU I 107 -40.59 10.45 -15.79
N ALA I 108 -39.62 10.89 -16.59
CA ALA I 108 -39.33 10.21 -17.85
C ALA I 108 -38.83 8.79 -17.61
N ASP I 109 -38.05 8.58 -16.53
CA ASP I 109 -37.61 7.22 -16.20
C ASP I 109 -38.82 6.34 -15.92
N ILE I 110 -39.80 6.88 -15.19
CA ILE I 110 -40.98 6.09 -14.86
C ILE I 110 -41.78 5.79 -16.12
N LYS I 111 -41.92 6.77 -17.01
CA LYS I 111 -42.62 6.52 -18.27
C LYS I 111 -41.92 5.43 -19.09
N LYS I 112 -40.59 5.50 -19.17
CA LYS I 112 -39.82 4.49 -19.89
C LYS I 112 -39.97 3.12 -19.26
N LEU I 113 -39.98 3.05 -17.92
CA LEU I 113 -40.15 1.75 -17.26
C LEU I 113 -41.55 1.19 -17.48
N LYS I 114 -42.58 2.05 -17.44
CA LYS I 114 -43.92 1.55 -17.72
C LYS I 114 -44.02 1.06 -19.15
N ASN I 115 -43.25 1.65 -20.06
CA ASN I 115 -43.34 1.20 -21.45
C ASN I 115 -42.50 -0.02 -21.74
N SER I 116 -41.43 -0.24 -20.98
CA SER I 116 -40.61 -1.44 -21.12
C SER I 116 -41.45 -2.69 -20.94
N GLU I 117 -40.89 -3.82 -21.33
CA GLU I 117 -41.59 -5.09 -21.18
C GLU I 117 -41.11 -5.79 -19.92
N GLY I 118 -42.04 -6.44 -19.23
CA GLY I 118 -41.69 -7.14 -18.01
C GLY I 118 -42.93 -7.41 -17.18
N SER I 119 -42.69 -7.65 -15.89
CA SER I 119 -43.79 -7.91 -14.96
C SER I 119 -44.61 -6.64 -14.71
N ASP I 120 -45.86 -6.85 -14.33
CA ASP I 120 -46.66 -5.73 -13.88
C ASP I 120 -46.03 -5.13 -12.62
N ILE I 121 -46.33 -3.85 -12.38
CA ILE I 121 -45.70 -3.06 -11.34
C ILE I 121 -46.69 -2.83 -10.21
N GLN I 122 -46.25 -3.04 -8.99
CA GLN I 122 -47.00 -2.67 -7.81
C GLN I 122 -46.29 -1.52 -7.11
N VAL I 123 -47.06 -0.54 -6.64
CA VAL I 123 -46.57 0.55 -5.82
C VAL I 123 -47.15 0.37 -4.43
N TRP I 124 -46.28 0.16 -3.45
CA TRP I 124 -46.68 0.12 -2.03
C TRP I 124 -46.13 1.35 -1.32
N GLY I 125 -46.80 1.76 -0.24
CA GLY I 125 -46.42 2.97 0.47
C GLY I 125 -46.39 4.17 -0.48
N SER I 126 -45.30 4.93 -0.43
CA SER I 126 -44.93 5.86 -1.49
C SER I 126 -45.98 6.93 -1.74
N GLY I 127 -46.42 7.59 -0.66
CA GLY I 127 -47.45 8.62 -0.81
C GLY I 127 -47.05 9.74 -1.75
N GLU I 128 -45.83 10.25 -1.58
CA GLU I 128 -45.36 11.36 -2.42
C GLU I 128 -45.17 10.92 -3.87
N LEU I 129 -44.53 9.77 -4.07
CA LEU I 129 -44.37 9.26 -5.41
C LEU I 129 -45.73 9.05 -6.06
N ILE I 130 -46.70 8.56 -5.28
CA ILE I 130 -48.03 8.37 -5.83
C ILE I 130 -48.59 9.71 -6.29
N GLN I 131 -48.31 10.80 -5.56
CA GLN I 131 -48.76 12.11 -6.06
C GLN I 131 -48.25 12.35 -7.47
N LEU I 132 -46.97 12.04 -7.70
CA LEU I 132 -46.46 12.22 -9.06
C LEU I 132 -47.19 11.29 -10.05
N LEU I 133 -47.47 10.06 -9.65
CA LEU I 133 -48.12 9.15 -10.59
C LEU I 133 -49.57 9.57 -10.87
N PHE I 134 -50.23 10.19 -9.89
CA PHE I 134 -51.60 10.64 -10.06
C PHE I 134 -51.65 11.88 -10.96
N LYS I 135 -50.76 12.86 -10.73
CA LYS I 135 -50.75 14.06 -11.55
C LYS I 135 -50.60 13.74 -13.03
N ASN I 136 -49.88 12.66 -13.35
CA ASN I 136 -49.64 12.30 -14.74
C ASN I 136 -50.48 11.12 -15.19
N ASP I 137 -51.47 10.70 -14.39
CA ASP I 137 -52.40 9.63 -14.75
C ASP I 137 -51.66 8.37 -15.19
N LEU I 138 -50.71 7.95 -14.36
CA LEU I 138 -49.94 6.74 -14.63
C LEU I 138 -50.47 5.52 -13.88
N VAL I 139 -51.49 5.67 -13.03
CA VAL I 139 -51.98 4.58 -12.22
C VAL I 139 -53.18 3.96 -12.91
N ASP I 140 -53.04 2.70 -13.35
CA ASP I 140 -54.13 1.97 -13.96
C ASP I 140 -55.07 1.31 -12.95
N GLU I 141 -54.59 0.91 -11.77
CA GLU I 141 -55.46 0.23 -10.83
C GLU I 141 -55.15 0.64 -9.40
N LEU I 142 -56.20 0.62 -8.57
CA LEU I 142 -56.10 0.95 -7.15
C LEU I 142 -56.58 -0.23 -6.33
N TRP I 143 -55.76 -0.71 -5.39
CA TRP I 143 -56.15 -1.78 -4.46
C TRP I 143 -56.18 -1.14 -3.09
N LEU I 144 -57.37 -0.85 -2.58
CA LEU I 144 -57.51 -0.15 -1.31
C LEU I 144 -58.03 -1.09 -0.23
N LYS I 145 -57.50 -0.92 0.97
CA LYS I 145 -58.11 -1.48 2.17
C LYS I 145 -58.46 -0.30 3.07
N ILE I 146 -59.76 -0.13 3.32
CA ILE I 146 -60.30 0.96 4.10
C ILE I 146 -60.63 0.44 5.49
N PHE I 147 -59.91 0.95 6.51
CA PHE I 147 -60.04 0.64 7.93
C PHE I 147 -61.07 1.53 8.59
N PRO I 148 -61.80 1.03 9.58
CA PRO I 148 -62.89 1.80 10.20
C PRO I 148 -62.42 2.73 11.31
N VAL I 149 -61.48 3.63 10.99
CA VAL I 149 -61.02 4.65 11.92
C VAL I 149 -60.94 5.97 11.18
N THR I 150 -60.95 7.04 11.96
CA THR I 150 -60.53 8.34 11.46
C THR I 150 -59.36 8.85 12.31
N LEU I 151 -58.49 9.62 11.68
CA LEU I 151 -57.38 10.33 12.33
C LEU I 151 -57.32 11.69 11.68
N ASN I 152 -57.35 12.77 12.45
CA ASN I 152 -57.42 14.05 11.76
C ASN I 152 -56.21 14.25 10.86
N THR I 153 -55.01 14.15 11.43
CA THR I 153 -53.81 14.53 10.73
C THR I 153 -53.10 13.30 10.16
N GLY I 154 -52.18 13.57 9.23
CA GLY I 154 -51.32 12.55 8.67
C GLY I 154 -51.32 12.61 7.16
N LYS I 155 -50.31 12.02 6.53
CA LYS I 155 -50.22 12.02 5.07
C LYS I 155 -51.37 11.24 4.45
N ARG I 156 -51.88 11.76 3.33
CA ARG I 156 -53.01 11.17 2.61
C ARG I 156 -52.57 10.44 1.35
N LEU I 157 -53.32 9.39 0.99
CA LEU I 157 -53.15 8.77 -0.31
C LEU I 157 -53.56 9.75 -1.43
N PHE I 158 -54.74 10.36 -1.29
CA PHE I 158 -55.19 11.34 -2.27
C PHE I 158 -54.71 12.72 -1.82
N GLY I 159 -53.44 12.99 -2.11
CA GLY I 159 -52.79 14.24 -1.79
C GLY I 159 -52.87 15.24 -2.93
N ASP I 160 -51.83 16.07 -3.06
CA ASP I 160 -51.90 17.16 -4.02
C ASP I 160 -51.78 16.70 -5.48
N GLY I 161 -51.40 15.44 -5.73
CA GLY I 161 -51.40 14.93 -7.10
C GLY I 161 -52.75 14.46 -7.61
N THR I 162 -53.77 14.46 -6.76
CA THR I 162 -55.07 13.93 -7.12
C THR I 162 -55.68 14.75 -8.25
N ILE I 163 -56.19 14.08 -9.27
CA ILE I 163 -56.82 14.73 -10.41
C ILE I 163 -58.25 14.23 -10.50
N PRO I 164 -59.14 14.98 -11.13
CA PRO I 164 -60.51 14.47 -11.37
C PRO I 164 -60.44 13.25 -12.27
N ALA I 165 -60.92 12.12 -11.76
CA ALA I 165 -60.82 10.87 -12.48
C ALA I 165 -61.94 9.93 -12.07
N ALA I 166 -62.41 9.15 -13.03
CA ALA I 166 -63.42 8.14 -12.78
C ALA I 166 -62.77 6.75 -12.77
N PHE I 167 -63.41 5.84 -12.05
CA PHE I 167 -62.87 4.50 -11.86
C PHE I 167 -64.02 3.52 -12.00
N THR I 168 -63.66 2.26 -12.22
CA THR I 168 -64.61 1.17 -12.24
C THR I 168 -64.28 0.24 -11.08
N LEU I 169 -65.31 -0.11 -10.29
CA LEU I 169 -65.12 -1.00 -9.14
C LEU I 169 -64.98 -2.44 -9.65
N ILE I 170 -63.75 -2.95 -9.65
CA ILE I 170 -63.50 -4.28 -10.18
C ILE I 170 -63.99 -5.33 -9.21
N GLU I 171 -63.64 -5.20 -7.94
CA GLU I 171 -64.11 -6.20 -6.98
C GLU I 171 -64.05 -5.63 -5.59
N SER I 172 -64.76 -6.26 -4.67
CA SER I 172 -64.77 -5.76 -3.31
C SER I 172 -65.18 -6.86 -2.36
N SER I 173 -64.68 -6.78 -1.12
CA SER I 173 -65.05 -7.69 -0.04
C SER I 173 -64.85 -6.97 1.29
N VAL I 174 -65.24 -7.63 2.37
CA VAL I 174 -65.05 -7.09 3.71
C VAL I 174 -64.44 -8.19 4.57
N THR I 175 -63.48 -7.83 5.41
CA THR I 175 -62.89 -8.79 6.33
C THR I 175 -63.76 -8.91 7.58
N PRO I 176 -63.56 -9.97 8.36
CA PRO I 176 -64.31 -10.09 9.63
C PRO I 176 -64.09 -8.93 10.56
N SER I 177 -62.94 -8.26 10.48
CA SER I 177 -62.65 -7.16 11.38
C SER I 177 -63.17 -5.81 10.87
N GLY I 178 -63.80 -5.77 9.70
CA GLY I 178 -64.44 -4.56 9.21
C GLY I 178 -63.69 -3.78 8.14
N VAL I 179 -62.65 -4.35 7.57
CA VAL I 179 -61.86 -3.66 6.56
C VAL I 179 -62.55 -3.88 5.23
N ILE I 180 -62.90 -2.79 4.55
CA ILE I 180 -63.42 -2.91 3.19
C ILE I 180 -62.23 -3.03 2.21
N ILE I 181 -62.22 -4.10 1.44
CA ILE I 181 -61.29 -4.31 0.34
C ILE I 181 -61.99 -3.85 -0.93
N ALA I 182 -61.36 -2.96 -1.69
CA ALA I 182 -61.93 -2.50 -2.94
C ALA I 182 -60.83 -2.34 -3.98
N ASN I 183 -61.02 -2.97 -5.15
CA ASN I 183 -60.10 -2.87 -6.27
C ASN I 183 -60.82 -2.14 -7.40
N TYR I 184 -60.15 -1.11 -7.91
CA TYR I 184 -60.64 -0.18 -8.92
C TYR I 184 -59.76 -0.22 -10.15
N LYS I 185 -60.40 -0.02 -11.30
CA LYS I 185 -59.75 0.22 -12.57
C LYS I 185 -60.03 1.65 -13.02
N ARG I 186 -59.03 2.29 -13.57
CA ARG I 186 -59.22 3.62 -14.16
C ARG I 186 -60.23 3.53 -15.30
N ALA I 187 -61.12 4.53 -15.40
CA ALA I 187 -62.23 4.47 -16.36
C ALA I 187 -62.54 5.83 -16.97
N GLY I 188 -61.55 6.55 -17.42
CA GLY I 188 -61.90 7.79 -18.12
C GLY I 188 -62.33 8.95 -17.25
N GLU I 189 -63.14 9.81 -17.87
CA GLU I 189 -63.43 11.15 -17.38
C GLU I 189 -64.64 11.18 -16.46
N VAL I 190 -64.72 12.23 -15.65
CA VAL I 190 -65.80 12.38 -14.68
C VAL I 190 -67.03 12.98 -15.35
N LYS I 191 -68.12 12.22 -15.42
CA LYS I 191 -69.35 12.77 -15.95
C LYS I 191 -70.19 13.30 -14.81
N THR I 192 -70.97 14.34 -15.10
CA THR I 192 -71.87 14.94 -14.14
C THR I 192 -73.22 15.11 -14.80
N GLY I 193 -74.26 15.18 -13.97
CA GLY I 193 -75.56 15.48 -14.48
C GLY I 193 -76.42 16.09 -13.39
N THR I 194 -77.70 16.18 -13.66
CA THR I 194 -78.66 16.68 -12.67
C THR I 194 -79.48 15.50 -12.20
N VAL I 195 -79.45 15.24 -10.89
CA VAL I 195 -80.22 14.13 -10.36
C VAL I 195 -81.70 14.44 -10.53
N GLY I 196 -82.44 13.44 -11.04
CA GLY I 196 -83.85 13.55 -11.30
C GLY I 196 -84.22 14.04 -12.69
N ALA I 197 -83.26 14.53 -13.46
CA ALA I 197 -83.54 15.21 -14.72
C ALA I 197 -84.02 14.24 -15.80
N HIS I 198 -84.68 14.83 -16.81
CA HIS I 198 -85.09 14.18 -18.04
C HIS I 198 -84.11 14.55 -19.14
N HIS I 199 -83.85 13.61 -20.05
CA HIS I 199 -82.98 13.90 -21.18
C HIS I 199 -83.61 13.41 -22.48
N HIS I 200 -83.09 13.97 -23.58
CA HIS I 200 -83.53 13.60 -24.93
C HIS I 200 -83.31 12.12 -25.20
N HIS I 201 -84.17 11.56 -26.07
CA HIS I 201 -84.00 10.22 -26.58
C HIS I 201 -83.02 10.22 -27.75
N HIS I 202 -82.10 9.25 -27.78
CA HIS I 202 -80.94 9.34 -28.66
C HIS I 202 -81.26 8.91 -30.11
N HIS I 203 -81.70 7.66 -30.32
CA HIS I 203 -82.11 7.14 -31.64
C HIS I 203 -80.99 7.03 -32.71
N MET J 1 -81.93 9.51 25.25
CA MET J 1 -80.79 9.77 24.38
C MET J 1 -81.08 9.37 22.93
N ARG J 2 -81.29 10.37 22.07
CA ARG J 2 -81.53 10.13 20.66
C ARG J 2 -80.23 9.76 19.95
N LYS J 3 -80.29 8.73 19.12
CA LYS J 3 -79.15 8.38 18.29
C LYS J 3 -79.05 9.37 17.13
N ILE J 4 -77.83 9.81 16.83
CA ILE J 4 -77.57 10.72 15.72
C ILE J 4 -76.84 9.95 14.63
N THR J 5 -77.44 9.84 13.45
CA THR J 5 -76.83 9.20 12.30
C THR J 5 -76.50 10.26 11.26
N VAL J 6 -75.32 10.18 10.67
CA VAL J 6 -74.92 11.06 9.57
C VAL J 6 -74.91 10.24 8.29
N LEU J 7 -75.63 10.70 7.28
CA LEU J 7 -75.72 10.03 5.99
C LEU J 7 -74.99 10.89 4.96
N SER J 8 -74.04 10.30 4.24
CA SER J 8 -73.23 11.12 3.35
C SER J 8 -72.87 10.41 2.06
N PHE J 9 -73.03 11.15 0.96
CA PHE J 9 -72.49 10.81 -0.36
C PHE J 9 -71.09 11.42 -0.48
N ILE J 10 -70.08 10.57 -0.65
CA ILE J 10 -68.72 11.08 -0.79
C ILE J 10 -68.02 10.42 -1.95
N THR J 11 -67.00 11.11 -2.45
CA THR J 11 -66.10 10.57 -3.46
C THR J 11 -65.06 9.67 -2.80
N LEU J 12 -64.32 8.95 -3.63
CA LEU J 12 -63.22 8.13 -3.12
C LEU J 12 -62.20 8.97 -2.33
N ASP J 13 -62.08 10.25 -2.64
CA ASP J 13 -61.13 11.10 -1.93
C ASP J 13 -61.83 12.04 -0.96
N GLY J 14 -63.05 11.70 -0.55
CA GLY J 14 -63.73 12.34 0.57
C GLY J 14 -64.49 13.61 0.27
N VAL J 15 -64.71 13.95 -0.99
CA VAL J 15 -65.46 15.15 -1.31
C VAL J 15 -66.96 14.84 -1.23
N MET J 16 -67.71 15.71 -0.56
CA MET J 16 -69.15 15.56 -0.44
C MET J 16 -69.97 16.71 -1.04
N GLN J 17 -69.33 17.70 -1.66
CA GLN J 17 -70.02 18.92 -2.09
C GLN J 17 -70.81 18.72 -3.38
N ALA J 18 -72.05 19.20 -3.39
CA ALA J 18 -72.89 19.26 -4.59
C ALA J 18 -73.05 17.93 -5.34
N PRO J 19 -73.57 16.89 -4.69
CA PRO J 19 -73.67 15.60 -5.38
C PRO J 19 -74.78 15.52 -6.42
N GLY J 20 -75.85 16.30 -6.26
CA GLY J 20 -77.03 16.23 -7.10
C GLY J 20 -77.11 17.11 -8.32
N GLY J 21 -76.41 18.25 -8.35
CA GLY J 21 -76.49 19.06 -9.54
C GLY J 21 -75.39 20.10 -9.70
N PRO J 22 -75.20 20.56 -10.93
CA PRO J 22 -74.12 21.53 -11.22
C PRO J 22 -74.22 22.80 -10.40
N GLU J 23 -75.42 23.29 -10.15
CA GLU J 23 -75.59 24.53 -9.39
C GLU J 23 -75.83 24.29 -7.91
N GLU J 24 -75.85 23.04 -7.44
CA GLU J 24 -76.26 22.77 -6.06
C GLU J 24 -75.40 23.52 -5.04
N ASP J 25 -74.09 23.64 -5.29
CA ASP J 25 -73.21 24.42 -4.41
C ASP J 25 -71.98 24.81 -5.22
N THR J 26 -71.93 26.06 -5.65
CA THR J 26 -70.86 26.56 -6.50
C THR J 26 -69.77 27.30 -5.74
N SER J 27 -69.71 27.16 -4.41
CA SER J 27 -68.58 27.67 -3.63
C SER J 27 -67.27 27.26 -4.29
N GLY J 28 -66.33 28.20 -4.33
CA GLY J 28 -65.03 27.95 -4.92
C GLY J 28 -65.05 27.70 -6.41
N GLY J 29 -66.16 27.96 -7.08
CA GLY J 29 -66.27 27.67 -8.50
C GLY J 29 -66.31 26.19 -8.83
N PHE J 30 -66.65 25.35 -7.86
CA PHE J 30 -66.79 23.90 -8.02
C PHE J 30 -67.44 23.52 -9.34
N LYS J 31 -66.75 22.70 -10.14
CA LYS J 31 -67.24 22.37 -11.47
C LYS J 31 -67.96 21.04 -11.56
N TYR J 32 -67.98 20.23 -10.50
CA TYR J 32 -68.43 18.84 -10.64
C TYR J 32 -69.74 18.57 -9.94
N GLY J 33 -70.58 19.60 -9.79
CA GLY J 33 -71.90 19.39 -9.21
C GLY J 33 -72.65 18.34 -10.01
N GLY J 34 -73.37 17.48 -9.29
CA GLY J 34 -74.00 16.33 -9.93
C GLY J 34 -73.10 15.13 -10.18
N TRP J 35 -72.01 14.96 -9.44
CA TRP J 35 -71.13 13.82 -9.70
C TRP J 35 -71.78 12.49 -9.34
N THR J 36 -72.83 12.48 -8.50
CA THR J 36 -73.53 11.23 -8.26
C THR J 36 -74.45 10.80 -9.41
N ALA J 37 -74.82 11.72 -10.30
CA ALA J 37 -75.83 11.45 -11.34
C ALA J 37 -75.57 10.21 -12.22
N PRO J 38 -74.34 9.90 -12.64
CA PRO J 38 -74.12 8.67 -13.41
C PRO J 38 -74.27 7.35 -12.63
N TYR J 39 -74.61 7.38 -11.33
CA TYR J 39 -74.49 6.20 -10.48
C TYR J 39 -75.83 5.73 -9.90
N GLU J 40 -76.93 5.95 -10.60
CA GLU J 40 -78.22 5.50 -10.11
C GLU J 40 -78.56 4.15 -10.73
N ASP J 41 -79.11 3.28 -9.89
CA ASP J 41 -79.52 1.93 -10.33
C ASP J 41 -80.70 1.49 -9.45
N GLU J 42 -81.32 0.36 -9.75
CA GLU J 42 -82.45 -0.11 -8.96
C GLU J 42 -82.03 -0.52 -7.57
N VAL J 43 -80.87 -1.16 -7.45
CA VAL J 43 -80.37 -1.59 -6.14
C VAL J 43 -80.16 -0.37 -5.25
N SER J 44 -79.49 0.65 -5.81
CA SER J 44 -79.31 1.89 -5.06
C SER J 44 -80.65 2.54 -4.71
N GLY J 45 -81.64 2.45 -5.61
CA GLY J 45 -82.94 3.03 -5.32
C GLY J 45 -83.62 2.42 -4.10
N LYS J 46 -83.56 1.08 -4.00
CA LYS J 46 -84.16 0.42 -2.85
C LYS J 46 -83.36 0.66 -1.55
N ILE J 47 -82.03 0.76 -1.66
CA ILE J 47 -81.21 1.12 -0.49
C ILE J 47 -81.62 2.50 0.03
N MET J 48 -81.76 3.46 -0.89
CA MET J 48 -82.15 4.81 -0.50
C MET J 48 -83.51 4.78 0.15
N GLU J 49 -84.44 4.06 -0.44
CA GLU J 49 -85.81 4.08 0.06
C GLU J 49 -85.91 3.48 1.46
N LYS J 50 -85.05 2.51 1.79
CA LYS J 50 -84.98 2.11 3.19
C LYS J 50 -84.43 3.26 4.05
N GLN J 51 -83.37 3.95 3.59
CA GLN J 51 -82.76 5.00 4.42
C GLN J 51 -83.60 6.29 4.54
N MET J 52 -84.68 6.43 3.78
CA MET J 52 -85.56 7.60 3.90
C MET J 52 -86.75 7.34 4.83
N LYS J 53 -86.73 6.24 5.56
CA LYS J 53 -87.79 5.98 6.51
C LYS J 53 -87.94 7.18 7.44
N PRO J 54 -89.17 7.58 7.78
CA PRO J 54 -89.36 8.86 8.48
C PRO J 54 -88.61 8.91 9.80
N ALA J 55 -88.04 10.07 10.10
CA ALA J 55 -87.27 10.30 11.32
C ALA J 55 -87.33 11.78 11.65
N ASP J 56 -86.47 12.20 12.58
CA ASP J 56 -86.24 13.60 12.87
C ASP J 56 -84.89 14.01 12.30
N TYR J 57 -84.71 15.30 12.04
CA TYR J 57 -83.57 15.78 11.27
C TYR J 57 -82.81 16.91 11.96
N LEU J 58 -81.49 16.90 11.82
CA LEU J 58 -80.60 17.95 12.33
C LEU J 58 -79.76 18.42 11.17
N LEU J 59 -79.98 19.66 10.74
CA LEU J 59 -79.35 20.15 9.52
C LEU J 59 -78.65 21.47 9.73
N GLY J 60 -77.59 21.69 8.96
CA GLY J 60 -77.05 23.01 8.83
C GLY J 60 -77.98 23.88 8.02
N ARG J 61 -77.76 25.18 8.09
CA ARG J 61 -78.71 26.12 7.51
C ARG J 61 -78.67 26.08 6.00
N LYS J 62 -77.47 25.99 5.42
CA LYS J 62 -77.37 25.97 3.97
C LYS J 62 -78.06 24.72 3.40
N THR J 63 -77.84 23.56 4.03
CA THR J 63 -78.51 22.34 3.60
C THR J 63 -80.01 22.45 3.82
N PHE J 64 -80.41 22.98 4.98
CA PHE J 64 -81.83 23.17 5.20
C PHE J 64 -82.45 24.01 4.09
N GLU J 65 -81.79 25.06 3.66
CA GLU J 65 -82.41 25.89 2.62
C GLU J 65 -82.36 25.24 1.24
N ILE J 66 -81.31 24.48 0.94
CA ILE J 66 -81.26 23.74 -0.33
C ILE J 66 -82.46 22.80 -0.40
N PHE J 67 -82.68 22.07 0.69
CA PHE J 67 -83.84 21.21 0.83
C PHE J 67 -85.14 21.99 0.74
N ALA J 68 -85.19 23.15 1.40
CA ALA J 68 -86.44 23.88 1.55
C ALA J 68 -87.01 24.30 0.20
N SER J 69 -86.13 24.56 -0.78
CA SER J 69 -86.57 25.00 -2.10
C SER J 69 -87.13 23.86 -2.96
N TYR J 70 -87.01 22.60 -2.52
CA TYR J 70 -87.50 21.48 -3.29
C TYR J 70 -88.52 20.60 -2.56
N TRP J 71 -88.18 20.08 -1.39
CA TRP J 71 -88.87 18.95 -0.81
C TRP J 71 -90.32 19.19 -0.33
N PRO J 72 -90.71 20.37 0.15
CA PRO J 72 -92.12 20.55 0.49
C PRO J 72 -93.06 20.38 -0.71
N GLU J 73 -92.55 20.53 -1.93
CA GLU J 73 -93.32 20.31 -3.13
C GLU J 73 -93.24 18.86 -3.61
N HIS J 74 -92.61 17.99 -2.84
CA HIS J 74 -92.43 16.61 -3.26
C HIS J 74 -92.62 15.68 -2.08
N ALA J 75 -93.65 15.93 -1.27
CA ALA J 75 -93.89 15.14 -0.08
C ALA J 75 -94.25 13.69 -0.39
N ASP J 76 -94.69 13.39 -1.62
CA ASP J 76 -94.93 12.00 -1.99
C ASP J 76 -93.65 11.20 -2.02
N PHE J 77 -92.57 11.81 -2.53
CA PHE J 77 -91.29 11.11 -2.61
C PHE J 77 -90.67 10.93 -1.24
N TRP J 78 -90.62 12.00 -0.44
CA TRP J 78 -90.03 11.94 0.89
C TRP J 78 -91.02 12.50 1.91
N PRO J 79 -91.99 11.69 2.33
CA PRO J 79 -92.87 12.15 3.40
C PRO J 79 -92.12 12.47 4.67
N GLY J 80 -91.11 11.65 5.01
CA GLY J 80 -90.43 11.78 6.29
C GLY J 80 -89.74 13.11 6.52
N ILE J 81 -89.19 13.71 5.46
CA ILE J 81 -88.52 14.98 5.63
C ILE J 81 -89.52 16.07 5.94
N ASN J 82 -90.76 15.93 5.47
CA ASN J 82 -91.77 16.95 5.72
C ASN J 82 -92.51 16.74 7.04
N ASP J 83 -92.74 15.49 7.42
CA ASP J 83 -93.50 15.21 8.63
C ASP J 83 -92.62 15.23 9.89
N GLY J 84 -91.31 14.93 9.75
CA GLY J 84 -90.42 14.99 10.88
C GLY J 84 -90.05 16.42 11.26
N THR J 85 -89.49 16.58 12.45
CA THR J 85 -89.01 17.89 12.87
C THR J 85 -87.64 18.14 12.27
N LYS J 86 -87.44 19.32 11.70
CA LYS J 86 -86.16 19.73 11.14
C LYS J 86 -85.56 20.77 12.08
N TYR J 87 -84.64 20.34 12.94
CA TYR J 87 -83.85 21.21 13.80
C TYR J 87 -82.67 21.76 13.00
N VAL J 88 -82.70 23.06 12.71
CA VAL J 88 -81.70 23.74 11.89
C VAL J 88 -80.74 24.52 12.78
N MET J 89 -79.44 24.34 12.55
CA MET J 89 -78.45 25.17 13.21
C MET J 89 -78.28 26.46 12.40
N SER J 90 -78.61 27.59 13.00
CA SER J 90 -78.40 28.88 12.37
C SER J 90 -78.39 29.96 13.43
N LYS J 91 -77.87 31.12 13.02
CA LYS J 91 -78.02 32.36 13.77
C LYS J 91 -78.60 33.46 12.92
N THR J 92 -78.79 33.25 11.62
CA THR J 92 -79.26 34.26 10.69
C THR J 92 -80.66 33.96 10.17
N VAL J 93 -81.26 32.84 10.56
CA VAL J 93 -82.63 32.49 10.21
C VAL J 93 -83.33 32.05 11.50
N LYS J 94 -84.56 32.55 11.71
CA LYS J 94 -85.31 32.20 12.91
C LYS J 94 -86.62 31.48 12.66
N LYS J 95 -87.16 31.52 11.43
CA LYS J 95 -88.39 30.81 11.11
C LYS J 95 -88.39 30.44 9.64
N SER J 96 -89.17 29.42 9.29
CA SER J 96 -89.34 29.04 7.89
C SER J 96 -90.81 28.75 7.61
N ASP J 97 -91.25 29.09 6.39
CA ASP J 97 -92.60 28.73 5.97
C ASP J 97 -92.76 27.22 5.81
N TRP J 98 -91.66 26.48 5.71
CA TRP J 98 -91.74 25.03 5.70
C TRP J 98 -92.21 24.53 7.07
N LYS J 99 -93.21 23.67 7.06
CA LYS J 99 -93.78 23.17 8.31
C LYS J 99 -92.79 22.31 9.07
N ASN J 100 -92.81 22.41 10.40
CA ASN J 100 -91.98 21.64 11.32
C ASN J 100 -90.49 22.01 11.21
N SER J 101 -90.20 23.30 11.28
CA SER J 101 -88.82 23.80 11.22
C SER J 101 -88.48 24.54 12.51
N VAL J 102 -87.71 23.87 13.39
CA VAL J 102 -87.20 24.40 14.65
C VAL J 102 -85.79 24.96 14.42
N PHE J 103 -85.40 25.99 15.17
CA PHE J 103 -84.10 26.60 14.93
C PHE J 103 -83.28 26.67 16.19
N LEU J 104 -82.14 25.97 16.18
CA LEU J 104 -81.15 25.95 17.24
C LEU J 104 -80.06 26.97 16.95
N GLU J 105 -79.36 27.37 18.01
CA GLU J 105 -78.32 28.39 17.94
C GLU J 105 -76.96 27.91 18.39
N SER J 106 -76.89 26.94 19.31
CA SER J 106 -75.67 26.65 20.05
C SER J 106 -75.44 25.15 20.18
N LEU J 107 -74.19 24.80 20.50
CA LEU J 107 -73.88 23.41 20.85
C LEU J 107 -74.73 22.94 22.02
N ALA J 108 -75.09 23.86 22.94
CA ALA J 108 -75.93 23.50 24.07
C ALA J 108 -77.30 23.04 23.60
N ASP J 109 -77.89 23.76 22.64
CA ASP J 109 -79.19 23.37 22.08
C ASP J 109 -79.10 21.97 21.51
N ILE J 110 -78.01 21.68 20.80
CA ILE J 110 -77.82 20.37 20.17
C ILE J 110 -77.71 19.28 21.22
N LYS J 111 -77.00 19.54 22.33
CA LYS J 111 -76.89 18.50 23.35
C LYS J 111 -78.23 18.25 24.03
N LYS J 112 -79.01 19.32 24.25
CA LYS J 112 -80.35 19.12 24.81
C LYS J 112 -81.19 18.28 23.85
N LEU J 113 -81.09 18.58 22.55
CA LEU J 113 -81.84 17.82 21.56
C LEU J 113 -81.43 16.35 21.55
N LYS J 114 -80.12 16.07 21.59
CA LYS J 114 -79.64 14.70 21.62
C LYS J 114 -80.15 13.97 22.85
N ASN J 115 -80.14 14.64 24.00
CA ASN J 115 -80.67 14.03 25.22
C ASN J 115 -82.19 14.00 25.26
N SER J 116 -82.86 14.89 24.53
CA SER J 116 -84.32 14.96 24.58
C SER J 116 -84.96 13.64 24.16
N GLU J 117 -86.27 13.53 24.41
CA GLU J 117 -87.04 12.37 23.98
C GLU J 117 -87.66 12.62 22.62
N GLY J 118 -87.70 11.58 21.81
CA GLY J 118 -88.18 11.68 20.44
C GLY J 118 -87.51 10.62 19.57
N SER J 119 -87.76 10.72 18.28
CA SER J 119 -87.21 9.75 17.34
C SER J 119 -85.74 10.03 17.08
N ASP J 120 -85.00 8.96 16.74
CA ASP J 120 -83.60 9.07 16.35
C ASP J 120 -83.43 10.11 15.25
N ILE J 121 -82.23 10.72 15.19
CA ILE J 121 -81.93 11.90 14.36
C ILE J 121 -81.13 11.49 13.12
N GLN J 122 -81.46 12.10 11.98
CA GLN J 122 -80.68 11.97 10.76
C GLN J 122 -80.09 13.33 10.38
N VAL J 123 -78.81 13.32 9.99
CA VAL J 123 -78.12 14.49 9.43
C VAL J 123 -77.81 14.20 7.96
N TRP J 124 -78.33 15.05 7.09
CA TRP J 124 -78.08 15.01 5.66
C TRP J 124 -77.28 16.25 5.27
N GLY J 125 -76.41 16.12 4.27
CA GLY J 125 -75.61 17.27 3.83
C GLY J 125 -74.83 17.82 5.00
N SER J 126 -74.87 19.14 5.18
CA SER J 126 -74.49 19.75 6.47
C SER J 126 -73.02 19.54 6.82
N GLY J 127 -72.14 19.83 5.84
CA GLY J 127 -70.71 19.62 6.08
C GLY J 127 -70.19 20.42 7.25
N GLU J 128 -70.49 21.72 7.27
CA GLU J 128 -70.04 22.58 8.36
C GLU J 128 -70.57 22.07 9.70
N LEU J 129 -71.89 21.87 9.77
CA LEU J 129 -72.48 21.40 11.00
C LEU J 129 -71.86 20.08 11.42
N ILE J 130 -71.58 19.21 10.44
CA ILE J 130 -70.97 17.91 10.75
C ILE J 130 -69.60 18.11 11.38
N GLN J 131 -68.84 19.12 10.94
CA GLN J 131 -67.58 19.39 11.63
C GLN J 131 -67.83 19.63 13.10
N LEU J 132 -68.85 20.41 13.42
CA LEU J 132 -69.18 20.63 14.83
C LEU J 132 -69.56 19.33 15.52
N LEU J 133 -70.38 18.50 14.87
CA LEU J 133 -70.84 17.26 15.50
C LEU J 133 -69.67 16.30 15.74
N PHE J 134 -68.76 16.19 14.76
CA PHE J 134 -67.59 15.32 14.88
C PHE J 134 -66.66 15.78 15.99
N LYS J 135 -66.40 17.09 16.08
CA LYS J 135 -65.47 17.61 17.09
C LYS J 135 -65.92 17.26 18.50
N ASN J 136 -67.24 17.28 18.73
CA ASN J 136 -67.80 16.97 20.05
C ASN J 136 -68.25 15.53 20.17
N ASP J 137 -67.92 14.67 19.20
CA ASP J 137 -68.21 13.24 19.31
C ASP J 137 -69.69 12.98 19.54
N LEU J 138 -70.53 13.73 18.83
CA LEU J 138 -71.98 13.57 18.90
C LEU J 138 -72.55 12.56 17.89
N VAL J 139 -71.77 12.09 16.94
CA VAL J 139 -72.28 11.23 15.87
C VAL J 139 -72.17 9.77 16.31
N ASP J 140 -73.29 9.07 16.26
CA ASP J 140 -73.38 7.69 16.71
C ASP J 140 -73.14 6.69 15.59
N GLU J 141 -73.67 7.01 14.40
CA GLU J 141 -73.49 6.14 13.26
C GLU J 141 -73.16 7.00 12.04
N LEU J 142 -72.49 6.35 11.08
CA LEU J 142 -72.09 6.93 9.82
C LEU J 142 -72.62 6.04 8.71
N TRP J 143 -73.53 6.57 7.88
CA TRP J 143 -74.05 5.81 6.74
C TRP J 143 -73.46 6.45 5.49
N LEU J 144 -72.46 5.79 4.90
CA LEU J 144 -71.71 6.32 3.78
C LEU J 144 -71.96 5.58 2.48
N LYS J 145 -71.88 6.34 1.37
CA LYS J 145 -71.85 5.83 0.01
C LYS J 145 -70.61 6.39 -0.66
N ILE J 146 -69.68 5.52 -1.01
CA ILE J 146 -68.39 5.93 -1.54
C ILE J 146 -68.43 5.69 -3.05
N PHE J 147 -68.26 6.82 -3.88
CA PHE J 147 -68.43 6.75 -5.32
C PHE J 147 -67.10 6.53 -6.01
N PRO J 148 -67.05 5.78 -7.12
CA PRO J 148 -65.75 5.43 -7.75
C PRO J 148 -65.17 6.58 -8.59
N VAL J 149 -64.85 7.67 -7.91
CA VAL J 149 -64.43 8.88 -8.58
C VAL J 149 -63.62 9.73 -7.59
N THR J 150 -62.66 10.47 -8.12
CA THR J 150 -61.93 11.44 -7.33
C THR J 150 -62.11 12.83 -7.96
N LEU J 151 -62.26 13.82 -7.10
CA LEU J 151 -62.30 15.24 -7.47
C LEU J 151 -61.31 15.92 -6.56
N ASN J 152 -60.43 16.77 -7.08
CA ASN J 152 -59.42 17.29 -6.16
C ASN J 152 -60.08 18.19 -5.11
N THR J 153 -60.73 19.25 -5.55
CA THR J 153 -61.30 20.27 -4.70
C THR J 153 -62.72 19.91 -4.26
N GLY J 154 -63.23 20.71 -3.32
CA GLY J 154 -64.57 20.58 -2.79
C GLY J 154 -64.64 20.32 -1.30
N LYS J 155 -65.75 20.71 -0.66
CA LYS J 155 -65.87 20.49 0.77
C LYS J 155 -65.84 19.00 1.09
N ARG J 156 -65.25 18.69 2.22
CA ARG J 156 -64.97 17.31 2.63
C ARG J 156 -65.89 16.94 3.77
N LEU J 157 -66.36 15.69 3.79
CA LEU J 157 -67.11 15.24 4.96
C LEU J 157 -66.22 15.16 6.20
N PHE J 158 -64.97 14.71 6.04
CA PHE J 158 -64.04 14.60 7.17
C PHE J 158 -63.12 15.81 7.08
N GLY J 159 -63.59 16.93 7.64
CA GLY J 159 -62.89 18.18 7.63
C GLY J 159 -62.11 18.43 8.90
N ASP J 160 -61.98 19.71 9.25
CA ASP J 160 -61.20 20.15 10.40
C ASP J 160 -61.76 19.68 11.75
N GLY J 161 -63.04 19.30 11.80
CA GLY J 161 -63.65 18.79 13.00
C GLY J 161 -63.42 17.32 13.24
N THR J 162 -62.88 16.61 12.26
CA THR J 162 -62.61 15.18 12.44
C THR J 162 -61.66 14.97 13.60
N ILE J 163 -61.95 13.96 14.41
CA ILE J 163 -61.10 13.60 15.55
C ILE J 163 -60.74 12.13 15.41
N PRO J 164 -59.68 11.70 16.10
CA PRO J 164 -59.33 10.27 16.09
C PRO J 164 -60.44 9.44 16.75
N ALA J 165 -61.03 8.55 15.97
CA ALA J 165 -62.14 7.76 16.46
C ALA J 165 -62.14 6.41 15.77
N ALA J 166 -62.52 5.38 16.51
CA ALA J 166 -62.71 4.06 15.96
C ALA J 166 -64.19 3.82 15.71
N PHE J 167 -64.46 2.89 14.80
CA PHE J 167 -65.81 2.57 14.38
C PHE J 167 -65.91 1.07 14.19
N THR J 168 -67.14 0.59 14.10
CA THR J 168 -67.37 -0.81 13.76
C THR J 168 -68.29 -0.86 12.56
N LEU J 169 -67.92 -1.67 11.57
CA LEU J 169 -68.72 -1.87 10.38
C LEU J 169 -69.92 -2.75 10.73
N ILE J 170 -71.11 -2.14 10.78
CA ILE J 170 -72.36 -2.87 10.92
C ILE J 170 -72.67 -3.64 9.64
N GLU J 171 -72.75 -2.91 8.52
CA GLU J 171 -73.23 -3.52 7.28
C GLU J 171 -72.52 -2.94 6.08
N SER J 172 -72.46 -3.73 5.01
CA SER J 172 -71.86 -3.21 3.80
C SER J 172 -72.40 -3.92 2.58
N SER J 173 -72.62 -3.14 1.53
CA SER J 173 -73.01 -3.71 0.25
C SER J 173 -72.40 -2.88 -0.87
N VAL J 174 -72.56 -3.35 -2.09
CA VAL J 174 -72.01 -2.71 -3.27
C VAL J 174 -73.13 -2.55 -4.28
N THR J 175 -73.02 -1.58 -5.04
CA THR J 175 -73.99 -1.15 -6.03
C THR J 175 -73.56 -1.59 -7.42
N PRO J 176 -74.52 -1.85 -8.32
CA PRO J 176 -74.14 -2.22 -9.70
C PRO J 176 -73.34 -1.14 -10.39
N SER J 177 -73.46 0.11 -9.99
CA SER J 177 -72.62 1.17 -10.53
C SER J 177 -71.31 1.30 -9.79
N GLY J 178 -71.04 0.46 -8.79
CA GLY J 178 -69.75 0.50 -8.14
C GLY J 178 -69.68 1.42 -6.95
N VAL J 179 -70.81 1.84 -6.41
CA VAL J 179 -70.83 2.59 -5.17
C VAL J 179 -70.73 1.61 -4.02
N ILE J 180 -69.88 1.92 -3.05
CA ILE J 180 -69.76 1.11 -1.84
C ILE J 180 -70.67 1.70 -0.78
N ILE J 181 -71.55 0.89 -0.19
CA ILE J 181 -72.41 1.29 0.92
C ILE J 181 -71.84 0.73 2.21
N ALA J 182 -71.59 1.58 3.19
CA ALA J 182 -71.04 1.12 4.46
C ALA J 182 -71.71 1.85 5.60
N ASN J 183 -72.29 1.09 6.52
CA ASN J 183 -72.88 1.63 7.74
C ASN J 183 -71.97 1.25 8.90
N TYR J 184 -71.52 2.29 9.62
CA TYR J 184 -70.55 2.23 10.71
C TYR J 184 -71.17 2.74 11.99
N LYS J 185 -70.76 2.16 13.11
CA LYS J 185 -71.14 2.63 14.43
C LYS J 185 -69.90 3.10 15.16
N ARG J 186 -70.04 4.24 15.84
CA ARG J 186 -68.98 4.71 16.73
C ARG J 186 -68.63 3.63 17.75
N ALA J 187 -67.32 3.35 17.90
CA ALA J 187 -66.87 2.21 18.72
C ALA J 187 -65.64 2.55 19.55
N GLY J 188 -65.65 3.70 20.22
CA GLY J 188 -64.57 3.96 21.15
C GLY J 188 -63.33 4.62 20.60
N GLU J 189 -62.16 4.17 21.05
CA GLU J 189 -60.91 4.91 20.90
C GLU J 189 -59.97 4.20 19.92
N VAL J 190 -59.16 5.00 19.22
CA VAL J 190 -58.18 4.42 18.33
C VAL J 190 -57.13 3.65 19.12
N LYS J 191 -56.86 2.42 18.71
CA LYS J 191 -55.82 1.61 19.33
C LYS J 191 -54.71 1.31 18.32
N THR J 192 -53.47 1.41 18.77
CA THR J 192 -52.33 1.19 17.89
C THR J 192 -51.53 -0.01 18.38
N GLY J 193 -50.79 -0.63 17.47
CA GLY J 193 -49.88 -1.70 17.81
C GLY J 193 -48.83 -1.85 16.74
N THR J 194 -48.03 -2.91 16.85
CA THR J 194 -46.93 -3.14 15.92
C THR J 194 -47.25 -4.38 15.10
N VAL J 195 -47.25 -4.22 13.82
CA VAL J 195 -47.60 -5.31 12.91
C VAL J 195 -46.31 -6.02 12.49
N GLY J 196 -46.41 -7.30 12.25
CA GLY J 196 -45.26 -8.07 11.84
C GLY J 196 -44.46 -8.55 13.04
N ALA J 197 -43.30 -9.10 12.73
CA ALA J 197 -42.38 -9.62 13.74
C ALA J 197 -40.99 -9.09 13.43
N HIS J 198 -40.49 -8.21 14.27
CA HIS J 198 -39.16 -7.66 14.08
C HIS J 198 -38.14 -8.58 14.75
N HIS J 199 -37.24 -9.14 13.94
CA HIS J 199 -36.24 -10.07 14.44
C HIS J 199 -35.35 -9.37 15.48
N HIS J 200 -34.93 -10.15 16.48
CA HIS J 200 -33.99 -9.64 17.49
C HIS J 200 -32.53 -9.97 17.14
N HIS J 201 -32.30 -10.93 16.23
CA HIS J 201 -30.97 -11.31 15.75
C HIS J 201 -30.93 -11.16 14.23
N HIS J 202 -29.77 -10.76 13.72
CA HIS J 202 -29.62 -10.48 12.27
C HIS J 202 -28.34 -11.12 11.72
OH2 1PE K . 87.88 -25.98 -35.06
C12 1PE K . 87.07 -26.20 -33.95
C22 1PE K . 85.59 -26.06 -34.48
OH3 1PE K . 84.73 -26.89 -33.71
C13 1PE K . 83.80 -26.29 -31.58
C23 1PE K . 83.63 -26.23 -33.13
OH4 1PE K . 84.22 -27.56 -31.10
C14 1PE K . 84.48 -26.70 -28.93
C24 1PE K . 85.16 -27.53 -30.05
OH5 1PE K . 85.30 -26.86 -27.82
OH2 1PE L . 65.78 -46.11 -38.96
C12 1PE L . 66.70 -45.19 -38.39
C22 1PE L . 66.25 -44.98 -36.90
OH3 1PE L . 66.24 -43.59 -36.60
C13 1PE L . 64.94 -41.54 -36.39
C23 1PE L . 64.96 -43.10 -36.16
OH4 1PE L . 64.17 -41.10 -37.51
C14 1PE L . 65.52 -40.09 -39.20
C24 1PE L . 64.51 -39.82 -38.07
OH5 1PE L . 65.57 -38.89 -39.93
C15 1PE L . 64.64 -39.85 -41.89
C25 1PE L . 65.84 -39.05 -41.32
OH6 1PE L . 65.12 -40.38 -43.10
PA NAP M . 68.52 -35.98 -26.77
O1A NAP M . 68.31 -34.50 -26.90
O2A NAP M . 68.58 -36.62 -28.13
O5B NAP M . 69.89 -36.26 -25.91
C5B NAP M . 69.77 -36.07 -24.52
C4B NAP M . 71.21 -36.03 -23.99
O4B NAP M . 71.88 -35.14 -24.66
C3B NAP M . 71.28 -35.59 -22.54
O3B NAP M . 71.12 -36.67 -21.71
C2B NAP M . 72.71 -34.97 -22.51
O2B NAP M . 73.78 -36.02 -22.64
C1B NAP M . 72.72 -34.24 -23.61
N9A NAP M . 72.05 -32.97 -23.49
C8A NAP M . 70.94 -32.56 -24.12
N7A NAP M . 70.63 -31.32 -23.72
C5A NAP M . 71.58 -30.94 -22.83
C6A NAP M . 71.74 -29.78 -22.13
N6A NAP M . 70.80 -28.70 -22.30
N1A NAP M . 72.77 -29.64 -21.30
C2A NAP M . 73.66 -30.64 -21.13
N3A NAP M . 73.49 -31.79 -21.84
C4A NAP M . 72.45 -31.95 -22.69
O3 NAP M . 67.41 -36.67 -25.78
PN NAP M . 65.83 -36.96 -26.10
O1N NAP M . 65.29 -35.72 -26.79
O2N NAP M . 65.13 -37.27 -24.80
O5D NAP M . 65.74 -38.24 -27.12
C5D NAP M . 65.64 -37.94 -28.48
C4D NAP M . 64.15 -38.05 -28.88
O4D NAP M . 64.04 -37.60 -30.09
C3D NAP M . 63.67 -39.52 -28.92
O3D NAP M . 62.43 -39.63 -28.40
C2D NAP M . 63.65 -39.85 -30.43
O2D NAP M . 62.68 -40.97 -30.66
C1D NAP M . 63.20 -38.72 -30.89
N1N NAP M . 63.44 -38.42 -32.27
C2N NAP M . 62.56 -37.62 -32.90
C3N NAP M . 62.76 -37.28 -34.22
C7N NAP M . 61.73 -36.38 -34.88
O7N NAP M . 62.03 -35.66 -35.77
N7N NAP M . 60.36 -36.41 -34.37
C4N NAP M . 63.83 -37.75 -34.91
C5N NAP M . 64.71 -38.55 -34.29
C6N NAP M . 64.52 -38.88 -32.95
P2B NAP M . 74.50 -36.83 -21.39
O1X NAP M . 75.40 -37.85 -22.03
O2X NAP M . 75.34 -35.91 -20.53
O3X NAP M . 73.53 -37.59 -20.51
S SO4 N . 70.10 -43.00 -20.52
O1 SO4 N . 69.83 -41.61 -20.14
O2 SO4 N . 70.94 -43.56 -19.46
O3 SO4 N . 68.86 -43.75 -20.62
O4 SO4 N . 70.74 -43.09 -21.83
OH2 1PE O . 35.22 -12.29 -37.48
C12 1PE O . 36.38 -13.04 -37.72
C22 1PE O . 36.34 -14.27 -36.74
OH3 1PE O . 35.08 -14.35 -36.08
C13 1PE O . 36.38 -14.85 -34.13
C23 1PE O . 35.09 -15.21 -34.93
OH4 1PE O . 36.26 -15.06 -32.76
C14 1PE O . 37.93 -13.51 -32.19
C24 1PE O . 37.46 -14.95 -32.01
OH5 1PE O . 38.12 -13.02 -30.88
C15 1PE O . 37.04 -11.53 -29.38
C25 1PE O . 36.92 -12.90 -30.12
OH6 1PE O . 35.89 -10.80 -29.77
C16 1PE O . 36.60 -9.20 -31.46
C26 1PE O . 35.83 -10.51 -31.14
OH7 1PE O . 35.74 -8.46 -32.28
PA NAP P . 35.60 -21.41 -21.71
O1A NAP P . 35.71 -22.83 -22.21
O2A NAP P . 35.35 -20.42 -22.83
O5B NAP P . 34.40 -21.35 -20.60
C5B NAP P . 34.75 -21.53 -19.26
C4B NAP P . 33.43 -21.90 -18.58
O4B NAP P . 32.74 -22.74 -19.36
C3B NAP P . 33.67 -22.68 -17.29
O3B NAP P . 33.93 -21.79 -16.28
C2B NAP P . 32.30 -23.36 -17.16
O2B NAP P . 31.31 -22.28 -16.87
C1B NAP P . 32.07 -23.83 -18.38
N9A NAP P . 32.77 -25.08 -18.64
C8A NAP P . 33.77 -25.30 -19.51
N7A NAP P . 34.14 -26.58 -19.40
C5A NAP P . 33.35 -27.15 -18.47
C6A NAP P . 33.29 -28.44 -17.96
N6A NAP P . 34.19 -29.47 -18.45
N1A NAP P . 32.41 -28.75 -17.02
C2A NAP P . 31.56 -27.80 -16.56
N3A NAP P . 31.61 -26.53 -17.04
C4A NAP P . 32.51 -26.23 -18.00
O3 NAP P . 36.93 -21.03 -20.82
PN NAP P . 38.40 -20.52 -21.34
O1N NAP P . 38.98 -21.48 -22.35
O2N NAP P . 39.25 -20.43 -20.07
O5D NAP P . 38.29 -19.09 -22.13
C5D NAP P . 38.13 -19.13 -23.51
C4D NAP P . 39.52 -18.90 -24.15
O4D NAP P . 39.44 -19.08 -25.44
C3D NAP P . 39.99 -17.44 -23.94
O3D NAP P . 41.30 -17.40 -23.60
C2D NAP P . 39.86 -16.82 -25.34
O2D NAP P . 40.81 -15.67 -25.42
C1D NAP P . 40.22 -17.82 -26.09
N1N NAP P . 39.78 -17.73 -27.45
C2N NAP P . 40.47 -18.37 -28.43
C3N NAP P . 40.02 -18.31 -29.73
C7N NAP P . 40.81 -19.01 -30.84
O7N NAP P . 40.28 -19.35 -31.86
N7N NAP P . 42.23 -19.26 -30.62
C4N NAP P . 38.90 -17.61 -30.04
C5N NAP P . 38.20 -16.99 -29.07
C6N NAP P . 38.64 -17.05 -27.77
P2B NAP P . 30.92 -21.76 -15.35
O1X NAP P . 30.04 -20.56 -15.62
O2X NAP P . 30.15 -22.80 -14.53
O3X NAP P . 32.15 -21.37 -14.56
S SO4 Q . 35.25 -15.92 -13.68
O1 SO4 Q . 35.67 -14.51 -13.74
O2 SO4 Q . 36.27 -16.71 -13.02
O3 SO4 Q . 33.99 -16.08 -12.93
O4 SO4 Q . 35.04 -16.37 -15.04
S SO4 R . 15.61 -15.36 -26.66
O1 SO4 R . 15.55 -13.92 -26.38
O2 SO4 R . 16.91 -15.88 -26.21
O3 SO4 R . 14.57 -16.10 -25.95
O4 SO4 R . 15.48 -15.57 -28.11
OH2 1PE S . 46.16 -0.25 -20.32
C12 1PE S . 46.24 -0.61 -18.94
C22 1PE S . 44.91 -1.33 -18.67
OH3 1PE S . 44.92 -1.86 -17.39
C13 1PE S . 43.47 -1.28 -15.59
C23 1PE S . 44.78 -0.87 -16.37
OH4 1PE S . 42.39 -0.38 -15.75
C14 1PE S . 42.90 1.16 -14.01
C24 1PE S . 42.70 1.00 -15.55
OH5 1PE S . 43.69 2.30 -13.84
C15 1PE S . 45.99 2.54 -13.45
C25 1PE S . 44.63 2.15 -12.83
OH6 1PE S . 45.89 3.91 -13.68
C16 1PE S . 47.65 4.83 -15.10
C26 1PE S . 47.12 4.56 -13.64
OH7 1PE S . 46.72 5.64 -15.76
PA NAP T . 39.26 -9.02 -8.06
O1A NAP T . 38.81 -8.58 -6.68
O2A NAP T . 40.19 -8.07 -8.76
O5B NAP T . 39.97 -10.52 -8.06
C5B NAP T . 39.12 -11.62 -7.85
C4B NAP T . 39.88 -12.70 -7.05
O4B NAP T . 40.56 -12.17 -6.04
C3B NAP T . 38.93 -13.71 -6.38
O3B NAP T . 38.52 -14.64 -7.31
C2B NAP T . 39.90 -14.29 -5.35
O2B NAP T . 41.05 -14.92 -6.08
C1B NAP T . 40.36 -13.19 -4.77
N9A NAP T . 39.43 -12.66 -3.79
C8A NAP T . 38.71 -11.53 -3.79
N7A NAP T . 37.99 -11.49 -2.66
C5A NAP T . 38.26 -12.61 -1.94
C6A NAP T . 37.84 -13.10 -0.70
N6A NAP T . 36.88 -12.41 0.14
N1A NAP T . 38.30 -14.24 -0.23
C2A NAP T . 39.18 -14.95 -0.95
N3A NAP T . 39.61 -14.47 -2.15
C4A NAP T . 39.16 -13.30 -2.64
O3 NAP T . 37.92 -9.39 -8.96
PN NAP T . 36.84 -8.41 -9.71
O1N NAP T . 36.30 -7.44 -8.68
O2N NAP T . 35.72 -9.26 -10.29
O5D NAP T . 37.58 -7.69 -10.98
C5D NAP T . 38.15 -6.43 -10.83
C4D NAP T . 37.36 -5.38 -11.68
O4D NAP T . 37.88 -4.20 -11.48
C3D NAP T . 37.47 -5.61 -13.20
O3D NAP T . 36.24 -5.43 -13.72
C2D NAP T . 38.40 -4.49 -13.68
O2D NAP T . 38.14 -4.15 -15.12
C1D NAP T . 37.97 -3.53 -12.92
N1N NAP T . 38.84 -2.40 -12.74
C2N NAP T . 38.25 -1.29 -12.23
C3N NAP T . 38.99 -0.14 -12.00
C7N NAP T . 38.26 1.10 -11.42
O7N NAP T . 38.84 2.09 -11.17
N7N NAP T . 36.83 1.06 -11.15
C4N NAP T . 40.32 -0.15 -12.28
C5N NAP T . 40.91 -1.28 -12.77
C6N NAP T . 40.16 -2.42 -13.02
P2B NAP T . 41.12 -16.53 -6.49
O1X NAP T . 40.76 -17.42 -5.30
O2X NAP T . 40.24 -16.79 -7.68
O3X NAP T . 42.53 -16.80 -6.90
S SO4 U . 4.29 25.48 17.21
O1 SO4 U . 5.15 26.56 16.74
O2 SO4 U . 3.98 25.58 18.64
O3 SO4 U . 3.04 25.53 16.44
O4 SO4 U . 4.97 24.21 17.00
S SO4 V . 39.11 -16.54 -13.98
O1 SO4 V . 38.81 -15.12 -13.81
O2 SO4 V . 38.93 -17.30 -12.74
O3 SO4 V . 40.48 -16.70 -14.49
O4 SO4 V . 38.18 -17.04 -14.98
S SO4 W . 26.79 8.96 17.29
O1 SO4 W . 27.58 8.22 18.28
O2 SO4 W . 25.80 9.77 18.00
O3 SO4 W . 27.67 9.82 16.51
O4 SO4 W . 26.13 8.00 16.40
S SO4 X . 60.16 -11.29 -6.16
O1 SO4 X . 60.67 -9.93 -6.04
O2 SO4 X . 60.47 -12.03 -4.93
O3 SO4 X . 58.71 -11.25 -6.35
O4 SO4 X . 60.79 -11.97 -7.28
S SO4 Y . 9.15 17.57 19.65
O1 SO4 Y . 9.04 19.01 19.46
O2 SO4 Y . 10.50 17.23 20.11
O3 SO4 Y . 8.15 17.10 20.62
O4 SO4 Y . 8.90 16.90 18.36
OH2 1PE Z . 10.29 17.00 5.31
C12 1PE Z . 10.33 16.68 3.88
C22 1PE Z . 11.41 15.48 3.69
OH3 1PE Z . 12.07 15.50 2.40
C13 1PE Z . 12.76 17.48 1.07
C23 1PE Z . 13.19 16.44 2.21
OH4 1PE Z . 13.73 18.44 0.65
C14 1PE Z . 14.43 20.75 0.21
C24 1PE Z . 13.20 19.74 0.25
OH5 1PE Z . 14.50 21.45 1.46
C15 1PE Z . 16.50 21.99 2.80
C25 1PE Z . 15.40 20.89 2.45
OH6 1PE Z . 17.26 21.44 3.93
C16 1PE Z . 19.06 19.92 4.67
C26 1PE Z . 18.60 21.03 3.65
OH7 1PE Z . 20.47 19.77 4.57
C ACT AA . 2.23 3.34 -15.96
O ACT AA . 1.44 3.43 -14.97
OXT ACT AA . 2.08 3.88 -17.15
CH3 ACT AA . 3.57 2.46 -15.69
PA NAP BA . 7.03 7.81 -4.75
O1A NAP BA . 7.19 9.15 -4.08
O2A NAP BA . 7.74 7.76 -6.08
O5B NAP BA . 5.45 7.43 -4.91
C5B NAP BA . 5.13 6.14 -5.33
C4B NAP BA . 3.62 6.22 -5.74
O4B NAP BA . 3.47 7.12 -6.67
C3B NAP BA . 3.17 4.88 -6.33
O3B NAP BA . 2.66 4.12 -5.31
C2B NAP BA . 2.14 5.37 -7.36
O2B NAP BA . 1.00 5.98 -6.60
C1B NAP BA . 2.75 6.38 -7.93
N9A NAP BA . 3.69 5.92 -8.90
C8A NAP BA . 5.02 5.98 -8.88
N7A NAP BA . 5.49 5.38 -9.99
C5A NAP BA . 4.42 4.95 -10.70
C6A NAP BA . 4.32 4.29 -11.90
N6A NAP BA . 5.51 3.91 -12.65
N1A NAP BA . 3.13 3.99 -12.38
C2A NAP BA . 2.02 4.33 -11.69
N3A NAP BA . 2.11 4.97 -10.51
C4A NAP BA . 3.32 5.28 -10.03
O3 NAP BA . 7.44 6.62 -3.70
PN NAP BA . 8.88 6.25 -3.00
O1N NAP BA . 10.01 6.30 -4.00
O2N NAP BA . 8.70 4.84 -2.47
O5D NAP BA . 9.04 7.25 -1.70
C5D NAP BA . 9.72 8.44 -1.92
C4D NAP BA . 11.11 8.23 -1.28
O4D NAP BA . 11.85 9.27 -1.55
C3D NAP BA . 10.95 8.16 0.25
O3D NAP BA . 11.83 7.26 0.80
C2D NAP BA . 11.29 9.61 0.66
O2D NAP BA . 11.70 9.57 2.10
C1D NAP BA . 12.29 9.87 -0.13
N1N NAP BA . 12.63 11.25 -0.35
C2N NAP BA . 13.89 11.49 -0.79
C3N NAP BA . 14.32 12.78 -1.03
C7N NAP BA . 15.78 12.95 -1.49
O7N NAP BA . 16.12 13.90 -2.11
N7N NAP BA . 16.75 11.95 -1.15
C4N NAP BA . 13.47 13.82 -0.82
C5N NAP BA . 12.20 13.58 -0.39
C6N NAP BA . 11.76 12.28 -0.15
P2B NAP BA . -0.25 5.06 -6.07
O1X NAP BA . -0.90 4.46 -7.28
O2X NAP BA . 0.22 3.93 -5.17
O3X NAP BA . -1.18 5.93 -5.25
S SO4 CA . 8.46 28.95 8.04
O1 SO4 CA . 9.46 30.00 8.20
O2 SO4 CA . 7.44 28.99 9.11
O3 SO4 CA . 7.78 29.12 6.76
O4 SO4 CA . 9.17 27.67 8.13
S SO4 DA . 1.99 2.39 0.47
O1 SO4 DA . 2.14 3.76 -0.02
O2 SO4 DA . 3.14 2.05 1.33
O3 SO4 DA . 0.72 2.42 1.21
O4 SO4 DA . 1.84 1.41 -0.61
OH2 1PE EA . -4.37 55.57 6.14
C12 1PE EA . -3.04 55.45 6.60
C22 1PE EA . -3.02 54.21 7.59
OH3 1PE EA . -4.16 53.36 7.47
C13 1PE EA . -3.10 51.25 7.94
C23 1PE EA . -4.19 52.26 8.40
OH4 1PE EA . -2.75 51.38 6.57
C14 1PE EA . -1.07 49.75 6.87
C24 1PE EA . -2.19 50.24 5.92
OH5 1PE EA . 0.15 50.10 6.26
C15 1PE EA . 1.07 50.42 8.43
C25 1PE EA . 1.29 49.74 7.04
OH6 1PE EA . 1.94 51.55 8.45
C16 1PE EA . 2.64 53.61 7.40
C26 1PE EA . 1.44 52.71 7.84
OH7 1PE EA . 2.35 54.08 6.11
PA NAP FA . 0.20 38.85 11.70
O1A NAP FA . -1.16 38.24 11.54
O2A NAP FA . 0.24 40.36 11.64
O5B NAP FA . 0.77 38.30 13.14
C5B NAP FA . 1.41 37.07 13.09
C4B NAP FA . 1.58 36.69 14.58
O4B NAP FA . 0.43 36.79 15.20
C3B NAP FA . 2.03 35.23 14.72
O3B NAP FA . 3.39 35.17 14.60
C2B NAP FA . 1.55 34.95 16.15
O2B NAP FA . 2.45 35.73 17.06
C1B NAP FA . 0.35 35.51 16.17
N9A NAP FA . -0.65 34.65 15.59
C8A NAP FA . -1.33 34.82 14.44
N7A NAP FA . -2.16 33.78 14.29
C5A NAP FA . -1.97 32.97 15.35
C6A NAP FA . -2.54 31.76 15.69
N6A NAP FA . -3.53 31.16 14.83
N1A NAP FA . -2.17 31.17 16.80
C2A NAP FA . -1.24 31.73 17.62
N3A NAP FA . -0.67 32.90 17.28
C4A NAP FA . -1.04 33.51 16.15
O3 NAP FA . 1.31 38.25 10.64
PN NAP FA . 1.29 38.49 9.02
O1N NAP FA . -0.13 38.26 8.55
O2N NAP FA . 2.25 37.49 8.39
O5D NAP FA . 1.85 39.96 8.63
C5D NAP FA . 0.89 40.97 8.55
C4D NAP FA . 0.84 41.37 7.08
O4D NAP FA . -0.06 42.29 7.02
C3D NAP FA . 2.16 42.05 6.62
O3D NAP FA . 2.53 41.57 5.40
C2D NAP FA . 1.76 43.54 6.47
O2D NAP FA . 2.65 44.18 5.46
C1D NAP FA . 0.55 43.39 6.02
N1N NAP FA . -0.34 44.50 6.16
C2N NAP FA . -1.40 44.56 5.32
C3N NAP FA . -2.33 45.59 5.40
C7N NAP FA . -3.52 45.66 4.42
O7N NAP FA . -4.56 46.13 4.75
N7N NAP FA . -3.35 45.15 3.07
C4N NAP FA . -2.15 46.54 6.37
C5N NAP FA . -1.09 46.46 7.22
C6N NAP FA . -0.17 45.43 7.13
P2B NAP FA . 3.72 35.10 17.90
O1X NAP FA . 4.85 34.69 16.98
O2X NAP FA . 4.22 36.16 18.86
O3X NAP FA . 3.23 33.91 18.67
S SO4 GA . -28.79 30.05 5.64
O1 SO4 GA . -27.55 30.32 6.36
O2 SO4 GA . -29.92 30.49 6.47
O3 SO4 GA . -28.92 28.62 5.35
O4 SO4 GA . -28.82 30.84 4.42
S SO4 HA . 9.04 37.08 9.62
O1 SO4 HA . 8.95 38.14 10.62
O2 SO4 HA . 10.02 37.44 8.59
O3 SO4 HA . 7.72 36.96 9.00
O4 SO4 HA . 9.44 35.83 10.30
S SO4 IA . 9.34 37.99 13.51
O1 SO4 IA . 10.53 38.35 12.76
O2 SO4 IA . 9.61 38.16 14.94
O3 SO4 IA . 8.96 36.61 13.23
O4 SO4 IA . 8.27 38.92 13.13
OH4 1PE JA . 16.34 -37.21 8.73
C14 1PE JA . 17.78 -37.49 10.60
C24 1PE JA . 17.58 -37.77 9.07
OH5 1PE JA . 19.16 -37.15 10.75
C15 1PE JA . 19.78 -34.98 11.58
C25 1PE JA . 19.51 -36.45 11.94
OH6 1PE JA . 19.05 -34.71 10.38
C16 1PE JA . 16.93 -33.74 9.73
C26 1PE JA . 18.35 -33.51 10.34
OH7 1PE JA . 16.89 -33.09 8.48
OH2 1PE KA . 2.58 -35.09 29.85
C12 1PE KA . 2.93 -34.16 28.85
C22 1PE KA . 1.69 -34.05 27.99
OH3 1PE KA . 1.87 -32.98 27.09
C13 1PE KA . -0.37 -32.05 27.18
C23 1PE KA . 1.14 -31.79 27.40
OH4 1PE KA . -1.14 -31.88 28.36
C14 1PE KA . -3.07 -32.71 29.42
C24 1PE KA . -2.53 -31.99 28.18
OH5 1PE KA . -3.52 -33.97 28.95
C15 1PE KA . -3.21 -36.21 29.79
C25 1PE KA . -2.54 -35.02 29.01
OH6 1PE KA . -2.57 -37.42 29.32
C16 1PE KA . -0.68 -37.80 30.78
C26 1PE KA . -1.15 -37.42 29.36
OH7 1PE KA . -1.14 -39.11 30.99
PA NAP LA . 13.99 -41.39 28.37
O1A NAP LA . 14.96 -40.23 28.40
O2A NAP LA . 12.59 -40.96 28.00
O5B NAP LA . 14.53 -42.47 27.27
C5B NAP LA . 15.66 -43.20 27.64
C4B NAP LA . 16.20 -43.86 26.37
O4B NAP LA . 16.60 -42.92 25.55
C3B NAP LA . 17.44 -44.69 26.70
O3B NAP LA . 17.04 -45.95 27.01
C2B NAP LA . 18.12 -44.60 25.33
O2B NAP LA . 17.21 -45.35 24.41
C1B NAP LA . 18.06 -43.33 25.03
N9A NAP LA . 19.02 -42.47 25.71
C8A NAP LA . 18.76 -41.53 26.62
N7A NAP LA . 19.91 -40.96 26.98
C5A NAP LA . 20.89 -41.56 26.31
C6A NAP LA . 22.26 -41.38 26.31
N6A NAP LA . 22.79 -40.38 27.19
N1A NAP LA . 23.05 -42.09 25.53
C2A NAP LA . 22.50 -43.04 24.73
N3A NAP LA . 21.15 -43.22 24.72
C4A NAP LA . 20.35 -42.48 25.51
O3 NAP LA . 14.05 -42.23 29.77
PN NAP LA . 13.43 -41.82 31.24
O1N NAP LA . 13.97 -40.47 31.61
O2N NAP LA . 13.87 -42.86 32.23
O5D NAP LA . 11.80 -41.97 31.08
C5D NAP LA . 11.01 -40.86 30.80
C4D NAP LA . 10.45 -40.32 32.14
O4D NAP LA . 9.89 -39.17 31.89
C3D NAP LA . 9.32 -41.20 32.70
O3D NAP LA . 9.41 -41.34 34.06
C2D NAP LA . 8.04 -40.42 32.33
O2D NAP LA . 6.97 -40.89 33.28
C1D NAP LA . 8.45 -39.21 32.60
N1N NAP LA . 7.72 -38.08 32.05
C2N NAP LA . 7.81 -36.88 32.68
C3N NAP LA . 7.18 -35.75 32.13
C7N NAP LA . 7.23 -34.41 32.87
O7N NAP LA . 7.09 -33.38 32.28
N7N NAP LA . 7.49 -34.38 34.30
C4N NAP LA . 6.46 -35.88 30.97
C5N NAP LA . 6.40 -37.09 30.33
C6N NAP LA . 7.04 -38.18 30.86
P2B NAP LA . 17.55 -46.91 23.95
O1X NAP LA . 17.67 -47.76 25.20
O2X NAP LA . 16.42 -47.41 23.11
O3X NAP LA . 18.86 -46.93 23.14
S SO4 MA . -9.05 -35.71 21.12
O1 SO4 MA . -7.70 -35.13 21.02
O2 SO4 MA . -9.20 -36.38 22.42
O3 SO4 MA . -9.26 -36.67 20.02
O4 SO4 MA . -10.03 -34.65 21.02
S SO4 NA . 6.11 -42.39 8.64
O1 SO4 NA . 5.96 -41.01 8.19
O2 SO4 NA . 6.71 -42.35 9.96
O3 SO4 NA . 4.80 -43.04 8.71
O4 SO4 NA . 6.99 -43.14 7.74
S SO4 OA . 16.33 -42.03 43.26
O1 SO4 OA . 16.85 -40.65 43.13
O2 SO4 OA . 16.20 -42.40 44.67
O3 SO4 OA . 15.00 -42.10 42.70
O4 SO4 OA . 17.27 -42.93 42.57
S SO4 PA . 12.24 -51.56 35.77
O1 SO4 PA . 13.18 -50.81 34.92
O2 SO4 PA . 12.59 -51.40 37.18
O3 SO4 PA . 10.87 -51.08 35.55
O4 SO4 PA . 12.27 -52.98 35.42
OH2 1PE QA . 8.52 5.04 19.39
C12 1PE QA . 9.20 5.04 18.16
C22 1PE QA . 8.13 4.64 17.11
OH3 1PE QA . 7.99 3.23 17.02
C13 1PE QA . 5.76 3.58 16.20
C23 1PE QA . 6.65 2.78 17.23
OH4 1PE QA . 4.45 3.89 16.66
C14 1PE QA . 3.18 3.34 18.60
C24 1PE QA . 3.78 2.79 17.30
OH5 1PE QA . 2.80 2.18 19.33
C15 1PE QA . 3.23 0.52 20.92
C25 1PE QA . 3.87 1.37 19.79
OH6 1PE QA . 4.06 0.74 22.06
C16 1PE QA . 4.76 2.35 23.73
C26 1PE QA . 3.58 1.67 23.00
OH7 1PE QA . 4.21 3.07 24.78
OH2 1PE RA . -1.51 3.88 27.54
C12 1PE RA . -2.07 5.04 28.15
C22 1PE RA . -2.09 6.19 27.08
OH3 1PE RA . -0.80 6.42 26.48
C13 1PE RA . 0.37 7.78 24.90
C23 1PE RA . -0.52 7.78 26.20
OH4 1PE RA . 1.77 7.67 25.17
C14 1PE RA . 3.13 5.82 25.37
C24 1PE RA . 2.49 6.77 24.35
OH5 1PE RA . 2.01 5.48 26.24
PA NAP SA . -0.56 -2.22 8.06
O1A NAP SA . -1.82 -2.99 8.35
O2A NAP SA . 0.31 -1.98 9.28
O5B NAP SA . 0.35 -2.90 6.85
C5B NAP SA . -0.23 -2.85 5.57
C4B NAP SA . 0.27 -4.08 4.76
O4B NAP SA . -0.02 -5.20 5.39
C3B NAP SA . -0.46 -4.19 3.42
O3B NAP SA . 0.15 -3.38 2.53
C2B NAP SA . -0.16 -5.67 3.14
O2B NAP SA . 1.31 -5.74 3.07
C1B NAP SA . -0.51 -6.25 4.26
N9A NAP SA . -1.94 -6.42 4.38
C8A NAP SA . -2.79 -5.82 5.23
N7A NAP SA . -4.04 -6.25 4.98
C5A NAP SA . -3.96 -7.13 3.97
C6A NAP SA . -4.92 -7.86 3.33
N6A NAP SA . -6.31 -7.74 3.72
N1A NAP SA . -4.58 -8.67 2.35
C2A NAP SA . -3.28 -8.76 1.97
N3A NAP SA . -2.33 -8.04 2.58
C4A NAP SA . -2.67 -7.22 3.59
O3 NAP SA . -1.03 -0.84 7.33
PN NAP SA . -1.62 0.54 7.95
O1N NAP SA . -2.79 0.28 8.87
O2N NAP SA . -2.02 1.22 6.68
O5D NAP SA . -0.36 1.27 8.72
C5D NAP SA . -0.23 1.11 10.09
C4D NAP SA . -1.04 2.24 10.80
O4D NAP SA . -1.25 1.96 12.07
C3D NAP SA . -0.25 3.56 10.73
O3D NAP SA . -1.09 4.62 10.43
C2D NAP SA . 0.30 3.66 12.17
O2D NAP SA . 0.64 5.07 12.48
C1D NAP SA . -0.74 3.26 12.85
N1N NAP SA . -0.48 2.82 14.17
C2N NAP SA . -1.46 2.93 15.09
C3N NAP SA . -1.24 2.49 16.39
C7N NAP SA . -2.37 2.66 17.42
O7N NAP SA . -2.52 1.90 18.34
N7N NAP SA . -3.25 3.81 17.21
C4N NAP SA . -0.05 1.98 16.74
C5N NAP SA . 0.94 1.87 15.81
C6N NAP SA . 0.73 2.30 14.50
P2B NAP SA . 2.08 -5.94 1.62
O1X NAP SA . 3.57 -6.01 1.88
O2X NAP SA . 1.62 -7.23 0.98
O3X NAP SA . 1.86 -4.72 0.74
S SO4 TA . 15.30 -15.90 12.41
O1 SO4 TA . 16.35 -14.90 12.60
O2 SO4 TA . 14.85 -16.35 13.72
O3 SO4 TA . 14.13 -15.37 11.70
O4 SO4 TA . 15.84 -17.02 11.63
S SO4 UA . -39.50 -6.18 21.30
O1 SO4 UA . -38.92 -5.54 20.12
O2 SO4 UA . -39.43 -5.27 22.45
O3 SO4 UA . -40.89 -6.55 21.03
O4 SO4 UA . -38.72 -7.37 21.66
S SO4 VA . -6.26 -13.66 0.47
O1 SO4 VA . -5.67 -12.35 0.78
O2 SO4 VA . -6.16 -14.53 1.63
O3 SO4 VA . -7.68 -13.51 0.14
O4 SO4 VA . -5.54 -14.28 -0.65
S SO4 WA . 16.19 1.08 25.70
O1 SO4 WA . 15.21 2.15 25.45
O2 SO4 WA . 16.71 1.20 27.06
O3 SO4 WA . 15.49 -0.21 25.58
O4 SO4 WA . 17.30 1.13 24.77
S SO4 XA . -10.61 10.64 5.34
O1 SO4 XA . -10.17 11.99 4.96
O2 SO4 XA . -9.60 9.94 6.14
O3 SO4 XA . -11.86 10.73 6.12
O4 SO4 XA . -10.88 9.89 4.11
OH2 1PE YA . -34.94 9.47 27.59
C12 1PE YA . -33.59 9.80 27.48
C22 1PE YA . -33.22 9.21 26.13
OH3 1PE YA . -34.08 9.76 25.19
C13 1PE YA . -33.71 8.16 23.57
C23 1PE YA . -33.59 9.63 23.91
OH4 1PE YA . -33.52 7.91 22.24
C14 1PE YA . -35.34 8.21 20.77
C24 1PE YA . -34.54 7.17 21.59
OH5 1PE YA . -36.58 8.32 21.44
C15 1PE YA . -39.00 8.18 21.52
C25 1PE YA . -37.70 8.00 20.62
OH6 1PE YA . -38.99 7.16 22.55
C16 1PE YA . -38.03 4.90 22.22
C26 1PE YA . -39.31 5.83 22.16
OH7 1PE YA . -37.44 4.85 20.94
OH2 1PE ZA . -27.90 3.36 29.62
C12 1PE ZA . -28.54 2.32 28.89
C22 1PE ZA . -29.58 3.03 27.99
OH3 1PE ZA . -30.61 2.13 27.59
C13 1PE ZA . -32.66 3.32 27.21
C23 1PE ZA . -31.88 2.41 28.20
OH4 1PE ZA . -33.63 4.14 27.85
C14 1PE ZA . -34.21 6.40 28.34
C24 1PE ZA . -33.11 5.31 28.52
OH5 1PE ZA . -35.42 5.87 28.93
C15 1PE ZA . -37.71 5.58 28.19
C25 1PE ZA . -36.60 6.62 28.64
OH6 1PE ZA . -39.00 6.22 28.39
C16 1PE ZA . -40.17 4.78 29.98
C26 1PE ZA . -40.11 5.37 28.54
OH7 1PE ZA . -41.11 3.74 29.99
PA NAP AB . -32.09 15.71 12.66
O1A NAP AB . -30.79 16.43 12.92
O2A NAP AB . -32.69 15.26 13.98
O5B NAP AB . -33.17 16.62 11.86
C5B NAP AB . -32.74 17.02 10.59
C4B NAP AB . -33.54 18.31 10.27
O4B NAP AB . -33.23 19.29 11.09
C3B NAP AB . -33.13 18.75 8.87
O3B NAP AB . -33.90 18.09 7.97
C2B NAP AB . -33.44 20.24 9.00
O2B NAP AB . -34.92 20.36 9.08
C1B NAP AB . -32.94 20.57 10.16
N9A NAP AB . -31.50 20.72 10.10
C8A NAP AB . -30.56 19.95 10.68
N7A NAP AB . -29.35 20.45 10.35
C5A NAP AB . -29.56 21.54 9.58
C6A NAP AB . -28.69 22.42 8.97
N6A NAP AB . -27.26 22.24 9.15
N1A NAP AB . -29.15 23.43 8.26
C2A NAP AB . -30.49 23.60 8.10
N3A NAP AB . -31.35 22.73 8.69
C4A NAP AB . -30.88 21.70 9.42
O3 NAP AB . -31.82 14.53 11.58
PN NAP AB . -31.03 13.15 11.96
O1N NAP AB . -29.60 13.46 12.27
O2N NAP AB . -31.16 12.21 10.79
O5D NAP AB . -31.70 12.73 13.39
C5D NAP AB . -32.32 11.50 13.55
C4D NAP AB . -31.29 10.58 14.24
O4D NAP AB . -31.04 10.86 15.52
C3D NAP AB . -32.03 9.23 14.19
O3D NAP AB . -31.20 8.28 13.67
C2D NAP AB . -32.41 9.04 15.66
O2D NAP AB . -32.69 7.58 15.91
C1D NAP AB . -31.31 9.45 16.25
N1N NAP AB . -31.40 9.56 17.69
C2N NAP AB . -30.29 9.24 18.41
C3N NAP AB . -30.31 9.32 19.79
C7N NAP AB . -29.03 8.95 20.53
O7N NAP AB . -28.78 9.37 21.63
N7N NAP AB . -28.11 8.08 19.79
C4N NAP AB . -31.44 9.71 20.44
C5N NAP AB . -32.55 10.03 19.71
C6N NAP AB . -32.53 9.95 18.33
P2B NAP AB . -35.84 20.71 7.75
O1X NAP AB . -37.23 20.86 8.29
O2X NAP AB . -35.31 22.01 7.14
O3X NAP AB . -35.79 19.62 6.69
S SO4 BB . -47.01 26.91 22.97
O1 SO4 BB . -46.96 28.21 22.30
O2 SO4 BB . -46.46 27.04 24.32
O3 SO4 BB . -48.40 26.43 23.03
O4 SO4 BB . -46.20 25.94 22.20
S SO4 CB . -33.90 33.37 18.73
O1 SO4 CB . -33.24 34.64 18.41
O2 SO4 CB . -33.73 33.08 20.16
O3 SO4 CB . -35.33 33.45 18.39
O4 SO4 CB . -33.29 32.32 17.92
OH3 1PE DB . -47.73 -6.20 3.49
C13 1PE DB . -47.31 -3.86 3.32
C23 1PE DB . -46.79 -5.27 2.95
OH4 1PE DB . -46.62 -3.23 4.38
C14 1PE DB . -46.63 -1.18 5.62
C24 1PE DB . -47.44 -2.49 5.31
OH5 1PE DB . -45.60 -1.54 6.51
C15 1PE DB . -43.21 -1.89 6.36
C25 1PE DB . -44.36 -0.80 6.36
OH6 1PE DB . -42.91 -2.17 7.73
C16 1PE DB . -44.01 -4.33 8.02
C26 1PE DB . -42.65 -3.54 8.03
OH7 1PE DB . -43.95 -5.27 9.07
OH4 1PE EB . -49.27 -8.34 6.52
C14 1PE EB . -50.39 -6.35 6.18
C24 1PE EB . -49.78 -7.56 5.45
OH5 1PE EB . -51.41 -6.90 7.04
C15 1PE EB . -52.56 -5.94 8.97
C25 1PE EB . -51.24 -6.60 8.44
OH6 1PE EB . -53.28 -5.42 7.86
C16 1PE EB . -55.08 -6.76 7.06
C26 1PE EB . -54.65 -5.61 7.96
OH7 1PE EB . -56.37 -6.43 6.63
PA NAP FB . -42.01 8.11 -0.36
O1A NAP FB . -42.92 8.46 -1.48
O2A NAP FB . -42.08 6.66 0.04
O5B NAP FB . -40.45 8.53 -0.73
C5B NAP FB . -40.14 9.90 -0.76
C4B NAP FB . -38.89 9.99 -1.67
O4B NAP FB . -39.10 9.36 -2.80
C3B NAP FB . -38.56 11.45 -2.04
O3B NAP FB . -37.84 12.01 -1.02
C2B NAP FB . -37.77 11.21 -3.33
O2B NAP FB . -36.45 10.56 -3.04
C1B NAP FB . -38.51 10.33 -3.96
N9A NAP FB . -39.62 10.97 -4.60
C8A NAP FB . -40.91 10.95 -4.24
N7A NAP FB . -41.62 11.72 -5.08
C5A NAP FB . -40.75 12.22 -5.97
C6A NAP FB . -40.94 13.05 -7.05
N6A NAP FB . -42.27 13.52 -7.35
N1A NAP FB . -39.91 13.41 -7.79
C2A NAP FB . -38.66 12.97 -7.50
N3A NAP FB . -38.47 12.14 -6.44
C4A NAP FB . -39.52 11.76 -5.68
O3 NAP FB . -42.25 9.12 0.90
PN NAP FB . -43.54 9.19 1.88
O1N NAP FB . -44.79 8.89 1.08
O2N NAP FB . -43.51 10.54 2.55
O5D NAP FB . -43.34 8.08 3.09
C5D NAP FB . -43.92 6.83 2.91
C4D NAP FB . -45.24 6.83 3.74
O4D NAP FB . -45.98 5.83 3.34
C3D NAP FB . -44.92 6.58 5.22
O3D NAP FB . -45.80 7.25 6.01
C2D NAP FB . -45.22 5.09 5.38
O2D NAP FB . -45.43 4.81 6.83
C1D NAP FB . -46.32 5.01 4.68
N1N NAP FB . -46.69 3.69 4.23
C2N NAP FB . -48.00 3.44 4.00
C3N NAP FB . -48.39 2.18 3.55
C7N NAP FB . -49.88 1.94 3.30
O7N NAP FB . -50.26 1.04 2.61
N7N NAP FB . -50.82 2.84 3.90
C4N NAP FB . -47.47 1.21 3.35
C5N NAP FB . -46.15 1.47 3.59
C6N NAP FB . -45.75 2.73 4.03
P2B NAP FB . -35.08 11.34 -2.52
O1X NAP FB . -34.14 10.24 -2.11
O2X NAP FB . -34.54 12.14 -3.68
O3X NAP FB . -35.29 12.24 -1.31
S SO4 GB . -38.40 13.68 6.22
O1 SO4 GB . -37.91 13.25 7.54
O2 SO4 GB . -37.76 14.91 5.73
O3 SO4 GB . -39.85 13.90 6.28
O4 SO4 GB . -38.11 12.64 5.26
S SO4 HB . -35.42 11.61 4.99
O1 SO4 HB . -35.67 12.05 6.36
O2 SO4 HB . -34.04 11.14 4.82
O3 SO4 HB . -35.69 12.71 4.07
O4 SO4 HB . -36.33 10.47 4.79
S SO4 IB . -40.08 -15.27 7.86
O1 SO4 IB . -38.66 -15.27 7.53
O2 SO4 IB . -40.31 -14.51 9.09
O3 SO4 IB . -40.54 -16.64 8.04
O4 SO4 IB . -40.84 -14.68 6.76
S SO4 JB . -27.99 -6.83 -6.99
O1 SO4 JB . -28.53 -5.47 -6.99
O2 SO4 JB . -26.98 -6.93 -5.95
O3 SO4 JB . -29.05 -7.79 -6.74
O4 SO4 JB . -27.40 -7.14 -8.30
S SO4 KB . -78.73 15.72 -17.29
O1 SO4 KB . -79.11 17.01 -16.70
O2 SO4 KB . -78.38 14.77 -16.25
O3 SO4 KB . -79.85 15.18 -18.06
O4 SO4 KB . -77.59 15.96 -18.19
OH2 1PE LB . -85.52 19.42 25.94
C12 1PE LB . -86.43 20.45 26.24
C22 1PE LB . -86.96 20.91 24.87
OH3 1PE LB . -87.89 19.97 24.39
C13 1PE LB . -87.22 18.91 22.35
C23 1PE LB . -88.09 20.03 23.00
OH4 1PE LB . -85.89 19.30 22.03
C14 1PE LB . -84.24 20.84 21.28
C24 1PE LB . -85.76 20.57 21.39
OH5 1PE LB . -83.86 21.31 22.56
C15 1PE LB . -83.82 23.69 22.87
C25 1PE LB . -82.98 22.42 22.55
OH6 1PE LB . -84.30 24.18 21.62
C16 1PE LB . -85.14 26.17 20.40
C26 1PE LB . -84.08 25.57 21.39
OH7 1PE LB . -86.38 25.54 20.65
OH2 1PE MB . -83.74 17.22 -5.37
C12 1PE MB . -82.46 17.78 -5.16
C22 1PE MB . -82.56 18.51 -3.80
OH3 1PE MB . -81.68 17.89 -2.86
C13 1PE MB . -79.53 17.38 -2.03
C23 1PE MB . -80.31 18.21 -3.07
OH4 1PE MB . -78.78 16.31 -2.54
C14 1PE MB . -79.20 14.93 -0.68
C24 1PE MB . -79.22 15.00 -2.20
OH5 1PE MB . -80.14 13.94 -0.35
C15 1PE MB . -82.37 13.16 -0.09
C25 1PE MB . -81.49 14.34 -0.60
OH6 1PE MB . -81.91 11.96 -0.79
C16 1PE MB . -81.78 10.52 -2.76
C26 1PE MB . -82.52 11.70 -2.05
OH7 1PE MB . -81.21 11.03 -3.93
OH2 1PE NB . -77.08 4.77 -3.10
C12 1PE NB . -76.28 5.27 -4.18
C22 1PE NB . -77.27 6.05 -5.08
OH3 1PE NB . -76.57 6.77 -6.06
C13 1PE NB . -77.44 9.00 -5.79
C23 1PE NB . -77.31 7.81 -6.75
OH4 1PE NB . -78.50 9.89 -6.09
PA NAP OB . -74.27 23.68 6.18
O1A NAP OB . -73.72 22.79 7.27
O2A NAP OB . -75.35 22.97 5.40
O5B NAP OB . -74.90 25.03 6.86
C5B NAP OB . -74.12 26.20 6.85
C4B NAP OB . -74.74 27.05 7.98
O4B NAP OB . -75.11 26.24 8.94
C3B NAP OB . -73.72 27.98 8.63
O3B NAP OB . -73.62 29.08 7.86
C2B NAP OB . -74.52 28.25 9.90
O2B NAP OB . -75.77 28.91 9.41
C1B NAP OB . -74.85 27.05 10.32
N9A NAP OB . -73.79 26.38 11.01
C8A NAP OB . -73.13 25.26 10.68
N7A NAP OB . -72.23 25.00 11.64
C5A NAP OB . -72.34 25.97 12.56
C6A NAP OB . -71.66 26.22 13.74
N6A NAP OB . -70.60 25.34 14.20
N1A NAP OB . -71.98 27.27 14.47
C2A NAP OB . -72.95 28.13 14.08
N3A NAP OB . -73.63 27.89 12.92
C4A NAP OB . -73.31 26.82 12.17
O3 NAP OB . -73.15 24.32 5.18
PN NAP OB . -72.35 23.56 3.98
O1N NAP OB . -71.65 22.35 4.56
O2N NAP OB . -71.34 24.52 3.39
O5D NAP OB . -73.45 23.15 2.82
C5D NAP OB . -73.88 21.83 2.70
C4D NAP OB . -73.03 21.07 1.65
O4D NAP OB . -73.37 19.80 1.66
C3D NAP OB . -73.32 21.56 0.22
O3D NAP OB . -72.17 21.49 -0.50
C2D NAP OB . -74.33 20.53 -0.32
O2D NAP OB . -74.33 20.54 -1.81
C1D NAP OB . -73.81 19.43 0.15
N1N NAP OB . -74.71 18.32 0.29
C2N NAP OB . -74.13 17.11 0.32
C3N NAP OB . -74.89 15.97 0.47
C7N NAP OB . -74.14 14.64 0.50
O7N NAP OB . -74.64 13.67 0.95
N7N NAP OB . -72.79 14.61 -0.02
C4N NAP OB . -76.25 16.07 0.58
C5N NAP OB . -76.84 17.30 0.55
C6N NAP OB . -76.06 18.44 0.41
P2B NAP OB . -75.87 30.55 9.54
O1X NAP OB . -74.76 31.27 8.80
O2X NAP OB . -77.17 31.02 8.91
O3X NAP OB . -75.88 30.82 11.03
S SO4 PB . -35.17 -13.48 16.22
O1 SO4 PB . -34.97 -13.71 17.65
O2 SO4 PB . -34.12 -12.59 15.71
O3 SO4 PB . -36.49 -12.90 16.02
O4 SO4 PB . -35.04 -14.73 15.46
S SO4 QB . -75.27 32.43 2.28
O1 SO4 QB . -76.25 33.47 2.60
O2 SO4 QB . -74.12 32.59 3.18
O3 SO4 QB . -75.89 31.12 2.46
O4 SO4 QB . -74.88 32.54 0.86
S SO4 RB . -95.13 25.44 11.49
O1 SO4 RB . -96.24 26.16 12.11
O2 SO4 RB . -93.93 25.56 12.33
O3 SO4 RB . -95.47 24.02 11.40
O4 SO4 RB . -94.87 26.01 10.17
S SO4 SB . -93.45 13.36 -5.91
O1 SO4 SB . -94.29 14.52 -6.24
O2 SO4 SB . -93.19 13.39 -4.47
O3 SO4 SB . -94.11 12.12 -6.28
O4 SO4 SB . -92.16 13.41 -6.62
S SO4 TB . -63.96 21.19 4.22
O1 SO4 TB . -64.24 22.56 3.74
O2 SO4 TB . -63.46 21.19 5.60
O3 SO4 TB . -65.19 20.40 4.21
O4 SO4 TB . -62.95 20.62 3.35
#